data_5QSC
# 
_entry.id   5QSC 
# 
_audit_conform.dict_name       mmcif_pdbx.dic 
_audit_conform.dict_version    5.387 
_audit_conform.dict_location   http://mmcif.pdb.org/dictionaries/ascii/mmcif_pdbx.dic 
# 
loop_
_database_2.database_id 
_database_2.database_code 
_database_2.pdbx_database_accession 
_database_2.pdbx_DOI 
PDB   5QSC         pdb_00005qsc 10.2210/pdb5qsc/pdb 
WWPDB D_1001402345 ?            ?                   
# 
loop_
_pdbx_audit_revision_history.ordinal 
_pdbx_audit_revision_history.data_content_type 
_pdbx_audit_revision_history.major_revision 
_pdbx_audit_revision_history.minor_revision 
_pdbx_audit_revision_history.revision_date 
1 'Structure model' 1 0 2019-08-21 
2 'Structure model' 1 1 2024-03-06 
# 
_pdbx_audit_revision_details.ordinal             1 
_pdbx_audit_revision_details.revision_ordinal    1 
_pdbx_audit_revision_details.data_content_type   'Structure model' 
_pdbx_audit_revision_details.provider            repository 
_pdbx_audit_revision_details.type                'Initial release' 
_pdbx_audit_revision_details.description         ? 
_pdbx_audit_revision_details.details             ? 
# 
loop_
_pdbx_audit_revision_group.ordinal 
_pdbx_audit_revision_group.revision_ordinal 
_pdbx_audit_revision_group.data_content_type 
_pdbx_audit_revision_group.group 
1 2 'Structure model' 'Data collection'     
2 2 'Structure model' 'Database references' 
# 
loop_
_pdbx_audit_revision_category.ordinal 
_pdbx_audit_revision_category.revision_ordinal 
_pdbx_audit_revision_category.data_content_type 
_pdbx_audit_revision_category.category 
1 2 'Structure model' chem_comp_atom 
2 2 'Structure model' chem_comp_bond 
3 2 'Structure model' database_2     
# 
loop_
_pdbx_audit_revision_item.ordinal 
_pdbx_audit_revision_item.revision_ordinal 
_pdbx_audit_revision_item.data_content_type 
_pdbx_audit_revision_item.item 
1 2 'Structure model' '_database_2.pdbx_DOI'                
2 2 'Structure model' '_database_2.pdbx_database_accession' 
# 
_pdbx_database_status.entry_id                        5QSC 
_pdbx_database_status.status_code                     REL 
_pdbx_database_status.status_code_sf                  REL 
_pdbx_database_status.status_code_mr                  ? 
_pdbx_database_status.status_code_cs                  ? 
_pdbx_database_status.recvd_initial_deposition_date   2019-05-25 
_pdbx_database_status.deposit_site                    RCSB 
_pdbx_database_status.process_site                    RCSB 
_pdbx_database_status.SG_entry                        ? 
_pdbx_database_status.pdb_format_compatible           Y 
_pdbx_database_status.methods_development_category    ? 
_pdbx_database_status.status_code_nmr_data            ? 
# 
loop_
_audit_author.name 
_audit_author.pdbx_ordinal 
'Newman, J.A.'        1 
'Gavard, A.E.'        2 
'Sherestha, L.'       3 
'Burgess-Brown, N.A.' 4 
'von Delft, F.'       5 
'Arrowsmith, C.H.'    6 
'Edwards, A.'         7 
'Bountra, C.'         8 
'Gileadi, O.'         9 
# 
_citation.id                        primary 
_citation.title                     'PanDDA analysis group deposition' 
_citation.journal_abbrev            'To Be Published' 
_citation.journal_volume            ? 
_citation.page_first                ? 
_citation.page_last                 ? 
_citation.year                      ? 
_citation.journal_id_ASTM           ? 
_citation.country                   ? 
_citation.journal_id_ISSN           ? 
_citation.journal_id_CSD            0353 
_citation.book_publisher            ? 
_citation.pdbx_database_id_PubMed   ? 
_citation.pdbx_database_id_DOI      ? 
# 
loop_
_citation_author.citation_id 
_citation_author.name 
_citation_author.identifier_ORCID 
_citation_author.ordinal 
primary 'Newman, J.A.'        ? 1 
primary 'Gavard, A.E.'        ? 2 
primary 'Sherestha, L.'       ? 3 
primary 'Burgess-Brown, N.A.' ? 4 
primary 'von Delft, F.'       ? 5 
primary 'Arrowsmith, C.H.'    ? 6 
primary 'Edwards, A.'         ? 7 
primary 'Bountra, C.'         ? 8 
primary 'Gileadi, O.'         ? 9 
# 
loop_
_entity.id 
_entity.type 
_entity.src_method 
_entity.pdbx_description 
_entity.formula_weight 
_entity.pdbx_number_of_molecules 
_entity.pdbx_ec 
_entity.pdbx_mutation 
_entity.pdbx_fragment 
_entity.details 
1 polymer     man 'T-box transcription factor T'                        19655.623 1   ? G177D ? ? 
2 non-polymer syn 'N-[(3-fluorophenyl)methyl]-N-methylsulfuric diamide' 218.249   2   ? ?     ? ? 
3 water       nat water                                                 18.015    213 ? ?     ? ? 
# 
_entity_name_com.entity_id   1 
_entity_name_com.name        'Brachyury protein,Protein T' 
# 
_entity_poly.entity_id                      1 
_entity_poly.type                           'polypeptide(L)' 
_entity_poly.nstd_linkage                   no 
_entity_poly.nstd_monomer                   no 
_entity_poly.pdbx_seq_one_letter_code       
;GELRVGLEESELWLRFKELTNEMIVTKNGRRMFPVLKVNVSGLDPNAMYSFLLDFVAADNHRWKYVNGEWVPGGKPEPQA
PSCVYIHPDSPNFGAHWMKAPVSFSKVKLTNKLNGGGQIMLNSLHKYEPRIHIVRVGDPQRMITSHCFPETQFIAVTAYQ
NEEITALKIKYN
;
_entity_poly.pdbx_seq_one_letter_code_can   
;GELRVGLEESELWLRFKELTNEMIVTKNGRRMFPVLKVNVSGLDPNAMYSFLLDFVAADNHRWKYVNGEWVPGGKPEPQA
PSCVYIHPDSPNFGAHWMKAPVSFSKVKLTNKLNGGGQIMLNSLHKYEPRIHIVRVGDPQRMITSHCFPETQFIAVTAYQ
NEEITALKIKYN
;
_entity_poly.pdbx_strand_id                 A 
_entity_poly.pdbx_target_identifier         ? 
# 
loop_
_pdbx_entity_nonpoly.entity_id 
_pdbx_entity_nonpoly.name 
_pdbx_entity_nonpoly.comp_id 
2 'N-[(3-fluorophenyl)methyl]-N-methylsulfuric diamide' O0P 
3 water                                                 HOH 
# 
loop_
_entity_poly_seq.entity_id 
_entity_poly_seq.num 
_entity_poly_seq.mon_id 
_entity_poly_seq.hetero 
1 1   GLY n 
1 2   GLU n 
1 3   LEU n 
1 4   ARG n 
1 5   VAL n 
1 6   GLY n 
1 7   LEU n 
1 8   GLU n 
1 9   GLU n 
1 10  SER n 
1 11  GLU n 
1 12  LEU n 
1 13  TRP n 
1 14  LEU n 
1 15  ARG n 
1 16  PHE n 
1 17  LYS n 
1 18  GLU n 
1 19  LEU n 
1 20  THR n 
1 21  ASN n 
1 22  GLU n 
1 23  MET n 
1 24  ILE n 
1 25  VAL n 
1 26  THR n 
1 27  LYS n 
1 28  ASN n 
1 29  GLY n 
1 30  ARG n 
1 31  ARG n 
1 32  MET n 
1 33  PHE n 
1 34  PRO n 
1 35  VAL n 
1 36  LEU n 
1 37  LYS n 
1 38  VAL n 
1 39  ASN n 
1 40  VAL n 
1 41  SER n 
1 42  GLY n 
1 43  LEU n 
1 44  ASP n 
1 45  PRO n 
1 46  ASN n 
1 47  ALA n 
1 48  MET n 
1 49  TYR n 
1 50  SER n 
1 51  PHE n 
1 52  LEU n 
1 53  LEU n 
1 54  ASP n 
1 55  PHE n 
1 56  VAL n 
1 57  ALA n 
1 58  ALA n 
1 59  ASP n 
1 60  ASN n 
1 61  HIS n 
1 62  ARG n 
1 63  TRP n 
1 64  LYS n 
1 65  TYR n 
1 66  VAL n 
1 67  ASN n 
1 68  GLY n 
1 69  GLU n 
1 70  TRP n 
1 71  VAL n 
1 72  PRO n 
1 73  GLY n 
1 74  GLY n 
1 75  LYS n 
1 76  PRO n 
1 77  GLU n 
1 78  PRO n 
1 79  GLN n 
1 80  ALA n 
1 81  PRO n 
1 82  SER n 
1 83  CYS n 
1 84  VAL n 
1 85  TYR n 
1 86  ILE n 
1 87  HIS n 
1 88  PRO n 
1 89  ASP n 
1 90  SER n 
1 91  PRO n 
1 92  ASN n 
1 93  PHE n 
1 94  GLY n 
1 95  ALA n 
1 96  HIS n 
1 97  TRP n 
1 98  MET n 
1 99  LYS n 
1 100 ALA n 
1 101 PRO n 
1 102 VAL n 
1 103 SER n 
1 104 PHE n 
1 105 SER n 
1 106 LYS n 
1 107 VAL n 
1 108 LYS n 
1 109 LEU n 
1 110 THR n 
1 111 ASN n 
1 112 LYS n 
1 113 LEU n 
1 114 ASN n 
1 115 GLY n 
1 116 GLY n 
1 117 GLY n 
1 118 GLN n 
1 119 ILE n 
1 120 MET n 
1 121 LEU n 
1 122 ASN n 
1 123 SER n 
1 124 LEU n 
1 125 HIS n 
1 126 LYS n 
1 127 TYR n 
1 128 GLU n 
1 129 PRO n 
1 130 ARG n 
1 131 ILE n 
1 132 HIS n 
1 133 ILE n 
1 134 VAL n 
1 135 ARG n 
1 136 VAL n 
1 137 GLY n 
1 138 ASP n 
1 139 PRO n 
1 140 GLN n 
1 141 ARG n 
1 142 MET n 
1 143 ILE n 
1 144 THR n 
1 145 SER n 
1 146 HIS n 
1 147 CYS n 
1 148 PHE n 
1 149 PRO n 
1 150 GLU n 
1 151 THR n 
1 152 GLN n 
1 153 PHE n 
1 154 ILE n 
1 155 ALA n 
1 156 VAL n 
1 157 THR n 
1 158 ALA n 
1 159 TYR n 
1 160 GLN n 
1 161 ASN n 
1 162 GLU n 
1 163 GLU n 
1 164 ILE n 
1 165 THR n 
1 166 ALA n 
1 167 LEU n 
1 168 LYS n 
1 169 ILE n 
1 170 LYS n 
1 171 TYR n 
1 172 ASN n 
# 
_entity_src_gen.entity_id                          1 
_entity_src_gen.pdbx_src_id                        1 
_entity_src_gen.pdbx_alt_source_flag               sample 
_entity_src_gen.pdbx_seq_type                      'Biological sequence' 
_entity_src_gen.pdbx_beg_seq_num                   1 
_entity_src_gen.pdbx_end_seq_num                   172 
_entity_src_gen.gene_src_common_name               Human 
_entity_src_gen.gene_src_genus                     ? 
_entity_src_gen.pdbx_gene_src_gene                 'TBXT, T' 
_entity_src_gen.gene_src_species                   ? 
_entity_src_gen.gene_src_strain                    ? 
_entity_src_gen.gene_src_tissue                    ? 
_entity_src_gen.gene_src_tissue_fraction           ? 
_entity_src_gen.gene_src_details                   ? 
_entity_src_gen.pdbx_gene_src_fragment             ? 
_entity_src_gen.pdbx_gene_src_scientific_name      'Homo sapiens' 
_entity_src_gen.pdbx_gene_src_ncbi_taxonomy_id     9606 
_entity_src_gen.pdbx_gene_src_variant              ? 
_entity_src_gen.pdbx_gene_src_cell_line            ? 
_entity_src_gen.pdbx_gene_src_atcc                 ? 
_entity_src_gen.pdbx_gene_src_organ                ? 
_entity_src_gen.pdbx_gene_src_organelle            ? 
_entity_src_gen.pdbx_gene_src_cell                 ? 
_entity_src_gen.pdbx_gene_src_cellular_location    ? 
_entity_src_gen.host_org_common_name               ? 
_entity_src_gen.pdbx_host_org_scientific_name      'Escherichia coli' 
_entity_src_gen.pdbx_host_org_ncbi_taxonomy_id     562 
_entity_src_gen.host_org_genus                     ? 
_entity_src_gen.pdbx_host_org_gene                 ? 
_entity_src_gen.pdbx_host_org_organ                ? 
_entity_src_gen.host_org_species                   ? 
_entity_src_gen.pdbx_host_org_tissue               ? 
_entity_src_gen.pdbx_host_org_tissue_fraction      ? 
_entity_src_gen.pdbx_host_org_strain               ? 
_entity_src_gen.pdbx_host_org_variant              ? 
_entity_src_gen.pdbx_host_org_cell_line            ? 
_entity_src_gen.pdbx_host_org_atcc                 ? 
_entity_src_gen.pdbx_host_org_culture_collection   ? 
_entity_src_gen.pdbx_host_org_cell                 ? 
_entity_src_gen.pdbx_host_org_organelle            ? 
_entity_src_gen.pdbx_host_org_cellular_location    ? 
_entity_src_gen.pdbx_host_org_vector_type          ? 
_entity_src_gen.pdbx_host_org_vector               ? 
_entity_src_gen.host_org_details                   ? 
_entity_src_gen.expression_system_id               ? 
_entity_src_gen.plasmid_name                       ? 
_entity_src_gen.plasmid_details                    ? 
_entity_src_gen.pdbx_description                   ? 
# 
loop_
_chem_comp.id 
_chem_comp.type 
_chem_comp.mon_nstd_flag 
_chem_comp.name 
_chem_comp.pdbx_synonyms 
_chem_comp.formula 
_chem_comp.formula_weight 
ALA 'L-peptide linking' y ALANINE                                               ? 'C3 H7 N O2'       89.093  
ARG 'L-peptide linking' y ARGININE                                              ? 'C6 H15 N4 O2 1'   175.209 
ASN 'L-peptide linking' y ASPARAGINE                                            ? 'C4 H8 N2 O3'      132.118 
ASP 'L-peptide linking' y 'ASPARTIC ACID'                                       ? 'C4 H7 N O4'       133.103 
CYS 'L-peptide linking' y CYSTEINE                                              ? 'C3 H7 N O2 S'     121.158 
GLN 'L-peptide linking' y GLUTAMINE                                             ? 'C5 H10 N2 O3'     146.144 
GLU 'L-peptide linking' y 'GLUTAMIC ACID'                                       ? 'C5 H9 N O4'       147.129 
GLY 'peptide linking'   y GLYCINE                                               ? 'C2 H5 N O2'       75.067  
HIS 'L-peptide linking' y HISTIDINE                                             ? 'C6 H10 N3 O2 1'   156.162 
HOH non-polymer         . WATER                                                 ? 'H2 O'             18.015  
ILE 'L-peptide linking' y ISOLEUCINE                                            ? 'C6 H13 N O2'      131.173 
LEU 'L-peptide linking' y LEUCINE                                               ? 'C6 H13 N O2'      131.173 
LYS 'L-peptide linking' y LYSINE                                                ? 'C6 H15 N2 O2 1'   147.195 
MET 'L-peptide linking' y METHIONINE                                            ? 'C5 H11 N O2 S'    149.211 
O0P non-polymer         . 'N-[(3-fluorophenyl)methyl]-N-methylsulfuric diamide' ? 'C8 H11 F N2 O2 S' 218.249 
PHE 'L-peptide linking' y PHENYLALANINE                                         ? 'C9 H11 N O2'      165.189 
PRO 'L-peptide linking' y PROLINE                                               ? 'C5 H9 N O2'       115.130 
SER 'L-peptide linking' y SERINE                                                ? 'C3 H7 N O3'       105.093 
THR 'L-peptide linking' y THREONINE                                             ? 'C4 H9 N O3'       119.119 
TRP 'L-peptide linking' y TRYPTOPHAN                                            ? 'C11 H12 N2 O2'    204.225 
TYR 'L-peptide linking' y TYROSINE                                              ? 'C9 H11 N O3'      181.189 
VAL 'L-peptide linking' y VALINE                                                ? 'C5 H11 N O2'      117.146 
# 
loop_
_pdbx_poly_seq_scheme.asym_id 
_pdbx_poly_seq_scheme.entity_id 
_pdbx_poly_seq_scheme.seq_id 
_pdbx_poly_seq_scheme.mon_id 
_pdbx_poly_seq_scheme.ndb_seq_num 
_pdbx_poly_seq_scheme.pdb_seq_num 
_pdbx_poly_seq_scheme.auth_seq_num 
_pdbx_poly_seq_scheme.pdb_mon_id 
_pdbx_poly_seq_scheme.auth_mon_id 
_pdbx_poly_seq_scheme.pdb_strand_id 
_pdbx_poly_seq_scheme.pdb_ins_code 
_pdbx_poly_seq_scheme.hetero 
A 1 1   GLY 1   40  ?   ?   ?   A . n 
A 1 2   GLU 2   41  41  GLU GLU A . n 
A 1 3   LEU 3   42  42  LEU LEU A . n 
A 1 4   ARG 4   43  43  ARG ARG A . n 
A 1 5   VAL 5   44  44  VAL VAL A . n 
A 1 6   GLY 6   45  45  GLY GLY A . n 
A 1 7   LEU 7   46  46  LEU LEU A . n 
A 1 8   GLU 8   47  47  GLU GLU A . n 
A 1 9   GLU 9   48  48  GLU GLU A . n 
A 1 10  SER 10  49  49  SER SER A . n 
A 1 11  GLU 11  50  50  GLU GLU A . n 
A 1 12  LEU 12  51  51  LEU LEU A . n 
A 1 13  TRP 13  52  52  TRP TRP A . n 
A 1 14  LEU 14  53  53  LEU LEU A . n 
A 1 15  ARG 15  54  54  ARG ARG A . n 
A 1 16  PHE 16  55  55  PHE PHE A . n 
A 1 17  LYS 17  56  56  LYS LYS A . n 
A 1 18  GLU 18  57  57  GLU GLU A . n 
A 1 19  LEU 19  58  58  LEU LEU A . n 
A 1 20  THR 20  59  59  THR THR A . n 
A 1 21  ASN 21  60  60  ASN ASN A . n 
A 1 22  GLU 22  61  61  GLU GLU A . n 
A 1 23  MET 23  62  62  MET MET A . n 
A 1 24  ILE 24  63  63  ILE ILE A . n 
A 1 25  VAL 25  64  64  VAL VAL A . n 
A 1 26  THR 26  65  65  THR THR A . n 
A 1 27  LYS 27  66  66  LYS LYS A . n 
A 1 28  ASN 28  67  67  ASN ASN A . n 
A 1 29  GLY 29  68  68  GLY GLY A . n 
A 1 30  ARG 30  69  69  ARG ARG A . n 
A 1 31  ARG 31  70  70  ARG ARG A . n 
A 1 32  MET 32  71  71  MET MET A . n 
A 1 33  PHE 33  72  72  PHE PHE A . n 
A 1 34  PRO 34  73  73  PRO PRO A . n 
A 1 35  VAL 35  74  74  VAL VAL A . n 
A 1 36  LEU 36  75  75  LEU LEU A . n 
A 1 37  LYS 37  76  76  LYS LYS A . n 
A 1 38  VAL 38  77  77  VAL VAL A . n 
A 1 39  ASN 39  78  78  ASN ASN A . n 
A 1 40  VAL 40  79  79  VAL VAL A . n 
A 1 41  SER 41  80  80  SER SER A . n 
A 1 42  GLY 42  81  81  GLY GLY A . n 
A 1 43  LEU 43  82  82  LEU LEU A . n 
A 1 44  ASP 44  83  83  ASP ASP A . n 
A 1 45  PRO 45  84  84  PRO PRO A . n 
A 1 46  ASN 46  85  85  ASN ASN A . n 
A 1 47  ALA 47  86  86  ALA ALA A . n 
A 1 48  MET 48  87  87  MET MET A . n 
A 1 49  TYR 49  88  88  TYR TYR A . n 
A 1 50  SER 50  89  89  SER SER A . n 
A 1 51  PHE 51  90  90  PHE PHE A . n 
A 1 52  LEU 52  91  91  LEU LEU A . n 
A 1 53  LEU 53  92  92  LEU LEU A . n 
A 1 54  ASP 54  93  93  ASP ASP A . n 
A 1 55  PHE 55  94  94  PHE PHE A . n 
A 1 56  VAL 56  95  95  VAL VAL A . n 
A 1 57  ALA 57  96  96  ALA ALA A . n 
A 1 58  ALA 58  97  97  ALA ALA A . n 
A 1 59  ASP 59  98  98  ASP ASP A . n 
A 1 60  ASN 60  99  99  ASN ASN A . n 
A 1 61  HIS 61  100 100 HIS HIS A . n 
A 1 62  ARG 62  101 101 ARG ARG A . n 
A 1 63  TRP 63  102 102 TRP TRP A . n 
A 1 64  LYS 64  103 103 LYS LYS A . n 
A 1 65  TYR 65  104 104 TYR TYR A . n 
A 1 66  VAL 66  105 105 VAL VAL A . n 
A 1 67  ASN 67  106 106 ASN ASN A . n 
A 1 68  GLY 68  107 107 GLY GLY A . n 
A 1 69  GLU 69  108 108 GLU GLU A . n 
A 1 70  TRP 70  109 109 TRP TRP A . n 
A 1 71  VAL 71  110 110 VAL VAL A . n 
A 1 72  PRO 72  111 111 PRO PRO A . n 
A 1 73  GLY 73  112 112 GLY GLY A . n 
A 1 74  GLY 74  113 113 GLY GLY A . n 
A 1 75  LYS 75  114 114 LYS LYS A . n 
A 1 76  PRO 76  115 115 PRO PRO A . n 
A 1 77  GLU 77  116 116 GLU GLU A . n 
A 1 78  PRO 78  117 117 PRO PRO A . n 
A 1 79  GLN 79  118 118 GLN GLN A . n 
A 1 80  ALA 80  119 119 ALA ALA A . n 
A 1 81  PRO 81  120 120 PRO PRO A . n 
A 1 82  SER 82  121 121 SER SER A . n 
A 1 83  CYS 83  122 122 CYS CYS A . n 
A 1 84  VAL 84  123 123 VAL VAL A . n 
A 1 85  TYR 85  124 124 TYR TYR A . n 
A 1 86  ILE 86  125 125 ILE ILE A . n 
A 1 87  HIS 87  126 126 HIS HIS A . n 
A 1 88  PRO 88  127 127 PRO PRO A . n 
A 1 89  ASP 89  128 128 ASP ASP A . n 
A 1 90  SER 90  129 129 SER SER A . n 
A 1 91  PRO 91  130 130 PRO PRO A . n 
A 1 92  ASN 92  131 131 ASN ASN A . n 
A 1 93  PHE 93  132 132 PHE PHE A . n 
A 1 94  GLY 94  133 133 GLY GLY A . n 
A 1 95  ALA 95  134 134 ALA ALA A . n 
A 1 96  HIS 96  135 135 HIS HIS A . n 
A 1 97  TRP 97  136 136 TRP TRP A . n 
A 1 98  MET 98  137 137 MET MET A . n 
A 1 99  LYS 99  138 138 LYS LYS A . n 
A 1 100 ALA 100 139 139 ALA ALA A . n 
A 1 101 PRO 101 140 140 PRO PRO A . n 
A 1 102 VAL 102 141 141 VAL VAL A . n 
A 1 103 SER 103 142 142 SER SER A . n 
A 1 104 PHE 104 143 143 PHE PHE A . n 
A 1 105 SER 105 144 144 SER SER A . n 
A 1 106 LYS 106 145 145 LYS LYS A . n 
A 1 107 VAL 107 146 146 VAL VAL A . n 
A 1 108 LYS 108 147 147 LYS LYS A . n 
A 1 109 LEU 109 148 148 LEU LEU A . n 
A 1 110 THR 110 149 149 THR THR A . n 
A 1 111 ASN 111 150 150 ASN ASN A . n 
A 1 112 LYS 112 151 151 LYS LYS A . n 
A 1 113 LEU 113 152 152 LEU LEU A . n 
A 1 114 ASN 114 153 153 ASN ASN A . n 
A 1 115 GLY 115 154 154 GLY GLY A . n 
A 1 116 GLY 116 155 155 GLY GLY A . n 
A 1 117 GLY 117 156 156 GLY GLY A . n 
A 1 118 GLN 118 157 157 GLN GLN A . n 
A 1 119 ILE 119 158 158 ILE ILE A . n 
A 1 120 MET 120 159 159 MET MET A . n 
A 1 121 LEU 121 160 160 LEU LEU A . n 
A 1 122 ASN 122 161 161 ASN ASN A . n 
A 1 123 SER 123 162 162 SER SER A . n 
A 1 124 LEU 124 163 163 LEU LEU A . n 
A 1 125 HIS 125 164 164 HIS HIS A . n 
A 1 126 LYS 126 165 165 LYS LYS A . n 
A 1 127 TYR 127 166 166 TYR TYR A . n 
A 1 128 GLU 128 167 167 GLU GLU A . n 
A 1 129 PRO 129 168 168 PRO PRO A . n 
A 1 130 ARG 130 169 169 ARG ARG A . n 
A 1 131 ILE 131 170 170 ILE ILE A . n 
A 1 132 HIS 132 171 171 HIS HIS A . n 
A 1 133 ILE 133 172 172 ILE ILE A . n 
A 1 134 VAL 134 173 173 VAL VAL A . n 
A 1 135 ARG 135 174 174 ARG ARG A . n 
A 1 136 VAL 136 175 175 VAL VAL A . n 
A 1 137 GLY 137 176 176 GLY GLY A . n 
A 1 138 ASP 138 177 177 ASP ASP A . n 
A 1 139 PRO 139 178 178 PRO PRO A . n 
A 1 140 GLN 140 179 179 GLN GLN A . n 
A 1 141 ARG 141 180 180 ARG ARG A . n 
A 1 142 MET 142 181 181 MET MET A . n 
A 1 143 ILE 143 182 182 ILE ILE A . n 
A 1 144 THR 144 183 183 THR THR A . n 
A 1 145 SER 145 184 184 SER SER A . n 
A 1 146 HIS 146 185 185 HIS HIS A . n 
A 1 147 CYS 147 186 186 CYS CYS A . n 
A 1 148 PHE 148 187 187 PHE PHE A . n 
A 1 149 PRO 149 188 188 PRO PRO A . n 
A 1 150 GLU 150 189 189 GLU GLU A . n 
A 1 151 THR 151 190 190 THR THR A . n 
A 1 152 GLN 152 191 191 GLN GLN A . n 
A 1 153 PHE 153 192 192 PHE PHE A . n 
A 1 154 ILE 154 193 193 ILE ILE A . n 
A 1 155 ALA 155 194 194 ALA ALA A . n 
A 1 156 VAL 156 195 195 VAL VAL A . n 
A 1 157 THR 157 196 196 THR THR A . n 
A 1 158 ALA 158 197 197 ALA ALA A . n 
A 1 159 TYR 159 198 198 TYR TYR A . n 
A 1 160 GLN 160 199 199 GLN GLN A . n 
A 1 161 ASN 161 200 200 ASN ASN A . n 
A 1 162 GLU 162 201 201 GLU GLU A . n 
A 1 163 GLU 163 202 202 GLU GLU A . n 
A 1 164 ILE 164 203 203 ILE ILE A . n 
A 1 165 THR 165 204 204 THR THR A . n 
A 1 166 ALA 166 205 205 ALA ALA A . n 
A 1 167 LEU 167 206 206 LEU LEU A . n 
A 1 168 LYS 168 207 207 LYS LYS A . n 
A 1 169 ILE 169 208 208 ILE ILE A . n 
A 1 170 LYS 170 209 209 LYS LYS A . n 
A 1 171 TYR 171 210 210 TYR TYR A . n 
A 1 172 ASN 172 211 211 ASN ASN A . n 
# 
loop_
_pdbx_nonpoly_scheme.asym_id 
_pdbx_nonpoly_scheme.entity_id 
_pdbx_nonpoly_scheme.mon_id 
_pdbx_nonpoly_scheme.ndb_seq_num 
_pdbx_nonpoly_scheme.pdb_seq_num 
_pdbx_nonpoly_scheme.auth_seq_num 
_pdbx_nonpoly_scheme.pdb_mon_id 
_pdbx_nonpoly_scheme.auth_mon_id 
_pdbx_nonpoly_scheme.pdb_strand_id 
_pdbx_nonpoly_scheme.pdb_ins_code 
B 2 O0P 1   301 301 O0P LIG A . 
C 2 O0P 1   302 401 O0P LIG A . 
D 3 HOH 1   401 59  HOH HOH A . 
D 3 HOH 2   402 77  HOH HOH A . 
D 3 HOH 3   403 48  HOH HOH A . 
D 3 HOH 4   404 166 HOH HOH A . 
D 3 HOH 5   405 106 HOH HOH A . 
D 3 HOH 6   406 202 HOH HOH A . 
D 3 HOH 7   407 103 HOH HOH A . 
D 3 HOH 8   408 231 HOH HOH A . 
D 3 HOH 9   409 113 HOH HOH A . 
D 3 HOH 10  410 105 HOH HOH A . 
D 3 HOH 11  411 104 HOH HOH A . 
D 3 HOH 12  412 150 HOH HOH A . 
D 3 HOH 13  413 78  HOH HOH A . 
D 3 HOH 14  414 152 HOH HOH A . 
D 3 HOH 15  415 167 HOH HOH A . 
D 3 HOH 16  416 165 HOH HOH A . 
D 3 HOH 17  417 81  HOH HOH A . 
D 3 HOH 18  418 111 HOH HOH A . 
D 3 HOH 19  419 34  HOH HOH A . 
D 3 HOH 20  420 31  HOH HOH A . 
D 3 HOH 21  421 133 HOH HOH A . 
D 3 HOH 22  422 125 HOH HOH A . 
D 3 HOH 23  423 100 HOH HOH A . 
D 3 HOH 24  424 95  HOH HOH A . 
D 3 HOH 25  425 198 HOH HOH A . 
D 3 HOH 26  426 183 HOH HOH A . 
D 3 HOH 27  427 69  HOH HOH A . 
D 3 HOH 28  428 47  HOH HOH A . 
D 3 HOH 29  429 44  HOH HOH A . 
D 3 HOH 30  430 27  HOH HOH A . 
D 3 HOH 31  431 195 HOH HOH A . 
D 3 HOH 32  432 57  HOH HOH A . 
D 3 HOH 33  433 176 HOH HOH A . 
D 3 HOH 34  434 42  HOH HOH A . 
D 3 HOH 35  435 162 HOH HOH A . 
D 3 HOH 36  436 232 HOH HOH A . 
D 3 HOH 37  437 40  HOH HOH A . 
D 3 HOH 38  438 12  HOH HOH A . 
D 3 HOH 39  439 89  HOH HOH A . 
D 3 HOH 40  440 187 HOH HOH A . 
D 3 HOH 41  441 122 HOH HOH A . 
D 3 HOH 42  442 108 HOH HOH A . 
D 3 HOH 43  443 14  HOH HOH A . 
D 3 HOH 44  444 88  HOH HOH A . 
D 3 HOH 45  445 72  HOH HOH A . 
D 3 HOH 46  446 68  HOH HOH A . 
D 3 HOH 47  447 158 HOH HOH A . 
D 3 HOH 48  448 90  HOH HOH A . 
D 3 HOH 49  449 76  HOH HOH A . 
D 3 HOH 50  450 149 HOH HOH A . 
D 3 HOH 51  451 26  HOH HOH A . 
D 3 HOH 52  452 8   HOH HOH A . 
D 3 HOH 53  453 207 HOH HOH A . 
D 3 HOH 54  454 23  HOH HOH A . 
D 3 HOH 55  455 64  HOH HOH A . 
D 3 HOH 56  456 118 HOH HOH A . 
D 3 HOH 57  457 17  HOH HOH A . 
D 3 HOH 58  458 182 HOH HOH A . 
D 3 HOH 59  459 61  HOH HOH A . 
D 3 HOH 60  460 32  HOH HOH A . 
D 3 HOH 61  461 141 HOH HOH A . 
D 3 HOH 62  462 67  HOH HOH A . 
D 3 HOH 63  463 4   HOH HOH A . 
D 3 HOH 64  464 45  HOH HOH A . 
D 3 HOH 65  465 94  HOH HOH A . 
D 3 HOH 66  466 209 HOH HOH A . 
D 3 HOH 67  467 5   HOH HOH A . 
D 3 HOH 68  468 107 HOH HOH A . 
D 3 HOH 69  469 22  HOH HOH A . 
D 3 HOH 70  470 171 HOH HOH A . 
D 3 HOH 71  471 87  HOH HOH A . 
D 3 HOH 72  472 50  HOH HOH A . 
D 3 HOH 73  473 96  HOH HOH A . 
D 3 HOH 74  474 188 HOH HOH A . 
D 3 HOH 75  475 185 HOH HOH A . 
D 3 HOH 76  476 154 HOH HOH A . 
D 3 HOH 77  477 157 HOH HOH A . 
D 3 HOH 78  478 101 HOH HOH A . 
D 3 HOH 79  479 62  HOH HOH A . 
D 3 HOH 80  480 190 HOH HOH A . 
D 3 HOH 81  481 124 HOH HOH A . 
D 3 HOH 82  482 9   HOH HOH A . 
D 3 HOH 83  483 221 HOH HOH A . 
D 3 HOH 84  484 51  HOH HOH A . 
D 3 HOH 85  485 228 HOH HOH A . 
D 3 HOH 86  486 83  HOH HOH A . 
D 3 HOH 87  487 3   HOH HOH A . 
D 3 HOH 88  488 225 HOH HOH A . 
D 3 HOH 89  489 15  HOH HOH A . 
D 3 HOH 90  490 174 HOH HOH A . 
D 3 HOH 91  491 159 HOH HOH A . 
D 3 HOH 92  492 30  HOH HOH A . 
D 3 HOH 93  493 184 HOH HOH A . 
D 3 HOH 94  494 119 HOH HOH A . 
D 3 HOH 95  495 35  HOH HOH A . 
D 3 HOH 96  496 6   HOH HOH A . 
D 3 HOH 97  497 191 HOH HOH A . 
D 3 HOH 98  498 70  HOH HOH A . 
D 3 HOH 99  499 1   HOH HOH A . 
D 3 HOH 100 500 33  HOH HOH A . 
D 3 HOH 101 501 164 HOH HOH A . 
D 3 HOH 102 502 36  HOH HOH A . 
D 3 HOH 103 503 93  HOH HOH A . 
D 3 HOH 104 504 86  HOH HOH A . 
D 3 HOH 105 505 25  HOH HOH A . 
D 3 HOH 106 506 60  HOH HOH A . 
D 3 HOH 107 507 161 HOH HOH A . 
D 3 HOH 108 508 208 HOH HOH A . 
D 3 HOH 109 509 16  HOH HOH A . 
D 3 HOH 110 510 41  HOH HOH A . 
D 3 HOH 111 511 20  HOH HOH A . 
D 3 HOH 112 512 175 HOH HOH A . 
D 3 HOH 113 513 37  HOH HOH A . 
D 3 HOH 114 514 38  HOH HOH A . 
D 3 HOH 115 515 196 HOH HOH A . 
D 3 HOH 116 516 43  HOH HOH A . 
D 3 HOH 117 517 13  HOH HOH A . 
D 3 HOH 118 518 199 HOH HOH A . 
D 3 HOH 119 519 223 HOH HOH A . 
D 3 HOH 120 520 39  HOH HOH A . 
D 3 HOH 121 521 227 HOH HOH A . 
D 3 HOH 122 522 180 HOH HOH A . 
D 3 HOH 123 523 11  HOH HOH A . 
D 3 HOH 124 524 138 HOH HOH A . 
D 3 HOH 125 525 56  HOH HOH A . 
D 3 HOH 126 526 194 HOH HOH A . 
D 3 HOH 127 527 151 HOH HOH A . 
D 3 HOH 128 528 66  HOH HOH A . 
D 3 HOH 129 529 169 HOH HOH A . 
D 3 HOH 130 530 58  HOH HOH A . 
D 3 HOH 131 531 24  HOH HOH A . 
D 3 HOH 132 532 117 HOH HOH A . 
D 3 HOH 133 533 163 HOH HOH A . 
D 3 HOH 134 534 54  HOH HOH A . 
D 3 HOH 135 535 82  HOH HOH A . 
D 3 HOH 136 536 7   HOH HOH A . 
D 3 HOH 137 537 92  HOH HOH A . 
D 3 HOH 138 538 114 HOH HOH A . 
D 3 HOH 139 539 28  HOH HOH A . 
D 3 HOH 140 540 181 HOH HOH A . 
D 3 HOH 141 541 178 HOH HOH A . 
D 3 HOH 142 542 85  HOH HOH A . 
D 3 HOH 143 543 127 HOH HOH A . 
D 3 HOH 144 544 2   HOH HOH A . 
D 3 HOH 145 545 234 HOH HOH A . 
D 3 HOH 146 546 173 HOH HOH A . 
D 3 HOH 147 547 99  HOH HOH A . 
D 3 HOH 148 548 205 HOH HOH A . 
D 3 HOH 149 549 170 HOH HOH A . 
D 3 HOH 150 550 216 HOH HOH A . 
D 3 HOH 151 551 160 HOH HOH A . 
D 3 HOH 152 552 179 HOH HOH A . 
D 3 HOH 153 553 172 HOH HOH A . 
D 3 HOH 154 554 121 HOH HOH A . 
D 3 HOH 155 555 189 HOH HOH A . 
D 3 HOH 156 556 143 HOH HOH A . 
D 3 HOH 157 557 135 HOH HOH A . 
D 3 HOH 158 558 29  HOH HOH A . 
D 3 HOH 159 559 224 HOH HOH A . 
D 3 HOH 160 560 156 HOH HOH A . 
D 3 HOH 161 561 136 HOH HOH A . 
D 3 HOH 162 562 213 HOH HOH A . 
D 3 HOH 163 563 131 HOH HOH A . 
D 3 HOH 164 564 84  HOH HOH A . 
D 3 HOH 165 565 204 HOH HOH A . 
D 3 HOH 166 566 74  HOH HOH A . 
D 3 HOH 167 567 186 HOH HOH A . 
D 3 HOH 168 568 139 HOH HOH A . 
D 3 HOH 169 569 197 HOH HOH A . 
D 3 HOH 170 570 168 HOH HOH A . 
D 3 HOH 171 571 215 HOH HOH A . 
D 3 HOH 172 572 200 HOH HOH A . 
D 3 HOH 173 573 98  HOH HOH A . 
D 3 HOH 174 574 19  HOH HOH A . 
D 3 HOH 175 575 144 HOH HOH A . 
D 3 HOH 176 576 75  HOH HOH A . 
D 3 HOH 177 577 137 HOH HOH A . 
D 3 HOH 178 578 129 HOH HOH A . 
D 3 HOH 179 579 116 HOH HOH A . 
D 3 HOH 180 580 80  HOH HOH A . 
D 3 HOH 181 581 102 HOH HOH A . 
D 3 HOH 182 582 219 HOH HOH A . 
D 3 HOH 183 583 222 HOH HOH A . 
D 3 HOH 184 584 193 HOH HOH A . 
D 3 HOH 185 585 126 HOH HOH A . 
D 3 HOH 186 586 65  HOH HOH A . 
D 3 HOH 187 587 206 HOH HOH A . 
D 3 HOH 188 588 55  HOH HOH A . 
D 3 HOH 189 589 21  HOH HOH A . 
D 3 HOH 190 590 203 HOH HOH A . 
D 3 HOH 191 591 210 HOH HOH A . 
D 3 HOH 192 592 115 HOH HOH A . 
D 3 HOH 193 593 217 HOH HOH A . 
D 3 HOH 194 594 79  HOH HOH A . 
D 3 HOH 195 595 132 HOH HOH A . 
D 3 HOH 196 596 91  HOH HOH A . 
D 3 HOH 197 597 130 HOH HOH A . 
D 3 HOH 198 598 142 HOH HOH A . 
D 3 HOH 199 599 110 HOH HOH A . 
D 3 HOH 200 600 230 HOH HOH A . 
D 3 HOH 201 601 71  HOH HOH A . 
D 3 HOH 202 602 112 HOH HOH A . 
D 3 HOH 203 603 73  HOH HOH A . 
D 3 HOH 204 604 63  HOH HOH A . 
D 3 HOH 205 605 153 HOH HOH A . 
D 3 HOH 206 606 49  HOH HOH A . 
D 3 HOH 207 607 128 HOH HOH A . 
D 3 HOH 208 608 148 HOH HOH A . 
D 3 HOH 209 609 211 HOH HOH A . 
D 3 HOH 210 610 147 HOH HOH A . 
D 3 HOH 211 611 134 HOH HOH A . 
D 3 HOH 212 612 145 HOH HOH A . 
D 3 HOH 213 613 146 HOH HOH A . 
# 
loop_
_software.pdbx_ordinal 
_software.name 
_software.version 
_software.date 
_software.type 
_software.contact_author 
_software.contact_author_email 
_software.classification 
_software.location 
_software.language 
_software.citation_id 
1 REFMAC      5.8.0238 ?               program 'Garib N. Murshudov' garib@ysbl.york.ac.uk    refinement        
http://www.ccp4.ac.uk/dist/html/refmac5.html        Fortran_77 ? 
2 Aimless     0.7.3    15/08/18        program 'Phil Evans'         ?                        'data scaling'    
http://www.mrc-lmb.cam.ac.uk/harry/pre/aimless.html ?          ? 
3 PDB_EXTRACT 3.23     'SEP. 23, 2016' package PDB                  deposit@deposit.rcsb.org 'data extraction' 
http://sw-tools.pdb.org/apps/PDB_EXTRACT/           C++        ? 
4 XDS         .        ?               program ?                    ?                        'data reduction'  ? ?          ? 
5 REFMAC      .        ?               program ?                    ?                        phasing           ? ?          ? 
# 
_cell.entry_id           5QSC 
_cell.length_a           99.910 
_cell.length_b           99.910 
_cell.length_c           99.550 
_cell.angle_alpha        90.000 
_cell.angle_beta         90.000 
_cell.angle_gamma        120.000 
_cell.Z_PDB              18 
_cell.pdbx_unique_axis   ? 
# 
_symmetry.entry_id                         5QSC 
_symmetry.Int_Tables_number                155 
_symmetry.space_group_name_H-M             'H 3 2' 
_symmetry.pdbx_full_space_group_name_H-M   ? 
_symmetry.cell_setting                     ? 
# 
_exptl.crystals_number   1 
_exptl.entry_id          5QSC 
_exptl.method            'X-RAY DIFFRACTION' 
# 
_exptl_crystal.id                    1 
_exptl_crystal.pdbx_mosaicity        0.000 
_exptl_crystal.pdbx_mosaicity_esd    ? 
_exptl_crystal.density_Matthews      2.43 
_exptl_crystal.density_diffrn        ? 
_exptl_crystal.density_meas          ? 
_exptl_crystal.density_meas_temp     ? 
_exptl_crystal.density_percent_sol   49.43 
_exptl_crystal.size_max              ? 
_exptl_crystal.size_mid              ? 
_exptl_crystal.size_min              ? 
_exptl_crystal.size_rad              ? 
_exptl_crystal.description           ? 
# 
_exptl_crystal_grow.crystal_id      1 
_exptl_crystal_grow.method          'VAPOR DIFFUSION, SITTING DROP' 
_exptl_crystal_grow.pH              7 
_exptl_crystal_grow.temp            298 
_exptl_crystal_grow.pdbx_details    '0.1 M SPG pH 7.0, 30 % PEG 1000' 
_exptl_crystal_grow.temp_details    ? 
_exptl_crystal_grow.pdbx_pH_range   ? 
# 
_diffrn.id                               1 
_diffrn.ambient_temp                     100 
_diffrn.crystal_id                       1 
_diffrn.ambient_temp_details             ? 
_diffrn.pdbx_serial_crystal_experiment   ? 
# 
_diffrn_detector.detector               PIXEL 
_diffrn_detector.type                   'DECTRIS PILATUS 6M' 
_diffrn_detector.pdbx_collection_date   2018-12-09 
_diffrn_detector.diffrn_id              1 
_diffrn_detector.details                ? 
# 
_diffrn_radiation.diffrn_id                        1 
_diffrn_radiation.wavelength_id                    1 
_diffrn_radiation.pdbx_diffrn_protocol             'SINGLE WAVELENGTH' 
_diffrn_radiation.pdbx_monochromatic_or_laue_m_l   M 
_diffrn_radiation.monochromator                    ? 
_diffrn_radiation.pdbx_scattering_type             x-ray 
# 
_diffrn_radiation_wavelength.id           1 
_diffrn_radiation_wavelength.wavelength   0.91587 
_diffrn_radiation_wavelength.wt           1.0 
# 
_diffrn_source.diffrn_id                   1 
_diffrn_source.source                      SYNCHROTRON 
_diffrn_source.type                        'DIAMOND BEAMLINE I04-1' 
_diffrn_source.pdbx_wavelength_list        0.91587 
_diffrn_source.pdbx_synchrotron_site       Diamond 
_diffrn_source.pdbx_synchrotron_beamline   I04-1 
_diffrn_source.pdbx_wavelength             ? 
# 
_reflns.entry_id                     5QSC 
_reflns.pdbx_diffrn_id               1 
_reflns.pdbx_ordinal                 1 
_reflns.observed_criterion_sigma_I   ? 
_reflns.observed_criterion_sigma_F   ? 
_reflns.d_resolution_low             49.980 
_reflns.d_resolution_high            1.600 
_reflns.number_obs                   25427 
_reflns.number_all                   ? 
_reflns.percent_possible_obs         100.000 
_reflns.pdbx_Rmerge_I_obs            0.105 
_reflns.pdbx_Rsym_value              ? 
_reflns.pdbx_netI_over_sigmaI        8.800 
_reflns.B_iso_Wilson_estimate        ? 
_reflns.pdbx_redundancy              9.000 
_reflns.pdbx_Rrim_I_all              0.111 
_reflns.pdbx_Rpim_I_all              0.036 
_reflns.pdbx_CC_half                 0.998 
_reflns.pdbx_netI_over_av_sigmaI     ? 
_reflns.pdbx_number_measured_all     228899 
_reflns.pdbx_scaling_rejects         296 
_reflns.pdbx_chi_squared             ? 
_reflns.Rmerge_F_all                 ? 
_reflns.Rmerge_F_obs                 ? 
_reflns.observed_criterion_F_max     ? 
_reflns.observed_criterion_F_min     ? 
_reflns.observed_criterion_I_max     ? 
_reflns.observed_criterion_I_min     ? 
_reflns.pdbx_d_res_high_opt          ? 
_reflns.pdbx_d_res_low_opt           ? 
_reflns.details                      ? 
# 
loop_
_reflns_shell.pdbx_diffrn_id 
_reflns_shell.pdbx_ordinal 
_reflns_shell.d_res_high 
_reflns_shell.d_res_low 
_reflns_shell.number_measured_obs 
_reflns_shell.number_measured_all 
_reflns_shell.number_unique_obs 
_reflns_shell.pdbx_rejects 
_reflns_shell.Rmerge_I_obs 
_reflns_shell.meanI_over_sigI_obs 
_reflns_shell.pdbx_Rsym_value 
_reflns_shell.pdbx_chi_squared 
_reflns_shell.pdbx_redundancy 
_reflns_shell.percent_possible_obs 
_reflns_shell.pdbx_netI_over_sigmaI_obs 
_reflns_shell.number_possible 
_reflns_shell.number_unique_all 
_reflns_shell.Rmerge_F_all 
_reflns_shell.Rmerge_F_obs 
_reflns_shell.Rmerge_I_all 
_reflns_shell.meanI_over_sigI_all 
_reflns_shell.percent_possible_all 
_reflns_shell.pdbx_Rrim_I_all 
_reflns_shell.pdbx_Rpim_I_all 
_reflns_shell.pdbx_CC_half 
1 1 1.600 1.640  ? 13653 ? ? 1.743 ? ? ? 7.300 ? 1.100  ? 1867 ? ? ? ? 100.000 1.879 0.695 0.500 
1 2 7.160 49.980 ? 2824  ? ? 0.069 ? ? ? 8.700 ? 21.600 ? 324  ? ? ? ? 99.800  0.074 0.024 0.997 
# 
_refine.entry_id                                 5QSC 
_refine.pdbx_refine_id                           'X-RAY DIFFRACTION' 
_refine.ls_d_res_high                            1.6200 
_refine.ls_d_res_low                             65.3100 
_refine.pdbx_ls_sigma_F                          0.000 
_refine.pdbx_data_cutoff_high_absF               ? 
_refine.pdbx_data_cutoff_low_absF                ? 
_refine.ls_percent_reflns_obs                    99.8900 
_refine.ls_number_reflns_obs                     23204 
_refine.ls_number_reflns_all                     ? 
_refine.pdbx_ls_cross_valid_method               THROUGHOUT 
_refine.ls_matrix_type                           ? 
_refine.pdbx_R_Free_selection_details            RANDOM 
_refine.details                                  
'HYDROGENS HAVE BEEN ADDED IN THE RIDING POSITIONS U VALUES      : REFINED INDIVIDUALLY' 
_refine.ls_R_factor_all                          ? 
_refine.ls_R_factor_obs                          0.1909 
_refine.ls_R_factor_R_work                       0.1889 
_refine.ls_wR_factor_R_work                      ? 
_refine.ls_R_factor_R_free                       0.2299 
_refine.ls_wR_factor_R_free                      ? 
_refine.ls_percent_reflns_R_free                 4.9000 
_refine.ls_number_reflns_R_free                  1191 
_refine.ls_number_reflns_R_work                  ? 
_refine.ls_R_factor_R_free_error                 ? 
_refine.B_iso_mean                               29.9660 
_refine.solvent_model_param_bsol                 ? 
_refine.solvent_model_param_ksol                 ? 
_refine.pdbx_isotropic_thermal_model             ? 
_refine.aniso_B[1][1]                            -0.0200 
_refine.aniso_B[2][2]                            -0.0200 
_refine.aniso_B[3][3]                            0.0500 
_refine.aniso_B[1][2]                            -0.0100 
_refine.aniso_B[1][3]                            0.0000 
_refine.aniso_B[2][3]                            0.0000 
_refine.correlation_coeff_Fo_to_Fc               0.9690 
_refine.correlation_coeff_Fo_to_Fc_free          0.9550 
_refine.overall_SU_R_Cruickshank_DPI             ? 
_refine.pdbx_overall_SU_R_free_Cruickshank_DPI   ? 
_refine.pdbx_overall_SU_R_Blow_DPI               ? 
_refine.pdbx_overall_SU_R_free_Blow_DPI          ? 
_refine.overall_SU_R_free                        ? 
_refine.pdbx_overall_ESU_R                       0.1070 
_refine.pdbx_overall_ESU_R_Free                  0.1080 
_refine.overall_SU_ML                            0.0990 
_refine.overall_SU_B                             3.1220 
_refine.solvent_model_details                    MASK 
_refine.pdbx_solvent_vdw_probe_radii             1.2000 
_refine.pdbx_solvent_ion_probe_radii             0.8000 
_refine.pdbx_solvent_shrinkage_radii             0.8000 
_refine.ls_number_parameters                     ? 
_refine.ls_number_restraints                     ? 
_refine.pdbx_starting_model                      6f58 
_refine.pdbx_method_to_determine_struct          'FOURIER SYNTHESIS' 
_refine.pdbx_stereochemistry_target_values       'MAXIMUM LIKELIHOOD' 
_refine.pdbx_stereochem_target_val_spec_case     ? 
_refine.overall_FOM_work_R_set                   ? 
_refine.B_iso_max                                155.140 
_refine.B_iso_min                                17.410 
_refine.pdbx_overall_phase_error                 ? 
_refine.occupancy_max                            ? 
_refine.occupancy_min                            ? 
_refine.pdbx_diffrn_id                           1 
_refine.pdbx_TLS_residual_ADP_flag               ? 
_refine.pdbx_ls_sigma_I                          ? 
_refine.pdbx_data_cutoff_high_rms_absF           ? 
_refine.ls_R_factor_R_free_error_details         ? 
# 
_refine_hist.cycle_id                         final 
_refine_hist.pdbx_refine_id                   'X-RAY DIFFRACTION' 
_refine_hist.d_res_high                       1.6200 
_refine_hist.d_res_low                        65.3100 
_refine_hist.pdbx_number_atoms_ligand         28 
_refine_hist.number_atoms_solvent             213 
_refine_hist.number_atoms_total               1621 
_refine_hist.pdbx_number_residues_total       171 
_refine_hist.pdbx_B_iso_mean_ligand           58.86 
_refine_hist.pdbx_B_iso_mean_solvent          43.06 
_refine_hist.pdbx_number_atoms_protein        1380 
_refine_hist.pdbx_number_atoms_nucleic_acid   0 
# 
loop_
_refine_ls_restr.pdbx_refine_id 
_refine_ls_restr.type 
_refine_ls_restr.number 
_refine_ls_restr.dev_ideal 
_refine_ls_restr.dev_ideal_target 
_refine_ls_restr.weight 
_refine_ls_restr.pdbx_restraint_function 
'X-RAY DIFFRACTION' r_bond_refined_d       1850 0.016  0.014  ? ? 
'X-RAY DIFFRACTION' r_bond_other_d         1543 0.002  0.017  ? ? 
'X-RAY DIFFRACTION' r_angle_refined_deg    2302 1.561  1.692  ? ? 
'X-RAY DIFFRACTION' r_angle_other_deg      3593 1.350  1.605  ? ? 
'X-RAY DIFFRACTION' r_dihedral_angle_1_deg 206  6.941  5.000  ? ? 
'X-RAY DIFFRACTION' r_dihedral_angle_2_deg 83   27.189 21.446 ? ? 
'X-RAY DIFFRACTION' r_dihedral_angle_3_deg 291  14.813 15.000 ? ? 
'X-RAY DIFFRACTION' r_dihedral_angle_4_deg 11   16.020 15.000 ? ? 
'X-RAY DIFFRACTION' r_chiral_restr         214  0.077  0.200  ? ? 
'X-RAY DIFFRACTION' r_gen_planes_refined   2054 0.009  0.020  ? ? 
'X-RAY DIFFRACTION' r_gen_planes_other     371  0.003  0.020  ? ? 
'X-RAY DIFFRACTION' r_mcbond_it            871  1.997  2.799  ? ? 
'X-RAY DIFFRACTION' r_mcbond_other         865  2.004  2.784  ? ? 
'X-RAY DIFFRACTION' r_mcangle_it           1012 3.117  4.175  ? ? 
# 
_refine_ls_shell.d_res_high                       1.6200 
_refine_ls_shell.d_res_low                        1.6620 
_refine_ls_shell.pdbx_total_number_of_bins_used   20 
_refine_ls_shell.percent_reflns_obs               99.8300 
_refine_ls_shell.number_reflns_R_work             1713 
_refine_ls_shell.R_factor_all                     ? 
_refine_ls_shell.R_factor_R_work                  0.3500 
_refine_ls_shell.R_factor_R_free                  0.3870 
_refine_ls_shell.percent_reflns_R_free            ? 
_refine_ls_shell.number_reflns_R_free             85 
_refine_ls_shell.R_factor_R_free_error            ? 
_refine_ls_shell.number_reflns_all                1798 
_refine_ls_shell.number_reflns_obs                ? 
_refine_ls_shell.pdbx_refine_id                   'X-RAY DIFFRACTION' 
# 
_struct.entry_id                  5QSC 
_struct.title                     
'PanDDA analysis group deposition -- Crystal Structure of human Brachyury G177D variant in complex with Z300245038' 
_struct.pdbx_model_details        ? 
_struct.pdbx_CASP_flag            ? 
_struct.pdbx_model_type_details   ? 
# 
_struct_keywords.entry_id        5QSC 
_struct_keywords.text            'SGC - Diamond I04-1 fragment screening, PanDDA, XChemExplorer, TRANSCRIPTION' 
_struct_keywords.pdbx_keywords   TRANSCRIPTION 
# 
loop_
_struct_asym.id 
_struct_asym.pdbx_blank_PDB_chainid_flag 
_struct_asym.pdbx_modified 
_struct_asym.entity_id 
_struct_asym.details 
A N N 1 ? 
B N N 2 ? 
C N N 2 ? 
D N N 3 ? 
# 
_struct_ref.id                         1 
_struct_ref.db_name                    UNP 
_struct_ref.db_code                    TBXT_HUMAN 
_struct_ref.pdbx_db_accession          O15178 
_struct_ref.pdbx_db_isoform            ? 
_struct_ref.entity_id                  1 
_struct_ref.pdbx_seq_one_letter_code   
;ELRVGLEESELWLRFKELTNEMIVTKNGRRMFPVLKVNVSGLDPNAMYSFLLDFVAADNHRWKYVNGEWVPGGKPEPQAP
SCVYIHPDSPNFGAHWMKAPVSFSKVKLTNKLNGGGQIMLNSLHKYEPRIHIVRVGGPQRMITSHCFPETQFIAVTAYQN
EEITALKIKYN
;
_struct_ref.pdbx_align_begin           41 
# 
_struct_ref_seq.align_id                      1 
_struct_ref_seq.ref_id                        1 
_struct_ref_seq.pdbx_PDB_id_code              5QSC 
_struct_ref_seq.pdbx_strand_id                A 
_struct_ref_seq.seq_align_beg                 2 
_struct_ref_seq.pdbx_seq_align_beg_ins_code   ? 
_struct_ref_seq.seq_align_end                 172 
_struct_ref_seq.pdbx_seq_align_end_ins_code   ? 
_struct_ref_seq.pdbx_db_accession             O15178 
_struct_ref_seq.db_align_beg                  41 
_struct_ref_seq.pdbx_db_align_beg_ins_code    ? 
_struct_ref_seq.db_align_end                  211 
_struct_ref_seq.pdbx_db_align_end_ins_code    ? 
_struct_ref_seq.pdbx_auth_seq_align_beg       41 
_struct_ref_seq.pdbx_auth_seq_align_end       211 
# 
loop_
_struct_ref_seq_dif.align_id 
_struct_ref_seq_dif.pdbx_pdb_id_code 
_struct_ref_seq_dif.mon_id 
_struct_ref_seq_dif.pdbx_pdb_strand_id 
_struct_ref_seq_dif.seq_num 
_struct_ref_seq_dif.pdbx_pdb_ins_code 
_struct_ref_seq_dif.pdbx_seq_db_name 
_struct_ref_seq_dif.pdbx_seq_db_accession_code 
_struct_ref_seq_dif.db_mon_id 
_struct_ref_seq_dif.pdbx_seq_db_seq_num 
_struct_ref_seq_dif.details 
_struct_ref_seq_dif.pdbx_auth_seq_num 
_struct_ref_seq_dif.pdbx_ordinal 
1 5QSC GLY A 1   ? UNP O15178 ?   ?   'expression tag'      40  1 
1 5QSC ASP A 138 ? UNP O15178 GLY 177 'engineered mutation' 177 2 
# 
_pdbx_struct_assembly.id                   1 
_pdbx_struct_assembly.details              author_and_software_defined_assembly 
_pdbx_struct_assembly.method_details       PISA 
_pdbx_struct_assembly.oligomeric_details   monomeric 
_pdbx_struct_assembly.oligomeric_count     1 
# 
_pdbx_struct_assembly_gen.assembly_id       1 
_pdbx_struct_assembly_gen.oper_expression   1 
_pdbx_struct_assembly_gen.asym_id_list      A,B,C,D 
# 
_pdbx_struct_oper_list.id                   1 
_pdbx_struct_oper_list.type                 'identity operation' 
_pdbx_struct_oper_list.name                 1_555 
_pdbx_struct_oper_list.symmetry_operation   x,y,z 
_pdbx_struct_oper_list.matrix[1][1]         1.0000000000 
_pdbx_struct_oper_list.matrix[1][2]         0.0000000000 
_pdbx_struct_oper_list.matrix[1][3]         0.0000000000 
_pdbx_struct_oper_list.vector[1]            0.0000000000 
_pdbx_struct_oper_list.matrix[2][1]         0.0000000000 
_pdbx_struct_oper_list.matrix[2][2]         1.0000000000 
_pdbx_struct_oper_list.matrix[2][3]         0.0000000000 
_pdbx_struct_oper_list.vector[2]            0.0000000000 
_pdbx_struct_oper_list.matrix[3][1]         0.0000000000 
_pdbx_struct_oper_list.matrix[3][2]         0.0000000000 
_pdbx_struct_oper_list.matrix[3][3]         1.0000000000 
_pdbx_struct_oper_list.vector[3]            0.0000000000 
# 
loop_
_struct_conf.conf_type_id 
_struct_conf.id 
_struct_conf.pdbx_PDB_helix_id 
_struct_conf.beg_label_comp_id 
_struct_conf.beg_label_asym_id 
_struct_conf.beg_label_seq_id 
_struct_conf.pdbx_beg_PDB_ins_code 
_struct_conf.end_label_comp_id 
_struct_conf.end_label_asym_id 
_struct_conf.end_label_seq_id 
_struct_conf.pdbx_end_PDB_ins_code 
_struct_conf.beg_auth_comp_id 
_struct_conf.beg_auth_asym_id 
_struct_conf.beg_auth_seq_id 
_struct_conf.end_auth_comp_id 
_struct_conf.end_auth_asym_id 
_struct_conf.end_auth_seq_id 
_struct_conf.pdbx_PDB_helix_class 
_struct_conf.details 
_struct_conf.pdbx_PDB_helix_length 
HELX_P HELX_P1 AA1 GLU A 9   ? GLU A 18  ? GLU A 48  GLU A 57  1 ? 10 
HELX_P HELX_P2 AA2 GLY A 94  ? ALA A 100 ? GLY A 133 ALA A 139 1 ? 7  
HELX_P HELX_P3 AA3 PRO A 149 ? GLN A 152 ? PRO A 188 GLN A 191 5 ? 4  
HELX_P HELX_P4 AA4 ASN A 161 ? ASN A 172 ? ASN A 200 ASN A 211 1 ? 12 
# 
_struct_conf_type.id          HELX_P 
_struct_conf_type.criteria    ? 
_struct_conf_type.reference   ? 
# 
loop_
_struct_mon_prot_cis.pdbx_id 
_struct_mon_prot_cis.label_comp_id 
_struct_mon_prot_cis.label_seq_id 
_struct_mon_prot_cis.label_asym_id 
_struct_mon_prot_cis.label_alt_id 
_struct_mon_prot_cis.pdbx_PDB_ins_code 
_struct_mon_prot_cis.auth_comp_id 
_struct_mon_prot_cis.auth_seq_id 
_struct_mon_prot_cis.auth_asym_id 
_struct_mon_prot_cis.pdbx_label_comp_id_2 
_struct_mon_prot_cis.pdbx_label_seq_id_2 
_struct_mon_prot_cis.pdbx_label_asym_id_2 
_struct_mon_prot_cis.pdbx_PDB_ins_code_2 
_struct_mon_prot_cis.pdbx_auth_comp_id_2 
_struct_mon_prot_cis.pdbx_auth_seq_id_2 
_struct_mon_prot_cis.pdbx_auth_asym_id_2 
_struct_mon_prot_cis.pdbx_PDB_model_num 
_struct_mon_prot_cis.pdbx_omega_angle 
1 PHE 33 A . ? PHE 72  A PRO 34 A ? PRO 73  A 1 -4.30  
2 SER 90 A . ? SER 129 A PRO 91 A ? PRO 130 A 1 -12.71 
# 
loop_
_struct_sheet.id 
_struct_sheet.type 
_struct_sheet.number_strands 
_struct_sheet.details 
AA1 ? 3 ? 
AA2 ? 5 ? 
AA3 ? 4 ? 
AA4 ? 3 ? 
AA5 ? 2 ? 
# 
loop_
_struct_sheet_order.sheet_id 
_struct_sheet_order.range_id_1 
_struct_sheet_order.range_id_2 
_struct_sheet_order.offset 
_struct_sheet_order.sense 
AA1 1 2 ? anti-parallel 
AA1 2 3 ? anti-parallel 
AA2 1 2 ? parallel      
AA2 2 3 ? anti-parallel 
AA2 3 4 ? anti-parallel 
AA2 4 5 ? anti-parallel 
AA3 1 2 ? anti-parallel 
AA3 2 3 ? anti-parallel 
AA3 3 4 ? anti-parallel 
AA4 1 2 ? anti-parallel 
AA4 2 3 ? parallel      
AA5 1 2 ? anti-parallel 
# 
loop_
_struct_sheet_range.sheet_id 
_struct_sheet_range.id 
_struct_sheet_range.beg_label_comp_id 
_struct_sheet_range.beg_label_asym_id 
_struct_sheet_range.beg_label_seq_id 
_struct_sheet_range.pdbx_beg_PDB_ins_code 
_struct_sheet_range.end_label_comp_id 
_struct_sheet_range.end_label_asym_id 
_struct_sheet_range.end_label_seq_id 
_struct_sheet_range.pdbx_end_PDB_ins_code 
_struct_sheet_range.beg_auth_comp_id 
_struct_sheet_range.beg_auth_asym_id 
_struct_sheet_range.beg_auth_seq_id 
_struct_sheet_range.end_auth_comp_id 
_struct_sheet_range.end_auth_asym_id 
_struct_sheet_range.end_auth_seq_id 
AA1 1 ARG A 4   ? LEU A 7   ? ARG A 43  LEU A 46  
AA1 2 LYS A 37  ? SER A 41  ? LYS A 76  SER A 80  
AA1 3 VAL A 102 ? SER A 103 ? VAL A 141 SER A 142 
AA2 1 GLU A 22  ? ILE A 24  ? GLU A 61  ILE A 63  
AA2 2 PHE A 153 ? VAL A 156 ? PHE A 192 VAL A 195 
AA2 3 LYS A 126 ? ARG A 135 ? LYS A 165 ARG A 174 
AA2 4 MET A 48  ? ALA A 57  ? MET A 87  ALA A 96  
AA2 5 ASN A 92  ? PHE A 93  ? ASN A 131 PHE A 132 
AA3 1 TYR A 85  ? ILE A 86  ? TYR A 124 ILE A 125 
AA3 2 MET A 48  ? ALA A 57  ? MET A 87  ALA A 96  
AA3 3 LYS A 126 ? ARG A 135 ? LYS A 165 ARG A 174 
AA3 4 ILE A 143 ? CYS A 147 ? ILE A 182 CYS A 186 
AA4 1 ARG A 30  ? ARG A 31  ? ARG A 69  ARG A 70  
AA4 2 LYS A 108 ? THR A 110 ? LYS A 147 THR A 149 
AA4 3 ILE A 119 ? MET A 120 ? ILE A 158 MET A 159 
AA5 1 ARG A 62  ? VAL A 66  ? ARG A 101 VAL A 105 
AA5 2 GLU A 69  ? GLY A 74  ? GLU A 108 GLY A 113 
# 
loop_
_pdbx_struct_sheet_hbond.sheet_id 
_pdbx_struct_sheet_hbond.range_id_1 
_pdbx_struct_sheet_hbond.range_id_2 
_pdbx_struct_sheet_hbond.range_1_label_atom_id 
_pdbx_struct_sheet_hbond.range_1_label_comp_id 
_pdbx_struct_sheet_hbond.range_1_label_asym_id 
_pdbx_struct_sheet_hbond.range_1_label_seq_id 
_pdbx_struct_sheet_hbond.range_1_PDB_ins_code 
_pdbx_struct_sheet_hbond.range_1_auth_atom_id 
_pdbx_struct_sheet_hbond.range_1_auth_comp_id 
_pdbx_struct_sheet_hbond.range_1_auth_asym_id 
_pdbx_struct_sheet_hbond.range_1_auth_seq_id 
_pdbx_struct_sheet_hbond.range_2_label_atom_id 
_pdbx_struct_sheet_hbond.range_2_label_comp_id 
_pdbx_struct_sheet_hbond.range_2_label_asym_id 
_pdbx_struct_sheet_hbond.range_2_label_seq_id 
_pdbx_struct_sheet_hbond.range_2_PDB_ins_code 
_pdbx_struct_sheet_hbond.range_2_auth_atom_id 
_pdbx_struct_sheet_hbond.range_2_auth_comp_id 
_pdbx_struct_sheet_hbond.range_2_auth_asym_id 
_pdbx_struct_sheet_hbond.range_2_auth_seq_id 
AA1 1 2 N ARG A 4   ? N ARG A 43  O SER A 41  ? O SER A 80  
AA1 2 3 N VAL A 38  ? N VAL A 77  O VAL A 102 ? O VAL A 141 
AA2 1 2 N MET A 23  ? N MET A 62  O VAL A 156 ? O VAL A 195 
AA2 2 3 O PHE A 153 ? O PHE A 192 N TYR A 127 ? N TYR A 166 
AA2 3 4 O VAL A 134 ? O VAL A 173 N SER A 50  ? N SER A 89  
AA2 4 5 N TYR A 49  ? N TYR A 88  O ASN A 92  ? O ASN A 131 
AA3 1 2 O TYR A 85  ? O TYR A 124 N LEU A 53  ? N LEU A 92  
AA3 2 3 N SER A 50  ? N SER A 89  O VAL A 134 ? O VAL A 173 
AA3 3 4 N ILE A 131 ? N ILE A 170 O HIS A 146 ? O HIS A 185 
AA4 1 2 N ARG A 30  ? N ARG A 69  O LEU A 109 ? O LEU A 148 
AA4 2 3 N LYS A 108 ? N LYS A 147 O ILE A 119 ? O ILE A 158 
AA5 1 2 N LYS A 64  ? N LYS A 103 O VAL A 71  ? O VAL A 110 
# 
loop_
_struct_site.id 
_struct_site.pdbx_evidence_code 
_struct_site.pdbx_auth_asym_id 
_struct_site.pdbx_auth_comp_id 
_struct_site.pdbx_auth_seq_id 
_struct_site.pdbx_auth_ins_code 
_struct_site.pdbx_num_residues 
_struct_site.details 
AC1 Software A O0P 301 ? 9  'binding site for residue O0P A 301' 
AC2 Software A O0P 302 ? 10 'binding site for residue O0P A 302' 
# 
loop_
_struct_site_gen.id 
_struct_site_gen.site_id 
_struct_site_gen.pdbx_num_res 
_struct_site_gen.label_comp_id 
_struct_site_gen.label_asym_id 
_struct_site_gen.label_seq_id 
_struct_site_gen.pdbx_auth_ins_code 
_struct_site_gen.auth_comp_id 
_struct_site_gen.auth_asym_id 
_struct_site_gen.auth_seq_id 
_struct_site_gen.label_atom_id 
_struct_site_gen.label_alt_id 
_struct_site_gen.symmetry 
_struct_site_gen.details 
1  AC1 9  GLU A 9   ? GLU A 48  . ? 4_555 ? 
2  AC1 9  GLU A 9   ? GLU A 48  . ? 1_555 ? 
3  AC1 9  GLU A 11  ? GLU A 50  . ? 1_555 ? 
4  AC1 9  ARG A 15  ? ARG A 54  . ? 1_555 ? 
5  AC1 9  PHE A 33  ? PHE A 72  . ? 4_555 ? 
6  AC1 9  TYR A 171 ? TYR A 210 . ? 1_555 ? 
7  AC1 9  TYR A 171 ? TYR A 210 . ? 4_555 ? 
8  AC1 9  HOH D .   ? HOH A 419 . ? 4_555 ? 
9  AC1 9  HOH D .   ? HOH A 419 . ? 1_555 ? 
10 AC2 10 GLU A 2   ? GLU A 41  . ? 1_555 ? 
11 AC2 10 LEU A 3   ? LEU A 42  . ? 1_555 ? 
12 AC2 10 GLY A 42  ? GLY A 81  . ? 6_555 ? 
13 AC2 10 TYR A 49  ? TYR A 88  . ? 6_555 ? 
14 AC2 10 ARG A 135 ? ARG A 174 . ? 6_555 ? 
15 AC2 10 MET A 142 ? MET A 181 . ? 6_555 ? 
16 AC2 10 THR A 144 ? THR A 183 . ? 6_555 ? 
17 AC2 10 HOH D .   ? HOH A 401 . ? 1_555 ? 
18 AC2 10 HOH D .   ? HOH A 403 . ? 1_555 ? 
19 AC2 10 HOH D .   ? HOH A 423 . ? 1_555 ? 
# 
loop_
_pdbx_validate_close_contact.id 
_pdbx_validate_close_contact.PDB_model_num 
_pdbx_validate_close_contact.auth_atom_id_1 
_pdbx_validate_close_contact.auth_asym_id_1 
_pdbx_validate_close_contact.auth_comp_id_1 
_pdbx_validate_close_contact.auth_seq_id_1 
_pdbx_validate_close_contact.PDB_ins_code_1 
_pdbx_validate_close_contact.label_alt_id_1 
_pdbx_validate_close_contact.auth_atom_id_2 
_pdbx_validate_close_contact.auth_asym_id_2 
_pdbx_validate_close_contact.auth_comp_id_2 
_pdbx_validate_close_contact.auth_seq_id_2 
_pdbx_validate_close_contact.PDB_ins_code_2 
_pdbx_validate_close_contact.label_alt_id_2 
_pdbx_validate_close_contact.dist 
1 1 O1 A O0P 302 ? ? O A HOH 401 ? ? 1.99 
2 1 N1 A O0P 302 ? ? O A HOH 401 ? ? 2.02 
# 
_pdbx_validate_rmsd_angle.id                         1 
_pdbx_validate_rmsd_angle.PDB_model_num              1 
_pdbx_validate_rmsd_angle.auth_atom_id_1             CG 
_pdbx_validate_rmsd_angle.auth_asym_id_1             A 
_pdbx_validate_rmsd_angle.auth_comp_id_1             ARG 
_pdbx_validate_rmsd_angle.auth_seq_id_1              180 
_pdbx_validate_rmsd_angle.PDB_ins_code_1             ? 
_pdbx_validate_rmsd_angle.label_alt_id_1             ? 
_pdbx_validate_rmsd_angle.auth_atom_id_2             CD 
_pdbx_validate_rmsd_angle.auth_asym_id_2             A 
_pdbx_validate_rmsd_angle.auth_comp_id_2             ARG 
_pdbx_validate_rmsd_angle.auth_seq_id_2              180 
_pdbx_validate_rmsd_angle.PDB_ins_code_2             ? 
_pdbx_validate_rmsd_angle.label_alt_id_2             ? 
_pdbx_validate_rmsd_angle.auth_atom_id_3             NE 
_pdbx_validate_rmsd_angle.auth_asym_id_3             A 
_pdbx_validate_rmsd_angle.auth_comp_id_3             ARG 
_pdbx_validate_rmsd_angle.auth_seq_id_3              180 
_pdbx_validate_rmsd_angle.PDB_ins_code_3             ? 
_pdbx_validate_rmsd_angle.label_alt_id_3             ? 
_pdbx_validate_rmsd_angle.angle_value                97.88 
_pdbx_validate_rmsd_angle.angle_target_value         111.80 
_pdbx_validate_rmsd_angle.angle_deviation            -13.92 
_pdbx_validate_rmsd_angle.angle_standard_deviation   2.10 
_pdbx_validate_rmsd_angle.linker_flag                N 
# 
loop_
_pdbx_validate_torsion.id 
_pdbx_validate_torsion.PDB_model_num 
_pdbx_validate_torsion.auth_comp_id 
_pdbx_validate_torsion.auth_asym_id 
_pdbx_validate_torsion.auth_seq_id 
_pdbx_validate_torsion.PDB_ins_code 
_pdbx_validate_torsion.label_alt_id 
_pdbx_validate_torsion.phi 
_pdbx_validate_torsion.psi 
1 1 THR A 59  ? ? 79.81  111.39 
2 1 SER A 121 ? ? -56.30 108.02 
3 1 PHE A 143 ? ? -97.08 52.47  
4 1 PHE A 143 ? ? -96.30 52.47  
5 1 LEU A 152 ? ? -64.53 81.71  
# 
_pdbx_validate_main_chain_plane.id                       1 
_pdbx_validate_main_chain_plane.PDB_model_num            1 
_pdbx_validate_main_chain_plane.auth_comp_id             ARG 
_pdbx_validate_main_chain_plane.auth_asym_id             A 
_pdbx_validate_main_chain_plane.auth_seq_id              180 
_pdbx_validate_main_chain_plane.PDB_ins_code             ? 
_pdbx_validate_main_chain_plane.label_alt_id             ? 
_pdbx_validate_main_chain_plane.improper_torsion_angle   -10.16 
# 
loop_
_pdbx_struct_special_symmetry.id 
_pdbx_struct_special_symmetry.PDB_model_num 
_pdbx_struct_special_symmetry.auth_asym_id 
_pdbx_struct_special_symmetry.auth_comp_id 
_pdbx_struct_special_symmetry.auth_seq_id 
_pdbx_struct_special_symmetry.PDB_ins_code 
_pdbx_struct_special_symmetry.label_asym_id 
_pdbx_struct_special_symmetry.label_comp_id 
_pdbx_struct_special_symmetry.label_seq_id 
1 1 A O0P 301 ? B O0P . 
2 1 A O0P 301 ? B O0P . 
3 1 A O0P 301 ? B O0P . 
4 1 A HOH 445 ? D HOH . 
5 1 A HOH 492 ? D HOH . 
6 1 A HOH 548 ? D HOH . 
# 
_phasing.method   MR 
# 
_pdbx_entry_details.entry_id                 5QSC 
_pdbx_entry_details.has_ligand_of_interest   Y 
_pdbx_entry_details.compound_details         ? 
_pdbx_entry_details.source_details           ? 
_pdbx_entry_details.nonpolymer_details       ? 
_pdbx_entry_details.sequence_details         ? 
# 
loop_
_pdbx_distant_solvent_atoms.id 
_pdbx_distant_solvent_atoms.PDB_model_num 
_pdbx_distant_solvent_atoms.auth_atom_id 
_pdbx_distant_solvent_atoms.label_alt_id 
_pdbx_distant_solvent_atoms.auth_asym_id 
_pdbx_distant_solvent_atoms.auth_comp_id 
_pdbx_distant_solvent_atoms.auth_seq_id 
_pdbx_distant_solvent_atoms.PDB_ins_code 
_pdbx_distant_solvent_atoms.neighbor_macromolecule_distance 
_pdbx_distant_solvent_atoms.neighbor_ligand_distance 
1 1 O ? A HOH 612 ? 6.64 . 
2 1 O ? A HOH 613 ? 7.51 . 
# 
_pdbx_unobs_or_zero_occ_residues.id               1 
_pdbx_unobs_or_zero_occ_residues.PDB_model_num    1 
_pdbx_unobs_or_zero_occ_residues.polymer_flag     Y 
_pdbx_unobs_or_zero_occ_residues.occupancy_flag   1 
_pdbx_unobs_or_zero_occ_residues.auth_asym_id     A 
_pdbx_unobs_or_zero_occ_residues.auth_comp_id     GLY 
_pdbx_unobs_or_zero_occ_residues.auth_seq_id      40 
_pdbx_unobs_or_zero_occ_residues.PDB_ins_code     ? 
_pdbx_unobs_or_zero_occ_residues.label_asym_id    A 
_pdbx_unobs_or_zero_occ_residues.label_comp_id    GLY 
_pdbx_unobs_or_zero_occ_residues.label_seq_id     1 
# 
loop_
_chem_comp_atom.comp_id 
_chem_comp_atom.atom_id 
_chem_comp_atom.type_symbol 
_chem_comp_atom.pdbx_aromatic_flag 
_chem_comp_atom.pdbx_stereo_config 
_chem_comp_atom.pdbx_ordinal 
ALA N    N N N 1   
ALA CA   C N S 2   
ALA C    C N N 3   
ALA O    O N N 4   
ALA CB   C N N 5   
ALA OXT  O N N 6   
ALA H    H N N 7   
ALA H2   H N N 8   
ALA HA   H N N 9   
ALA HB1  H N N 10  
ALA HB2  H N N 11  
ALA HB3  H N N 12  
ALA HXT  H N N 13  
ARG N    N N N 14  
ARG CA   C N S 15  
ARG C    C N N 16  
ARG O    O N N 17  
ARG CB   C N N 18  
ARG CG   C N N 19  
ARG CD   C N N 20  
ARG NE   N N N 21  
ARG CZ   C N N 22  
ARG NH1  N N N 23  
ARG NH2  N N N 24  
ARG OXT  O N N 25  
ARG H    H N N 26  
ARG H2   H N N 27  
ARG HA   H N N 28  
ARG HB2  H N N 29  
ARG HB3  H N N 30  
ARG HG2  H N N 31  
ARG HG3  H N N 32  
ARG HD2  H N N 33  
ARG HD3  H N N 34  
ARG HE   H N N 35  
ARG HH11 H N N 36  
ARG HH12 H N N 37  
ARG HH21 H N N 38  
ARG HH22 H N N 39  
ARG HXT  H N N 40  
ASN N    N N N 41  
ASN CA   C N S 42  
ASN C    C N N 43  
ASN O    O N N 44  
ASN CB   C N N 45  
ASN CG   C N N 46  
ASN OD1  O N N 47  
ASN ND2  N N N 48  
ASN OXT  O N N 49  
ASN H    H N N 50  
ASN H2   H N N 51  
ASN HA   H N N 52  
ASN HB2  H N N 53  
ASN HB3  H N N 54  
ASN HD21 H N N 55  
ASN HD22 H N N 56  
ASN HXT  H N N 57  
ASP N    N N N 58  
ASP CA   C N S 59  
ASP C    C N N 60  
ASP O    O N N 61  
ASP CB   C N N 62  
ASP CG   C N N 63  
ASP OD1  O N N 64  
ASP OD2  O N N 65  
ASP OXT  O N N 66  
ASP H    H N N 67  
ASP H2   H N N 68  
ASP HA   H N N 69  
ASP HB2  H N N 70  
ASP HB3  H N N 71  
ASP HD2  H N N 72  
ASP HXT  H N N 73  
CYS N    N N N 74  
CYS CA   C N R 75  
CYS C    C N N 76  
CYS O    O N N 77  
CYS CB   C N N 78  
CYS SG   S N N 79  
CYS OXT  O N N 80  
CYS H    H N N 81  
CYS H2   H N N 82  
CYS HA   H N N 83  
CYS HB2  H N N 84  
CYS HB3  H N N 85  
CYS HG   H N N 86  
CYS HXT  H N N 87  
GLN N    N N N 88  
GLN CA   C N S 89  
GLN C    C N N 90  
GLN O    O N N 91  
GLN CB   C N N 92  
GLN CG   C N N 93  
GLN CD   C N N 94  
GLN OE1  O N N 95  
GLN NE2  N N N 96  
GLN OXT  O N N 97  
GLN H    H N N 98  
GLN H2   H N N 99  
GLN HA   H N N 100 
GLN HB2  H N N 101 
GLN HB3  H N N 102 
GLN HG2  H N N 103 
GLN HG3  H N N 104 
GLN HE21 H N N 105 
GLN HE22 H N N 106 
GLN HXT  H N N 107 
GLU N    N N N 108 
GLU CA   C N S 109 
GLU C    C N N 110 
GLU O    O N N 111 
GLU CB   C N N 112 
GLU CG   C N N 113 
GLU CD   C N N 114 
GLU OE1  O N N 115 
GLU OE2  O N N 116 
GLU OXT  O N N 117 
GLU H    H N N 118 
GLU H2   H N N 119 
GLU HA   H N N 120 
GLU HB2  H N N 121 
GLU HB3  H N N 122 
GLU HG2  H N N 123 
GLU HG3  H N N 124 
GLU HE2  H N N 125 
GLU HXT  H N N 126 
GLY N    N N N 127 
GLY CA   C N N 128 
GLY C    C N N 129 
GLY O    O N N 130 
GLY OXT  O N N 131 
GLY H    H N N 132 
GLY H2   H N N 133 
GLY HA2  H N N 134 
GLY HA3  H N N 135 
GLY HXT  H N N 136 
HIS N    N N N 137 
HIS CA   C N S 138 
HIS C    C N N 139 
HIS O    O N N 140 
HIS CB   C N N 141 
HIS CG   C Y N 142 
HIS ND1  N Y N 143 
HIS CD2  C Y N 144 
HIS CE1  C Y N 145 
HIS NE2  N Y N 146 
HIS OXT  O N N 147 
HIS H    H N N 148 
HIS H2   H N N 149 
HIS HA   H N N 150 
HIS HB2  H N N 151 
HIS HB3  H N N 152 
HIS HD1  H N N 153 
HIS HD2  H N N 154 
HIS HE1  H N N 155 
HIS HE2  H N N 156 
HIS HXT  H N N 157 
HOH O    O N N 158 
HOH H1   H N N 159 
HOH H2   H N N 160 
ILE N    N N N 161 
ILE CA   C N S 162 
ILE C    C N N 163 
ILE O    O N N 164 
ILE CB   C N S 165 
ILE CG1  C N N 166 
ILE CG2  C N N 167 
ILE CD1  C N N 168 
ILE OXT  O N N 169 
ILE H    H N N 170 
ILE H2   H N N 171 
ILE HA   H N N 172 
ILE HB   H N N 173 
ILE HG12 H N N 174 
ILE HG13 H N N 175 
ILE HG21 H N N 176 
ILE HG22 H N N 177 
ILE HG23 H N N 178 
ILE HD11 H N N 179 
ILE HD12 H N N 180 
ILE HD13 H N N 181 
ILE HXT  H N N 182 
LEU N    N N N 183 
LEU CA   C N S 184 
LEU C    C N N 185 
LEU O    O N N 186 
LEU CB   C N N 187 
LEU CG   C N N 188 
LEU CD1  C N N 189 
LEU CD2  C N N 190 
LEU OXT  O N N 191 
LEU H    H N N 192 
LEU H2   H N N 193 
LEU HA   H N N 194 
LEU HB2  H N N 195 
LEU HB3  H N N 196 
LEU HG   H N N 197 
LEU HD11 H N N 198 
LEU HD12 H N N 199 
LEU HD13 H N N 200 
LEU HD21 H N N 201 
LEU HD22 H N N 202 
LEU HD23 H N N 203 
LEU HXT  H N N 204 
LYS N    N N N 205 
LYS CA   C N S 206 
LYS C    C N N 207 
LYS O    O N N 208 
LYS CB   C N N 209 
LYS CG   C N N 210 
LYS CD   C N N 211 
LYS CE   C N N 212 
LYS NZ   N N N 213 
LYS OXT  O N N 214 
LYS H    H N N 215 
LYS H2   H N N 216 
LYS HA   H N N 217 
LYS HB2  H N N 218 
LYS HB3  H N N 219 
LYS HG2  H N N 220 
LYS HG3  H N N 221 
LYS HD2  H N N 222 
LYS HD3  H N N 223 
LYS HE2  H N N 224 
LYS HE3  H N N 225 
LYS HZ1  H N N 226 
LYS HZ2  H N N 227 
LYS HZ3  H N N 228 
LYS HXT  H N N 229 
MET N    N N N 230 
MET CA   C N S 231 
MET C    C N N 232 
MET O    O N N 233 
MET CB   C N N 234 
MET CG   C N N 235 
MET SD   S N N 236 
MET CE   C N N 237 
MET OXT  O N N 238 
MET H    H N N 239 
MET H2   H N N 240 
MET HA   H N N 241 
MET HB2  H N N 242 
MET HB3  H N N 243 
MET HG2  H N N 244 
MET HG3  H N N 245 
MET HE1  H N N 246 
MET HE2  H N N 247 
MET HE3  H N N 248 
MET HXT  H N N 249 
O0P N1   N N N 250 
O0P C4   C Y N 251 
O0P C5   C Y N 252 
O0P C6   C Y N 253 
O0P C7   C Y N 254 
O0P N    N N N 255 
O0P C    C N N 256 
O0P O    O N N 257 
O0P C1   C N N 258 
O0P C2   C Y N 259 
O0P C3   C Y N 260 
O0P F    F N N 261 
O0P O1   O N N 262 
O0P S    S N N 263 
O0P H1   H N N 264 
O0P H2   H N N 265 
O0P H3   H N N 266 
O0P H4   H N N 267 
O0P H5   H N N 268 
O0P H6   H N N 269 
O0P H7   H N N 270 
O0P H8   H N N 271 
O0P H9   H N N 272 
O0P H10  H N N 273 
O0P H11  H N N 274 
PHE N    N N N 275 
PHE CA   C N S 276 
PHE C    C N N 277 
PHE O    O N N 278 
PHE CB   C N N 279 
PHE CG   C Y N 280 
PHE CD1  C Y N 281 
PHE CD2  C Y N 282 
PHE CE1  C Y N 283 
PHE CE2  C Y N 284 
PHE CZ   C Y N 285 
PHE OXT  O N N 286 
PHE H    H N N 287 
PHE H2   H N N 288 
PHE HA   H N N 289 
PHE HB2  H N N 290 
PHE HB3  H N N 291 
PHE HD1  H N N 292 
PHE HD2  H N N 293 
PHE HE1  H N N 294 
PHE HE2  H N N 295 
PHE HZ   H N N 296 
PHE HXT  H N N 297 
PRO N    N N N 298 
PRO CA   C N S 299 
PRO C    C N N 300 
PRO O    O N N 301 
PRO CB   C N N 302 
PRO CG   C N N 303 
PRO CD   C N N 304 
PRO OXT  O N N 305 
PRO H    H N N 306 
PRO HA   H N N 307 
PRO HB2  H N N 308 
PRO HB3  H N N 309 
PRO HG2  H N N 310 
PRO HG3  H N N 311 
PRO HD2  H N N 312 
PRO HD3  H N N 313 
PRO HXT  H N N 314 
SER N    N N N 315 
SER CA   C N S 316 
SER C    C N N 317 
SER O    O N N 318 
SER CB   C N N 319 
SER OG   O N N 320 
SER OXT  O N N 321 
SER H    H N N 322 
SER H2   H N N 323 
SER HA   H N N 324 
SER HB2  H N N 325 
SER HB3  H N N 326 
SER HG   H N N 327 
SER HXT  H N N 328 
THR N    N N N 329 
THR CA   C N S 330 
THR C    C N N 331 
THR O    O N N 332 
THR CB   C N R 333 
THR OG1  O N N 334 
THR CG2  C N N 335 
THR OXT  O N N 336 
THR H    H N N 337 
THR H2   H N N 338 
THR HA   H N N 339 
THR HB   H N N 340 
THR HG1  H N N 341 
THR HG21 H N N 342 
THR HG22 H N N 343 
THR HG23 H N N 344 
THR HXT  H N N 345 
TRP N    N N N 346 
TRP CA   C N S 347 
TRP C    C N N 348 
TRP O    O N N 349 
TRP CB   C N N 350 
TRP CG   C Y N 351 
TRP CD1  C Y N 352 
TRP CD2  C Y N 353 
TRP NE1  N Y N 354 
TRP CE2  C Y N 355 
TRP CE3  C Y N 356 
TRP CZ2  C Y N 357 
TRP CZ3  C Y N 358 
TRP CH2  C Y N 359 
TRP OXT  O N N 360 
TRP H    H N N 361 
TRP H2   H N N 362 
TRP HA   H N N 363 
TRP HB2  H N N 364 
TRP HB3  H N N 365 
TRP HD1  H N N 366 
TRP HE1  H N N 367 
TRP HE3  H N N 368 
TRP HZ2  H N N 369 
TRP HZ3  H N N 370 
TRP HH2  H N N 371 
TRP HXT  H N N 372 
TYR N    N N N 373 
TYR CA   C N S 374 
TYR C    C N N 375 
TYR O    O N N 376 
TYR CB   C N N 377 
TYR CG   C Y N 378 
TYR CD1  C Y N 379 
TYR CD2  C Y N 380 
TYR CE1  C Y N 381 
TYR CE2  C Y N 382 
TYR CZ   C Y N 383 
TYR OH   O N N 384 
TYR OXT  O N N 385 
TYR H    H N N 386 
TYR H2   H N N 387 
TYR HA   H N N 388 
TYR HB2  H N N 389 
TYR HB3  H N N 390 
TYR HD1  H N N 391 
TYR HD2  H N N 392 
TYR HE1  H N N 393 
TYR HE2  H N N 394 
TYR HH   H N N 395 
TYR HXT  H N N 396 
VAL N    N N N 397 
VAL CA   C N S 398 
VAL C    C N N 399 
VAL O    O N N 400 
VAL CB   C N N 401 
VAL CG1  C N N 402 
VAL CG2  C N N 403 
VAL OXT  O N N 404 
VAL H    H N N 405 
VAL H2   H N N 406 
VAL HA   H N N 407 
VAL HB   H N N 408 
VAL HG11 H N N 409 
VAL HG12 H N N 410 
VAL HG13 H N N 411 
VAL HG21 H N N 412 
VAL HG22 H N N 413 
VAL HG23 H N N 414 
VAL HXT  H N N 415 
# 
loop_
_chem_comp_bond.comp_id 
_chem_comp_bond.atom_id_1 
_chem_comp_bond.atom_id_2 
_chem_comp_bond.value_order 
_chem_comp_bond.pdbx_aromatic_flag 
_chem_comp_bond.pdbx_stereo_config 
_chem_comp_bond.pdbx_ordinal 
ALA N   CA   sing N N 1   
ALA N   H    sing N N 2   
ALA N   H2   sing N N 3   
ALA CA  C    sing N N 4   
ALA CA  CB   sing N N 5   
ALA CA  HA   sing N N 6   
ALA C   O    doub N N 7   
ALA C   OXT  sing N N 8   
ALA CB  HB1  sing N N 9   
ALA CB  HB2  sing N N 10  
ALA CB  HB3  sing N N 11  
ALA OXT HXT  sing N N 12  
ARG N   CA   sing N N 13  
ARG N   H    sing N N 14  
ARG N   H2   sing N N 15  
ARG CA  C    sing N N 16  
ARG CA  CB   sing N N 17  
ARG CA  HA   sing N N 18  
ARG C   O    doub N N 19  
ARG C   OXT  sing N N 20  
ARG CB  CG   sing N N 21  
ARG CB  HB2  sing N N 22  
ARG CB  HB3  sing N N 23  
ARG CG  CD   sing N N 24  
ARG CG  HG2  sing N N 25  
ARG CG  HG3  sing N N 26  
ARG CD  NE   sing N N 27  
ARG CD  HD2  sing N N 28  
ARG CD  HD3  sing N N 29  
ARG NE  CZ   sing N N 30  
ARG NE  HE   sing N N 31  
ARG CZ  NH1  sing N N 32  
ARG CZ  NH2  doub N N 33  
ARG NH1 HH11 sing N N 34  
ARG NH1 HH12 sing N N 35  
ARG NH2 HH21 sing N N 36  
ARG NH2 HH22 sing N N 37  
ARG OXT HXT  sing N N 38  
ASN N   CA   sing N N 39  
ASN N   H    sing N N 40  
ASN N   H2   sing N N 41  
ASN CA  C    sing N N 42  
ASN CA  CB   sing N N 43  
ASN CA  HA   sing N N 44  
ASN C   O    doub N N 45  
ASN C   OXT  sing N N 46  
ASN CB  CG   sing N N 47  
ASN CB  HB2  sing N N 48  
ASN CB  HB3  sing N N 49  
ASN CG  OD1  doub N N 50  
ASN CG  ND2  sing N N 51  
ASN ND2 HD21 sing N N 52  
ASN ND2 HD22 sing N N 53  
ASN OXT HXT  sing N N 54  
ASP N   CA   sing N N 55  
ASP N   H    sing N N 56  
ASP N   H2   sing N N 57  
ASP CA  C    sing N N 58  
ASP CA  CB   sing N N 59  
ASP CA  HA   sing N N 60  
ASP C   O    doub N N 61  
ASP C   OXT  sing N N 62  
ASP CB  CG   sing N N 63  
ASP CB  HB2  sing N N 64  
ASP CB  HB3  sing N N 65  
ASP CG  OD1  doub N N 66  
ASP CG  OD2  sing N N 67  
ASP OD2 HD2  sing N N 68  
ASP OXT HXT  sing N N 69  
CYS N   CA   sing N N 70  
CYS N   H    sing N N 71  
CYS N   H2   sing N N 72  
CYS CA  C    sing N N 73  
CYS CA  CB   sing N N 74  
CYS CA  HA   sing N N 75  
CYS C   O    doub N N 76  
CYS C   OXT  sing N N 77  
CYS CB  SG   sing N N 78  
CYS CB  HB2  sing N N 79  
CYS CB  HB3  sing N N 80  
CYS SG  HG   sing N N 81  
CYS OXT HXT  sing N N 82  
GLN N   CA   sing N N 83  
GLN N   H    sing N N 84  
GLN N   H2   sing N N 85  
GLN CA  C    sing N N 86  
GLN CA  CB   sing N N 87  
GLN CA  HA   sing N N 88  
GLN C   O    doub N N 89  
GLN C   OXT  sing N N 90  
GLN CB  CG   sing N N 91  
GLN CB  HB2  sing N N 92  
GLN CB  HB3  sing N N 93  
GLN CG  CD   sing N N 94  
GLN CG  HG2  sing N N 95  
GLN CG  HG3  sing N N 96  
GLN CD  OE1  doub N N 97  
GLN CD  NE2  sing N N 98  
GLN NE2 HE21 sing N N 99  
GLN NE2 HE22 sing N N 100 
GLN OXT HXT  sing N N 101 
GLU N   CA   sing N N 102 
GLU N   H    sing N N 103 
GLU N   H2   sing N N 104 
GLU CA  C    sing N N 105 
GLU CA  CB   sing N N 106 
GLU CA  HA   sing N N 107 
GLU C   O    doub N N 108 
GLU C   OXT  sing N N 109 
GLU CB  CG   sing N N 110 
GLU CB  HB2  sing N N 111 
GLU CB  HB3  sing N N 112 
GLU CG  CD   sing N N 113 
GLU CG  HG2  sing N N 114 
GLU CG  HG3  sing N N 115 
GLU CD  OE1  doub N N 116 
GLU CD  OE2  sing N N 117 
GLU OE2 HE2  sing N N 118 
GLU OXT HXT  sing N N 119 
GLY N   CA   sing N N 120 
GLY N   H    sing N N 121 
GLY N   H2   sing N N 122 
GLY CA  C    sing N N 123 
GLY CA  HA2  sing N N 124 
GLY CA  HA3  sing N N 125 
GLY C   O    doub N N 126 
GLY C   OXT  sing N N 127 
GLY OXT HXT  sing N N 128 
HIS N   CA   sing N N 129 
HIS N   H    sing N N 130 
HIS N   H2   sing N N 131 
HIS CA  C    sing N N 132 
HIS CA  CB   sing N N 133 
HIS CA  HA   sing N N 134 
HIS C   O    doub N N 135 
HIS C   OXT  sing N N 136 
HIS CB  CG   sing N N 137 
HIS CB  HB2  sing N N 138 
HIS CB  HB3  sing N N 139 
HIS CG  ND1  sing Y N 140 
HIS CG  CD2  doub Y N 141 
HIS ND1 CE1  doub Y N 142 
HIS ND1 HD1  sing N N 143 
HIS CD2 NE2  sing Y N 144 
HIS CD2 HD2  sing N N 145 
HIS CE1 NE2  sing Y N 146 
HIS CE1 HE1  sing N N 147 
HIS NE2 HE2  sing N N 148 
HIS OXT HXT  sing N N 149 
HOH O   H1   sing N N 150 
HOH O   H2   sing N N 151 
ILE N   CA   sing N N 152 
ILE N   H    sing N N 153 
ILE N   H2   sing N N 154 
ILE CA  C    sing N N 155 
ILE CA  CB   sing N N 156 
ILE CA  HA   sing N N 157 
ILE C   O    doub N N 158 
ILE C   OXT  sing N N 159 
ILE CB  CG1  sing N N 160 
ILE CB  CG2  sing N N 161 
ILE CB  HB   sing N N 162 
ILE CG1 CD1  sing N N 163 
ILE CG1 HG12 sing N N 164 
ILE CG1 HG13 sing N N 165 
ILE CG2 HG21 sing N N 166 
ILE CG2 HG22 sing N N 167 
ILE CG2 HG23 sing N N 168 
ILE CD1 HD11 sing N N 169 
ILE CD1 HD12 sing N N 170 
ILE CD1 HD13 sing N N 171 
ILE OXT HXT  sing N N 172 
LEU N   CA   sing N N 173 
LEU N   H    sing N N 174 
LEU N   H2   sing N N 175 
LEU CA  C    sing N N 176 
LEU CA  CB   sing N N 177 
LEU CA  HA   sing N N 178 
LEU C   O    doub N N 179 
LEU C   OXT  sing N N 180 
LEU CB  CG   sing N N 181 
LEU CB  HB2  sing N N 182 
LEU CB  HB3  sing N N 183 
LEU CG  CD1  sing N N 184 
LEU CG  CD2  sing N N 185 
LEU CG  HG   sing N N 186 
LEU CD1 HD11 sing N N 187 
LEU CD1 HD12 sing N N 188 
LEU CD1 HD13 sing N N 189 
LEU CD2 HD21 sing N N 190 
LEU CD2 HD22 sing N N 191 
LEU CD2 HD23 sing N N 192 
LEU OXT HXT  sing N N 193 
LYS N   CA   sing N N 194 
LYS N   H    sing N N 195 
LYS N   H2   sing N N 196 
LYS CA  C    sing N N 197 
LYS CA  CB   sing N N 198 
LYS CA  HA   sing N N 199 
LYS C   O    doub N N 200 
LYS C   OXT  sing N N 201 
LYS CB  CG   sing N N 202 
LYS CB  HB2  sing N N 203 
LYS CB  HB3  sing N N 204 
LYS CG  CD   sing N N 205 
LYS CG  HG2  sing N N 206 
LYS CG  HG3  sing N N 207 
LYS CD  CE   sing N N 208 
LYS CD  HD2  sing N N 209 
LYS CD  HD3  sing N N 210 
LYS CE  NZ   sing N N 211 
LYS CE  HE2  sing N N 212 
LYS CE  HE3  sing N N 213 
LYS NZ  HZ1  sing N N 214 
LYS NZ  HZ2  sing N N 215 
LYS NZ  HZ3  sing N N 216 
LYS OXT HXT  sing N N 217 
MET N   CA   sing N N 218 
MET N   H    sing N N 219 
MET N   H2   sing N N 220 
MET CA  C    sing N N 221 
MET CA  CB   sing N N 222 
MET CA  HA   sing N N 223 
MET C   O    doub N N 224 
MET C   OXT  sing N N 225 
MET CB  CG   sing N N 226 
MET CB  HB2  sing N N 227 
MET CB  HB3  sing N N 228 
MET CG  SD   sing N N 229 
MET CG  HG2  sing N N 230 
MET CG  HG3  sing N N 231 
MET SD  CE   sing N N 232 
MET CE  HE1  sing N N 233 
MET CE  HE2  sing N N 234 
MET CE  HE3  sing N N 235 
MET OXT HXT  sing N N 236 
O0P C5  C4   doub Y N 237 
O0P C5  C6   sing Y N 238 
O0P C4  C3   sing Y N 239 
O0P F   C6   sing N N 240 
O0P C6  C7   doub Y N 241 
O0P C3  C2   doub Y N 242 
O0P C7  C2   sing Y N 243 
O0P C2  C1   sing N N 244 
O0P C1  N    sing N N 245 
O0P C   N    sing N N 246 
O0P N   S    sing N N 247 
O0P N1  S    sing N N 248 
O0P S   O    doub N N 249 
O0P S   O1   doub N N 250 
O0P N1  H1   sing N N 251 
O0P N1  H2   sing N N 252 
O0P C4  H3   sing N N 253 
O0P C5  H4   sing N N 254 
O0P C7  H5   sing N N 255 
O0P C   H6   sing N N 256 
O0P C   H7   sing N N 257 
O0P C   H8   sing N N 258 
O0P C1  H9   sing N N 259 
O0P C1  H10  sing N N 260 
O0P C3  H11  sing N N 261 
PHE N   CA   sing N N 262 
PHE N   H    sing N N 263 
PHE N   H2   sing N N 264 
PHE CA  C    sing N N 265 
PHE CA  CB   sing N N 266 
PHE CA  HA   sing N N 267 
PHE C   O    doub N N 268 
PHE C   OXT  sing N N 269 
PHE CB  CG   sing N N 270 
PHE CB  HB2  sing N N 271 
PHE CB  HB3  sing N N 272 
PHE CG  CD1  doub Y N 273 
PHE CG  CD2  sing Y N 274 
PHE CD1 CE1  sing Y N 275 
PHE CD1 HD1  sing N N 276 
PHE CD2 CE2  doub Y N 277 
PHE CD2 HD2  sing N N 278 
PHE CE1 CZ   doub Y N 279 
PHE CE1 HE1  sing N N 280 
PHE CE2 CZ   sing Y N 281 
PHE CE2 HE2  sing N N 282 
PHE CZ  HZ   sing N N 283 
PHE OXT HXT  sing N N 284 
PRO N   CA   sing N N 285 
PRO N   CD   sing N N 286 
PRO N   H    sing N N 287 
PRO CA  C    sing N N 288 
PRO CA  CB   sing N N 289 
PRO CA  HA   sing N N 290 
PRO C   O    doub N N 291 
PRO C   OXT  sing N N 292 
PRO CB  CG   sing N N 293 
PRO CB  HB2  sing N N 294 
PRO CB  HB3  sing N N 295 
PRO CG  CD   sing N N 296 
PRO CG  HG2  sing N N 297 
PRO CG  HG3  sing N N 298 
PRO CD  HD2  sing N N 299 
PRO CD  HD3  sing N N 300 
PRO OXT HXT  sing N N 301 
SER N   CA   sing N N 302 
SER N   H    sing N N 303 
SER N   H2   sing N N 304 
SER CA  C    sing N N 305 
SER CA  CB   sing N N 306 
SER CA  HA   sing N N 307 
SER C   O    doub N N 308 
SER C   OXT  sing N N 309 
SER CB  OG   sing N N 310 
SER CB  HB2  sing N N 311 
SER CB  HB3  sing N N 312 
SER OG  HG   sing N N 313 
SER OXT HXT  sing N N 314 
THR N   CA   sing N N 315 
THR N   H    sing N N 316 
THR N   H2   sing N N 317 
THR CA  C    sing N N 318 
THR CA  CB   sing N N 319 
THR CA  HA   sing N N 320 
THR C   O    doub N N 321 
THR C   OXT  sing N N 322 
THR CB  OG1  sing N N 323 
THR CB  CG2  sing N N 324 
THR CB  HB   sing N N 325 
THR OG1 HG1  sing N N 326 
THR CG2 HG21 sing N N 327 
THR CG2 HG22 sing N N 328 
THR CG2 HG23 sing N N 329 
THR OXT HXT  sing N N 330 
TRP N   CA   sing N N 331 
TRP N   H    sing N N 332 
TRP N   H2   sing N N 333 
TRP CA  C    sing N N 334 
TRP CA  CB   sing N N 335 
TRP CA  HA   sing N N 336 
TRP C   O    doub N N 337 
TRP C   OXT  sing N N 338 
TRP CB  CG   sing N N 339 
TRP CB  HB2  sing N N 340 
TRP CB  HB3  sing N N 341 
TRP CG  CD1  doub Y N 342 
TRP CG  CD2  sing Y N 343 
TRP CD1 NE1  sing Y N 344 
TRP CD1 HD1  sing N N 345 
TRP CD2 CE2  doub Y N 346 
TRP CD2 CE3  sing Y N 347 
TRP NE1 CE2  sing Y N 348 
TRP NE1 HE1  sing N N 349 
TRP CE2 CZ2  sing Y N 350 
TRP CE3 CZ3  doub Y N 351 
TRP CE3 HE3  sing N N 352 
TRP CZ2 CH2  doub Y N 353 
TRP CZ2 HZ2  sing N N 354 
TRP CZ3 CH2  sing Y N 355 
TRP CZ3 HZ3  sing N N 356 
TRP CH2 HH2  sing N N 357 
TRP OXT HXT  sing N N 358 
TYR N   CA   sing N N 359 
TYR N   H    sing N N 360 
TYR N   H2   sing N N 361 
TYR CA  C    sing N N 362 
TYR CA  CB   sing N N 363 
TYR CA  HA   sing N N 364 
TYR C   O    doub N N 365 
TYR C   OXT  sing N N 366 
TYR CB  CG   sing N N 367 
TYR CB  HB2  sing N N 368 
TYR CB  HB3  sing N N 369 
TYR CG  CD1  doub Y N 370 
TYR CG  CD2  sing Y N 371 
TYR CD1 CE1  sing Y N 372 
TYR CD1 HD1  sing N N 373 
TYR CD2 CE2  doub Y N 374 
TYR CD2 HD2  sing N N 375 
TYR CE1 CZ   doub Y N 376 
TYR CE1 HE1  sing N N 377 
TYR CE2 CZ   sing Y N 378 
TYR CE2 HE2  sing N N 379 
TYR CZ  OH   sing N N 380 
TYR OH  HH   sing N N 381 
TYR OXT HXT  sing N N 382 
VAL N   CA   sing N N 383 
VAL N   H    sing N N 384 
VAL N   H2   sing N N 385 
VAL CA  C    sing N N 386 
VAL CA  CB   sing N N 387 
VAL CA  HA   sing N N 388 
VAL C   O    doub N N 389 
VAL C   OXT  sing N N 390 
VAL CB  CG1  sing N N 391 
VAL CB  CG2  sing N N 392 
VAL CB  HB   sing N N 393 
VAL CG1 HG11 sing N N 394 
VAL CG1 HG12 sing N N 395 
VAL CG1 HG13 sing N N 396 
VAL CG2 HG21 sing N N 397 
VAL CG2 HG22 sing N N 398 
VAL CG2 HG23 sing N N 399 
VAL OXT HXT  sing N N 400 
# 
_pdbx_deposit_group.group_id            G_1002081 
_pdbx_deposit_group.group_description   
;Human Brachyury G177D variant screened against the DSI-poised Fragment Library by X-ray Crystallography at the XChem facility of Diamond Light Source beamline I04-1
;
_pdbx_deposit_group.group_title         'PanDDA analysis group deposition' 
_pdbx_deposit_group.group_type          'changed state' 
# 
_pdbx_entity_instance_feature.ordinal        1 
_pdbx_entity_instance_feature.comp_id        O0P 
_pdbx_entity_instance_feature.asym_id        ? 
_pdbx_entity_instance_feature.seq_num        ? 
_pdbx_entity_instance_feature.auth_comp_id   O0P 
_pdbx_entity_instance_feature.auth_asym_id   ? 
_pdbx_entity_instance_feature.auth_seq_num   ? 
_pdbx_entity_instance_feature.feature_type   'SUBJECT OF INVESTIGATION' 
_pdbx_entity_instance_feature.details        ? 
# 
_atom_sites.entry_id                    5QSC 
_atom_sites.fract_transf_matrix[1][1]   0.00719061 
_atom_sites.fract_transf_matrix[1][2]   0.00223406 
_atom_sites.fract_transf_matrix[1][3]   -0.00876818 
_atom_sites.fract_transf_matrix[2][1]   0.00721729 
_atom_sites.fract_transf_matrix[2][2]   -0.00819394 
_atom_sites.fract_transf_matrix[2][3]   -0.00378607 
_atom_sites.fract_transf_matrix[3][1]   -0.00697353 
_atom_sites.fract_transf_matrix[3][2]   -0.00313127 
_atom_sites.fract_transf_matrix[3][3]   -0.00651668 
_atom_sites.fract_transf_vector[1]      -0.176578 
_atom_sites.fract_transf_vector[2]      -0.362129 
_atom_sites.fract_transf_vector[3]      -0.017511 
# 
loop_
_atom_type.symbol 
C 
F 
N 
O 
S 
# 
loop_
_atom_site.group_PDB 
_atom_site.id 
_atom_site.type_symbol 
_atom_site.label_atom_id 
_atom_site.label_alt_id 
_atom_site.label_comp_id 
_atom_site.label_asym_id 
_atom_site.label_entity_id 
_atom_site.label_seq_id 
_atom_site.pdbx_PDB_ins_code 
_atom_site.Cartn_x 
_atom_site.Cartn_y 
_atom_site.Cartn_z 
_atom_site.occupancy 
_atom_site.B_iso_or_equiv 
_atom_site.pdbx_formal_charge 
_atom_site.auth_seq_id 
_atom_site.auth_comp_id 
_atom_site.auth_asym_id 
_atom_site.auth_atom_id 
_atom_site.pdbx_PDB_model_num 
ATOM   1    N N   . GLU A 1 2   ? 12.924  -18.309 -9.791  1.00 42.10  ? 41  GLU A N   1 
ATOM   2    C CA  . GLU A 1 2   ? 12.166  -17.142 -10.283 1.00 39.96  ? 41  GLU A CA  1 
ATOM   3    C C   . GLU A 1 2   ? 11.800  -16.231 -9.099  1.00 35.37  ? 41  GLU A C   1 
ATOM   4    O O   . GLU A 1 2   ? 11.370  -16.775 -8.064  1.00 33.61  ? 41  GLU A O   1 
ATOM   5    C CB  . GLU A 1 2   ? 10.881  -17.621 -10.949 1.00 50.98  ? 41  GLU A CB  1 
ATOM   6    C CG  . GLU A 1 2   ? 10.194  -16.556 -11.774 1.00 58.28  ? 41  GLU A CG  1 
ATOM   7    C CD  . GLU A 1 2   ? 10.187  -16.821 -13.267 1.00 65.41  ? 41  GLU A CD  1 
ATOM   8    O OE1 . GLU A 1 2   ? 9.714   -15.935 -14.001 1.00 59.06  ? 41  GLU A OE1 1 
ATOM   9    O OE2 . GLU A 1 2   ? 10.640  -17.920 -13.687 1.00 73.48  ? 41  GLU A OE2 1 
ATOM   10   N N   . LEU A 1 3   ? 11.919  -14.911 -9.252  1.00 28.69  ? 42  LEU A N   1 
ATOM   11   C CA  . LEU A 1 3   ? 11.432  -13.943 -8.229  1.00 27.66  ? 42  LEU A CA  1 
ATOM   12   C C   . LEU A 1 3   ? 9.922   -14.109 -8.106  1.00 26.99  ? 42  LEU A C   1 
ATOM   13   O O   . LEU A 1 3   ? 9.205   -14.002 -9.113  1.00 30.71  ? 42  LEU A O   1 
ATOM   14   C CB  . LEU A 1 3   ? 11.781  -12.490 -8.570  1.00 27.19  ? 42  LEU A CB  1 
ATOM   15   C CG  . LEU A 1 3   ? 11.203  -11.435 -7.630  1.00 29.68  ? 42  LEU A CG  1 
ATOM   16   C CD1 . LEU A 1 3   ? 11.751  -11.586 -6.213  1.00 31.78  ? 42  LEU A CD1 1 
ATOM   17   C CD2 . LEU A 1 3   ? 11.494  -10.044 -8.158  1.00 31.41  ? 42  LEU A CD2 1 
ATOM   18   N N   . ARG A 1 4   ? 9.466   -14.333 -6.891  1.00 26.53  ? 43  ARG A N   1 
ATOM   19   C CA  . ARG A 1 4   ? 8.025   -14.435 -6.552  1.00 29.85  ? 43  ARG A CA  1 
ATOM   20   C C   . ARG A 1 4   ? 7.802   -13.564 -5.323  1.00 26.55  ? 43  ARG A C   1 
ATOM   21   O O   . ARG A 1 4   ? 8.510   -13.775 -4.316  1.00 25.86  ? 43  ARG A O   1 
ATOM   22   C CB  . ARG A 1 4   ? 7.630   -15.888 -6.263  1.00 34.98  ? 43  ARG A CB  1 
ATOM   23   C CG  . ARG A 1 4   ? 7.633   -16.799 -7.488  1.00 39.94  ? 43  ARG A CG  1 
ATOM   24   C CD  . ARG A 1 4   ? 7.690   -18.286 -7.151  1.00 48.85  ? 43  ARG A CD  1 
ATOM   25   N NE  . ARG A 1 4   ? 6.635   -18.705 -6.231  1.00 55.04  ? 43  ARG A NE  1 
ATOM   26   C CZ  . ARG A 1 4   ? 5.573   -19.443 -6.552  1.00 60.57  ? 43  ARG A CZ  1 
ATOM   27   N NH1 . ARG A 1 4   ? 4.691   -19.750 -5.616  1.00 58.81  ? 43  ARG A NH1 1 
ATOM   28   N NH2 . ARG A 1 4   ? 5.388   -19.875 -7.792  1.00 68.27  ? 43  ARG A NH2 1 
ATOM   29   N N   . VAL A 1 5   ? 6.830   -12.664 -5.399  1.00 26.78  ? 44  VAL A N   1 
ATOM   30   C CA  . VAL A 1 5   ? 6.387   -11.841 -4.252  1.00 23.76  ? 44  VAL A CA  1 
ATOM   31   C C   . VAL A 1 5   ? 4.919   -12.170 -3.994  1.00 27.00  ? 44  VAL A C   1 
ATOM   32   O O   . VAL A 1 5   ? 4.086   -11.853 -4.858  1.00 30.71  ? 44  VAL A O   1 
ATOM   33   C CB  . VAL A 1 5   ? 6.619   -10.351 -4.536  1.00 23.92  ? 44  VAL A CB  1 
ATOM   34   C CG1 . VAL A 1 5   ? 6.168   -9.502  -3.373  1.00 24.60  ? 44  VAL A CG1 1 
ATOM   35   C CG2 . VAL A 1 5   ? 8.075   -10.059 -4.859  1.00 22.48  ? 44  VAL A CG2 1 
ATOM   36   N N   . GLY A 1 6   ? 4.627   -12.798 -2.856  1.00 25.36  ? 45  GLY A N   1 
ATOM   37   C CA  . GLY A 1 6   ? 3.255   -13.248 -2.531  1.00 23.54  ? 45  GLY A CA  1 
ATOM   38   C C   . GLY A 1 6   ? 2.640   -12.417 -1.429  1.00 22.66  ? 45  GLY A C   1 
ATOM   39   O O   . GLY A 1 6   ? 3.303   -12.118 -0.453  1.00 24.25  ? 45  GLY A O   1 
ATOM   40   N N   . LEU A 1 7   ? 1.368   -12.056 -1.574  1.00 23.76  ? 46  LEU A N   1 
ATOM   41   C CA  . LEU A 1 7   ? 0.640   -11.327 -0.514  1.00 22.27  ? 46  LEU A CA  1 
ATOM   42   C C   . LEU A 1 7   ? 0.363   -12.276 0.655   1.00 22.78  ? 46  LEU A C   1 
ATOM   43   O O   . LEU A 1 7   ? -0.158  -13.377 0.405   1.00 23.16  ? 46  LEU A O   1 
ATOM   44   C CB  . LEU A 1 7   ? -0.674  -10.814 -1.081  1.00 22.65  ? 46  LEU A CB  1 
ATOM   45   C CG  . LEU A 1 7   ? -1.536  -10.016 -0.113  1.00 22.26  ? 46  LEU A CG  1 
ATOM   46   C CD1 . LEU A 1 7   ? -0.839  -8.745  0.344   1.00 23.67  ? 46  LEU A CD1 1 
ATOM   47   C CD2 . LEU A 1 7   ? -2.861  -9.695  -0.778  1.00 24.95  ? 46  LEU A CD2 1 
ATOM   48   N N   . GLU A 1 8   ? 0.707   -11.841 1.861   1.00 22.70  ? 47  GLU A N   1 
ATOM   49   C CA  . GLU A 1 8   ? 0.394   -12.538 3.130   1.00 25.37  ? 47  GLU A CA  1 
ATOM   50   C C   . GLU A 1 8   ? -1.012  -12.137 3.586   1.00 25.10  ? 47  GLU A C   1 
ATOM   51   O O   . GLU A 1 8   ? -1.449  -11.018 3.261   1.00 21.52  ? 47  GLU A O   1 
ATOM   52   C CB  . GLU A 1 8   ? 1.413   -12.152 4.186   1.00 25.88  ? 47  GLU A CB  1 
ATOM   53   C CG  . GLU A 1 8   ? 2.768   -12.736 3.905   1.00 27.59  ? 47  GLU A CG  1 
ATOM   54   C CD  . GLU A 1 8   ? 2.949   -14.131 4.476   1.00 29.49  ? 47  GLU A CD  1 
ATOM   55   O OE1 . GLU A 1 8   ? 3.730   -14.895 3.895   1.00 28.47  ? 47  GLU A OE1 1 
ATOM   56   O OE2 . GLU A 1 8   ? 2.269   -14.460 5.478   1.00 31.19  ? 47  GLU A OE2 1 
ATOM   57   N N   . GLU A 1 9   ? -1.713  -13.032 4.279   1.00 25.06  ? 48  GLU A N   1 
ATOM   58   C CA  . GLU A 1 9   ? -3.052  -12.725 4.848   1.00 25.59  ? 48  GLU A CA  1 
ATOM   59   C C   . GLU A 1 9   ? -3.997  -12.300 3.714   1.00 24.12  ? 48  GLU A C   1 
ATOM   60   O O   . GLU A 1 9   ? -4.844  -11.405 3.923   1.00 23.48  ? 48  GLU A O   1 
ATOM   61   C CB  . GLU A 1 9   ? -2.879  -11.665 5.935   1.00 25.69  ? 48  GLU A CB  1 
ATOM   62   C CG  . GLU A 1 9   ? -1.937  -12.096 7.057   1.00 27.45  ? 48  GLU A CG  1 
ATOM   63   C CD  . GLU A 1 9   ? -1.806  -11.167 8.250   1.00 32.93  ? 48  GLU A CD  1 
ATOM   64   O OE1 . GLU A 1 9   ? -2.358  -10.060 8.197   1.00 34.57  ? 48  GLU A OE1 1 
ATOM   65   O OE2 . GLU A 1 9   ? -1.145  -11.543 9.242   1.00 33.73  ? 48  GLU A OE2 1 
ATOM   66   N N   . SER A 1 10  ? -3.886  -12.923 2.544   1.00 23.64  ? 49  SER A N   1 
ATOM   67   C CA  . SER A 1 10  ? -4.714  -12.542 1.381   1.00 24.93  ? 49  SER A CA  1 
ATOM   68   C C   . SER A 1 10  ? -6.200  -12.736 1.731   1.00 26.39  ? 49  SER A C   1 
ATOM   69   O O   . SER A 1 10  ? -7.016  -11.904 1.301   1.00 25.95  ? 49  SER A O   1 
ATOM   70   C CB  . SER A 1 10  ? -4.342  -13.325 0.170   1.00 26.24  ? 49  SER A CB  1 
ATOM   71   O OG  . SER A 1 10  ? -4.487  -14.706 0.433   1.00 30.92  ? 49  SER A OG  1 
ATOM   72   N N   . GLU A 1 11  ? -6.537  -13.814 2.443   1.00 26.62  ? 50  GLU A N   1 
ATOM   73   C CA  . GLU A 1 11  ? -7.950  -14.119 2.828   1.00 28.85  ? 50  GLU A CA  1 
ATOM   74   C C   . GLU A 1 11  ? -8.515  -13.059 3.797   1.00 26.25  ? 50  GLU A C   1 
ATOM   75   O O   . GLU A 1 11  ? -9.744  -13.001 3.906   1.00 30.06  ? 50  GLU A O   1 
ATOM   76   C CB  . GLU A 1 11  ? -8.087  -15.531 3.398   1.00 34.21  ? 50  GLU A CB  1 
ATOM   77   C CG  . GLU A 1 11  ? -9.028  -16.473 2.670   1.00 45.62  ? 50  GLU A CG  1 
ATOM   78   C CD  . GLU A 1 11  ? -8.813  -17.916 3.101   1.00 50.44  ? 50  GLU A CD  1 
ATOM   79   O OE1 . GLU A 1 11  ? -9.381  -18.327 4.068   1.00 50.05  ? 50  GLU A OE1 1 
ATOM   80   O OE2 . GLU A 1 11  ? -8.032  -18.608 2.485   1.00 63.55  ? 50  GLU A OE2 1 
ATOM   81   N N   . LEU A 1 12  ? -7.676  -12.332 4.537   1.00 24.69  ? 51  LEU A N   1 
ATOM   82   C CA  . LEU A 1 12  ? -8.056  -11.167 5.397   1.00 26.07  ? 51  LEU A CA  1 
ATOM   83   C C   . LEU A 1 12  ? -8.286  -9.929  4.521   1.00 26.21  ? 51  LEU A C   1 
ATOM   84   O O   . LEU A 1 12  ? -9.322  -9.224  4.681   1.00 24.55  ? 51  LEU A O   1 
ATOM   85   C CB  . LEU A 1 12  ? -6.984  -10.890 6.445   1.00 27.88  ? 51  LEU A CB  1 
ATOM   86   C CG  . LEU A 1 12  ? -7.198  -9.601  7.238   1.00 30.53  ? 51  LEU A CG  1 
ATOM   87   C CD1 . LEU A 1 12  ? -8.516  -9.647  8.006   1.00 32.64  ? 51  LEU A CD1 1 
ATOM   88   C CD2 . LEU A 1 12  ? -6.029  -9.298  8.152   1.00 30.76  ? 51  LEU A CD2 1 
ATOM   89   N N   . TRP A 1 13  ? -7.345  -9.637  3.622   1.00 25.28  ? 52  TRP A N   1 
ATOM   90   C CA  . TRP A 1 13  ? -7.527  -8.500  2.687   1.00 23.79  ? 52  TRP A CA  1 
ATOM   91   C C   . TRP A 1 13  ? -8.826  -8.692  1.904   1.00 25.27  ? 52  TRP A C   1 
ATOM   92   O O   . TRP A 1 13  ? -9.513  -7.695  1.655   1.00 23.71  ? 52  TRP A O   1 
ATOM   93   C CB  . TRP A 1 13  ? -6.326  -8.382  1.745   1.00 22.06  ? 52  TRP A CB  1 
ATOM   94   C CG  . TRP A 1 13  ? -5.145  -7.707  2.352   1.00 21.70  ? 52  TRP A CG  1 
ATOM   95   C CD1 . TRP A 1 13  ? -3.994  -8.276  2.813   1.00 22.06  ? 52  TRP A CD1 1 
ATOM   96   C CD2 . TRP A 1 13  ? -4.986  -6.298  2.522   1.00 22.41  ? 52  TRP A CD2 1 
ATOM   97   N NE1 . TRP A 1 13  ? -3.146  -7.327  3.301   1.00 23.14  ? 52  TRP A NE1 1 
ATOM   98   C CE2 . TRP A 1 13  ? -3.720  -6.091  3.102   1.00 21.73  ? 52  TRP A CE2 1 
ATOM   99   C CE3 . TRP A 1 13  ? -5.797  -5.191  2.245   1.00 21.81  ? 52  TRP A CE3 1 
ATOM   100  C CZ2 . TRP A 1 13  ? -3.244  -4.821  3.406   1.00 23.41  ? 52  TRP A CZ2 1 
ATOM   101  C CZ3 . TRP A 1 13  ? -5.308  -3.943  2.527   1.00 21.71  ? 52  TRP A CZ3 1 
ATOM   102  C CH2 . TRP A 1 13  ? -4.056  -3.757  3.101   1.00 23.37  ? 52  TRP A CH2 1 
ATOM   103  N N   . LEU A 1 14  ? -9.144  -9.918  1.491   1.00 28.47  ? 53  LEU A N   1 
ATOM   104  C CA  . LEU A 1 14  ? -10.306 -10.152 0.601   1.00 29.15  ? 53  LEU A CA  1 
ATOM   105  C C   . LEU A 1 14  ? -11.639 -9.888  1.346   1.00 27.79  ? 53  LEU A C   1 
ATOM   106  O O   . LEU A 1 14  ? -12.590 -9.445  0.714   1.00 28.27  ? 53  LEU A O   1 
ATOM   107  C CB  . LEU A 1 14  ? -10.202 -11.527 -0.073  1.00 32.86  ? 53  LEU A CB  1 
ATOM   108  C CG  . LEU A 1 14  ? -9.295  -11.578 -1.325  1.00 34.99  ? 53  LEU A CG  1 
ATOM   109  C CD1 . LEU A 1 14  ? -9.746  -10.571 -2.386  1.00 37.43  ? 53  LEU A CD1 1 
ATOM   110  C CD2 . LEU A 1 14  ? -7.819  -11.308 -1.009  1.00 37.71  ? 53  LEU A CD2 1 
ATOM   111  N N   . ARG A 1 15  ? -11.685 -10.108 2.663   0.56 29.30  ? 54  ARG A N   1 
ATOM   112  C CA  . ARG A 1 15  ? -12.895 -9.827  3.486   0.56 29.32  ? 54  ARG A CA  1 
ATOM   113  C C   . ARG A 1 15  ? -13.097 -8.309  3.602   0.56 27.64  ? 54  ARG A C   1 
ATOM   114  O O   . ARG A 1 15  ? -14.255 -7.891  3.711   0.56 28.06  ? 54  ARG A O   1 
ATOM   115  C CB  . ARG A 1 15  ? -12.819 -10.532 4.845   0.56 32.20  ? 54  ARG A CB  1 
ATOM   116  C CG  . ARG A 1 15  ? -13.298 -11.978 4.802   0.56 34.75  ? 54  ARG A CG  1 
ATOM   117  C CD  . ARG A 1 15  ? -13.004 -12.728 6.092   0.56 37.71  ? 54  ARG A CD  1 
ATOM   118  N NE  . ARG A 1 15  ? -12.731 -14.156 5.833   0.56 39.21  ? 54  ARG A NE  1 
ATOM   119  C CZ  . ARG A 1 15  ? -13.578 -15.177 6.021   0.56 40.50  ? 54  ARG A CZ  1 
ATOM   120  N NH1 . ARG A 1 15  ? -14.804 -14.965 6.489   0.56 42.21  ? 54  ARG A NH1 1 
ATOM   121  N NH2 . ARG A 1 15  ? -13.201 -16.442 5.645   0.56 39.87  ? 54  ARG A NH2 1 
ATOM   122  N N   . PHE A 1 16  ? -12.024 -7.513  3.543   1.00 24.76  ? 55  PHE A N   1 
ATOM   123  C CA  . PHE A 1 16  ? -12.127 -6.027  3.470   1.00 23.56  ? 55  PHE A CA  1 
ATOM   124  C C   . PHE A 1 16  ? -12.519 -5.646  2.043   1.00 25.34  ? 55  PHE A C   1 
ATOM   125  O O   . PHE A 1 16  ? -13.429 -4.817  1.868   1.00 24.11  ? 55  PHE A O   1 
ATOM   126  C CB  . PHE A 1 16  ? -10.845 -5.333  3.933   1.00 23.64  ? 55  PHE A CB  1 
ATOM   127  C CG  . PHE A 1 16  ? -10.698 -5.296  5.425   1.00 23.07  ? 55  PHE A CG  1 
ATOM   128  C CD1 . PHE A 1 16  ? -11.230 -4.249  6.162   1.00 24.87  ? 55  PHE A CD1 1 
ATOM   129  C CD2 . PHE A 1 16  ? -10.098 -6.346  6.096   1.00 25.48  ? 55  PHE A CD2 1 
ATOM   130  C CE1 . PHE A 1 16  ? -11.106 -4.233  7.540   1.00 26.09  ? 55  PHE A CE1 1 
ATOM   131  C CE2 . PHE A 1 16  ? -9.982  -6.338  7.484   1.00 25.87  ? 55  PHE A CE2 1 
ATOM   132  C CZ  . PHE A 1 16  ? -10.488 -5.282  8.206   1.00 27.46  ? 55  PHE A CZ  1 
ATOM   133  N N   . LYS A 1 17  ? -11.879 -6.266  1.044   1.00 23.87  ? 56  LYS A N   1 
ATOM   134  C CA  . LYS A 1 17  ? -12.112 -5.863  -0.365  1.00 25.09  ? 56  LYS A CA  1 
ATOM   135  C C   . LYS A 1 17  ? -13.579 -6.119  -0.734  1.00 26.40  ? 56  LYS A C   1 
ATOM   136  O O   . LYS A 1 17  ? -14.134 -5.327  -1.517  1.00 26.54  ? 56  LYS A O   1 
ATOM   137  C CB  . LYS A 1 17  ? -11.200 -6.602  -1.347  1.00 27.68  ? 56  LYS A CB  1 
ATOM   138  C CG  . LYS A 1 17  ? -11.455 -6.216  -2.793  1.00 32.41  ? 56  LYS A CG  1 
ATOM   139  C CD  . LYS A 1 17  ? -10.265 -6.372  -3.716  1.00 34.68  ? 56  LYS A CD  1 
ATOM   140  C CE  . LYS A 1 17  ? -10.603 -5.987  -5.143  1.00 35.37  ? 56  LYS A CE  1 
ATOM   141  N NZ  . LYS A 1 17  ? -9.447  -6.155  -6.054  1.00 35.58  ? 56  LYS A NZ  1 
ATOM   142  N N   . GLU A 1 18  ? -14.198 -7.185  -0.222  1.00 28.33  ? 57  GLU A N   1 
ATOM   143  C CA  . GLU A 1 18  ? -15.593 -7.489  -0.644  1.00 33.54  ? 57  GLU A CA  1 
ATOM   144  C C   . GLU A 1 18  ? -16.546 -6.407  -0.125  1.00 31.09  ? 57  GLU A C   1 
ATOM   145  O O   . GLU A 1 18  ? -17.553 -6.189  -0.784  1.00 34.83  ? 57  GLU A O   1 
ATOM   146  C CB  . GLU A 1 18  ? -16.035 -8.913  -0.322  1.00 40.33  ? 57  GLU A CB  1 
ATOM   147  C CG  . GLU A 1 18  ? -16.038 -9.271  1.130   1.00 47.91  ? 57  GLU A CG  1 
ATOM   148  C CD  . GLU A 1 18  ? -16.645 -10.644 1.365   1.00 56.73  ? 57  GLU A CD  1 
ATOM   149  O OE1 . GLU A 1 18  ? -17.730 -10.900 0.782   1.00 61.74  ? 57  GLU A OE1 1 
ATOM   150  O OE2 . GLU A 1 18  ? -16.024 -11.463 2.098   1.00 56.46  ? 57  GLU A OE2 1 
ATOM   151  N N   . LEU A 1 19  ? -16.217 -5.692  0.941   1.00 29.36  ? 58  LEU A N   1 
ATOM   152  C CA  . LEU A 1 19  ? -17.067 -4.590  1.461   1.00 30.18  ? 58  LEU A CA  1 
ATOM   153  C C   . LEU A 1 19  ? -16.719 -3.275  0.751   1.00 29.54  ? 58  LEU A C   1 
ATOM   154  O O   . LEU A 1 19  ? -17.442 -2.270  0.947   1.00 27.88  ? 58  LEU A O   1 
ATOM   155  C CB  . LEU A 1 19  ? -16.814 -4.404  2.961   1.00 30.02  ? 58  LEU A CB  1 
ATOM   156  C CG  . LEU A 1 19  ? -17.073 -5.595  3.885   1.00 33.79  ? 58  LEU A CG  1 
ATOM   157  C CD1 . LEU A 1 19  ? -16.829 -5.175  5.324   1.00 33.75  ? 58  LEU A CD1 1 
ATOM   158  C CD2 . LEU A 1 19  ? -18.486 -6.129  3.733   1.00 36.81  ? 58  LEU A CD2 1 
ATOM   159  N N   . THR A 1 20  ? -15.593 -3.266  0.035   1.00 26.87  ? 59  THR A N   1 
ATOM   160  C CA  . THR A 1 20  ? -14.855 -2.062  -0.411  1.00 23.97  ? 59  THR A CA  1 
ATOM   161  C C   . THR A 1 20  ? -14.028 -1.548  0.755   1.00 22.78  ? 59  THR A C   1 
ATOM   162  O O   . THR A 1 20  ? -14.580 -1.087  1.748   1.00 21.05  ? 59  THR A O   1 
ATOM   163  C CB  . THR A 1 20  ? -15.730 -0.955  -1.022  1.00 27.81  ? 59  THR A CB  1 
ATOM   164  O OG1 . THR A 1 20  ? -16.443 -1.525  -2.125  1.00 28.26  ? 59  THR A OG1 1 
ATOM   165  C CG2 . THR A 1 20  ? -14.886 0.214   -1.487  1.00 27.87  ? 59  THR A CG2 1 
ATOM   166  N N   . ASN A 1 21  ? -12.706 -1.660  0.648   1.00 22.53  ? 60  ASN A N   1 
ATOM   167  C CA  . ASN A 1 21  ? -11.797 -1.347  1.762   1.00 23.05  ? 60  ASN A CA  1 
ATOM   168  C C   . ASN A 1 21  ? -11.654 0.175   1.829   1.00 23.12  ? 60  ASN A C   1 
ATOM   169  O O   . ASN A 1 21  ? -11.796 0.868   0.779   1.00 22.45  ? 60  ASN A O   1 
ATOM   170  C CB  . ASN A 1 21  ? -10.473 -2.107  1.603   1.00 22.86  ? 60  ASN A CB  1 
ATOM   171  C CG  . ASN A 1 21  ? -9.683  -2.255  2.880   1.00 23.08  ? 60  ASN A CG  1 
ATOM   172  O OD1 . ASN A 1 21  ? -10.072 -1.745  3.923   1.00 22.40  ? 60  ASN A OD1 1 
ATOM   173  N ND2 . ASN A 1 21  ? -8.530  -2.929  2.783   1.00 23.33  ? 60  ASN A ND2 1 
ATOM   174  N N   . GLU A 1 22  ? -11.510 0.684   3.043   1.00 21.18  ? 61  GLU A N   1 
ATOM   175  C CA  . GLU A 1 22  ? -11.301 2.107   3.371   1.00 22.89  ? 61  GLU A CA  1 
ATOM   176  C C   . GLU A 1 22  ? -10.077 2.223   4.276   1.00 24.59  ? 61  GLU A C   1 
ATOM   177  O O   . GLU A 1 22  ? -9.905  1.347   5.159   1.00 24.85  ? 61  GLU A O   1 
ATOM   178  C CB  . GLU A 1 22  ? -12.518 2.709   4.075   1.00 23.36  ? 61  GLU A CB  1 
ATOM   179  C CG  . GLU A 1 22  ? -13.811 2.550   3.317   1.00 21.91  ? 61  GLU A CG  1 
ATOM   180  C CD  . GLU A 1 22  ? -15.028 3.091   4.060   1.00 21.29  ? 61  GLU A CD  1 
ATOM   181  O OE1 . GLU A 1 22  ? -16.117 2.499   3.928   1.00 25.59  ? 61  GLU A OE1 1 
ATOM   182  O OE2 . GLU A 1 22  ? -14.896 4.138   4.720   1.00 24.06  ? 61  GLU A OE2 1 
ATOM   183  N N   . MET A 1 23  ? -9.221  3.223   4.058   1.00 22.72  ? 62  MET A N   1 
ATOM   184  C CA  . MET A 1 23  ? -8.136  3.527   5.006   1.00 23.22  ? 62  MET A CA  1 
ATOM   185  C C   . MET A 1 23  ? -8.308  4.979   5.406   1.00 22.18  ? 62  MET A C   1 
ATOM   186  O O   . MET A 1 23  ? -8.458  5.813   4.513   1.00 23.70  ? 62  MET A O   1 
ATOM   187  C CB  . MET A 1 23  ? -6.734  3.328   4.419   1.00 23.84  ? 62  MET A CB  1 
ATOM   188  C CG  . MET A 1 23  ? -6.494  1.919   3.986   1.00 24.31  ? 62  MET A CG  1 
ATOM   189  S SD  . MET A 1 23  ? -6.058  0.815   5.380   1.00 23.96  ? 62  MET A SD  1 
ATOM   190  C CE  . MET A 1 23  ? -6.066  -0.728  4.478   1.00 22.98  ? 62  MET A CE  1 
ATOM   191  N N   . ILE A 1 24  ? -8.237  5.251   6.697   1.00 24.34  ? 63  ILE A N   1 
ATOM   192  C CA  . ILE A 1 24  ? -8.288  6.639   7.240   1.00 27.01  ? 63  ILE A CA  1 
ATOM   193  C C   . ILE A 1 24  ? -7.007  7.386   6.872   1.00 26.80  ? 63  ILE A C   1 
ATOM   194  O O   . ILE A 1 24  ? -5.917  6.819   7.070   1.00 27.94  ? 63  ILE A O   1 
ATOM   195  C CB  . ILE A 1 24  ? -8.467  6.677   8.765   1.00 31.01  ? 63  ILE A CB  1 
ATOM   196  C CG1 . ILE A 1 24  ? -9.608  5.800   9.284   1.00 37.56  ? 63  ILE A CG1 1 
ATOM   197  C CG2 . ILE A 1 24  ? -8.640  8.122   9.192   1.00 33.39  ? 63  ILE A CG2 1 
ATOM   198  C CD1 . ILE A 1 24  ? -10.944 6.347   8.983   1.00 37.95  ? 63  ILE A CD1 1 
ATOM   199  N N   . VAL A 1 25  ? -7.145  8.640   6.424   1.00 26.10  ? 64  VAL A N   1 
ATOM   200  C CA  . VAL A 1 25  ? -6.028  9.614   6.259   1.00 24.87  ? 64  VAL A CA  1 
ATOM   201  C C   . VAL A 1 25  ? -6.267  10.719  7.290   1.00 30.58  ? 64  VAL A C   1 
ATOM   202  O O   . VAL A 1 25  ? -7.456  11.067  7.559   1.00 30.39  ? 64  VAL A O   1 
ATOM   203  C CB  . VAL A 1 25  ? -5.875  10.152  4.826   1.00 26.53  ? 64  VAL A CB  1 
ATOM   204  C CG1 . VAL A 1 25  ? -5.406  9.054   3.878   1.00 27.39  ? 64  VAL A CG1 1 
ATOM   205  C CG2 . VAL A 1 25  ? -7.141  10.815  4.300   1.00 26.68  ? 64  VAL A CG2 1 
ATOM   206  N N   . THR A 1 26  ? -5.193  11.197  7.896   1.00 31.90  ? 65  THR A N   1 
ATOM   207  C CA  . THR A 1 26  ? -5.255  12.276  8.911   1.00 32.55  ? 65  THR A CA  1 
ATOM   208  C C   . THR A 1 26  ? -4.109  13.249  8.680   1.00 34.56  ? 65  THR A C   1 
ATOM   209  O O   . THR A 1 26  ? -3.133  12.914  7.957   1.00 29.40  ? 65  THR A O   1 
ATOM   210  C CB  . THR A 1 26  ? -5.217  11.743  10.349  1.00 31.63  ? 65  THR A CB  1 
ATOM   211  O OG1 . THR A 1 26  ? -3.950  11.115  10.558  1.00 32.73  ? 65  THR A OG1 1 
ATOM   212  C CG2 . THR A 1 26  ? -6.359  10.812  10.684  1.00 34.39  ? 65  THR A CG2 1 
ATOM   213  N N   . LYS A 1 27  ? -4.228  14.425  9.289   1.00 35.43  ? 66  LYS A N   1 
ATOM   214  C CA  . LYS A 1 27  ? -3.190  15.474  9.240   1.00 38.08  ? 66  LYS A CA  1 
ATOM   215  C C   . LYS A 1 27  ? -1.839  14.859  9.632   1.00 35.38  ? 66  LYS A C   1 
ATOM   216  O O   . LYS A 1 27  ? -0.841  15.117  8.933   1.00 36.23  ? 66  LYS A O   1 
ATOM   217  C CB  . LYS A 1 27  ? -3.578  16.602  10.203  1.00 42.66  ? 66  LYS A CB  1 
ATOM   218  C CG  . LYS A 1 27  ? -2.553  17.713  10.357  1.00 53.79  ? 66  LYS A CG  1 
ATOM   219  C CD  . LYS A 1 27  ? -2.917  18.724  11.431  1.00 57.45  ? 66  LYS A CD  1 
ATOM   220  C CE  . LYS A 1 27  ? -2.471  20.133  11.096  1.00 67.36  ? 66  LYS A CE  1 
ATOM   221  N NZ  . LYS A 1 27  ? -1.001  20.229  10.908  1.00 71.72  ? 66  LYS A NZ  1 
ATOM   222  N N   . ASN A 1 28  ? -1.822  14.069  10.694  1.00 33.59  ? 67  ASN A N   1 
ATOM   223  C CA  . ASN A 1 28  ? -0.563  13.560  11.293  1.00 38.94  ? 67  ASN A CA  1 
ATOM   224  C C   . ASN A 1 28  ? -0.195  12.168  10.778  1.00 40.09  ? 67  ASN A C   1 
ATOM   225  O O   . ASN A 1 28  ? 0.968   11.746  11.015  1.00 39.26  ? 67  ASN A O   1 
ATOM   226  C CB  . ASN A 1 28  ? -0.634  13.601  12.806  1.00 40.22  ? 67  ASN A CB  1 
ATOM   227  C CG  . ASN A 1 28  ? -0.530  15.037  13.268  1.00 42.67  ? 67  ASN A CG  1 
ATOM   228  O OD1 . ASN A 1 28  ? 0.154   15.839  12.630  1.00 43.55  ? 67  ASN A OD1 1 
ATOM   229  N ND2 . ASN A 1 28  ? -1.239  15.366  14.329  1.00 42.55  ? 67  ASN A ND2 1 
ATOM   230  N N   . GLY A 1 29  ? -1.114  11.509  10.075  1.00 37.26  ? 68  GLY A N   1 
ATOM   231  C CA  . GLY A 1 29  ? -0.847  10.217  9.419   1.00 36.20  ? 68  GLY A CA  1 
ATOM   232  C C   . GLY A 1 29  ? -1.359  9.073   10.265  1.00 33.15  ? 68  GLY A C   1 
ATOM   233  O O   . GLY A 1 29  ? -1.192  9.122   11.498  1.00 32.23  ? 68  GLY A O   1 
ATOM   234  N N   . ARG A 1 30  ? -1.949  8.077   9.614   1.00 28.50  ? 69  ARG A N   1 
ATOM   235  C CA  . ARG A 1 30  ? -2.536  6.882   10.256  1.00 28.80  ? 69  ARG A CA  1 
ATOM   236  C C   . ARG A 1 30  ? -1.949  5.614   9.627   1.00 29.42  ? 69  ARG A C   1 
ATOM   237  O O   . ARG A 1 30  ? -1.887  5.506   8.385   1.00 25.82  ? 69  ARG A O   1 
ATOM   238  C CB  . ARG A 1 30  ? -4.059  6.909   10.130  1.00 31.70  ? 69  ARG A CB  1 
ATOM   239  C CG  . ARG A 1 30  ? -4.753  5.849   10.961  1.00 39.64  ? 69  ARG A CG  1 
ATOM   240  C CD  . ARG A 1 30  ? -4.698  6.117   12.457  1.00 42.42  ? 69  ARG A CD  1 
ATOM   241  N NE  . ARG A 1 30  ? -5.306  7.385   12.845  1.00 42.17  ? 69  ARG A NE  1 
ATOM   242  C CZ  . ARG A 1 30  ? -6.615  7.601   13.008  1.00 44.94  ? 69  ARG A CZ  1 
ATOM   243  N NH1 . ARG A 1 30  ? -7.050  8.795   13.380  1.00 45.07  ? 69  ARG A NH1 1 
ATOM   244  N NH2 . ARG A 1 30  ? -7.492  6.640   12.774  1.00 47.50  ? 69  ARG A NH2 1 
ATOM   245  N N   . ARG A 1 31  ? -1.512  4.689   10.472  1.00 27.98  ? 70  ARG A N   1 
ATOM   246  C CA  . ARG A 1 31  ? -1.055  3.343   10.044  1.00 29.29  ? 70  ARG A CA  1 
ATOM   247  C C   . ARG A 1 31  ? -2.226  2.596   9.421   1.00 26.57  ? 70  ARG A C   1 
ATOM   248  O O   . ARG A 1 31  ? -3.407  2.887   9.745   1.00 27.09  ? 70  ARG A O   1 
ATOM   249  C CB  . ARG A 1 31  ? -0.473  2.579   11.243  1.00 31.53  ? 70  ARG A CB  1 
ATOM   250  C CG  . ARG A 1 31  ? 0.938   3.007   11.617  1.00 35.35  ? 70  ARG A CG  1 
ATOM   251  C CD  . ARG A 1 31  ? 1.514   2.268   12.825  1.00 39.28  ? 70  ARG A CD  1 
ATOM   252  N NE  . ARG A 1 31  ? 0.849   2.645   14.062  1.00 45.11  ? 70  ARG A NE  1 
ATOM   253  C CZ  . ARG A 1 31  ? 1.101   3.770   14.740  1.00 50.90  ? 70  ARG A CZ  1 
ATOM   254  N NH1 . ARG A 1 31  ? 2.011   4.621   14.297  1.00 54.02  ? 70  ARG A NH1 1 
ATOM   255  N NH2 . ARG A 1 31  ? 0.442   4.046   15.855  1.00 51.04  ? 70  ARG A NH2 1 
ATOM   256  N N   . MET A 1 32  ? -1.905  1.659   8.531   1.00 26.43  ? 71  MET A N   1 
ATOM   257  C CA  . MET A 1 32  ? -2.891  0.850   7.798   1.00 28.68  ? 71  MET A CA  1 
ATOM   258  C C   . MET A 1 32  ? -3.305  -0.356  8.633   1.00 27.42  ? 71  MET A C   1 
ATOM   259  O O   . MET A 1 32  ? -2.455  -0.943  9.349   1.00 25.80  ? 71  MET A O   1 
ATOM   260  C CB  . MET A 1 32  ? -2.298  0.361   6.473   1.00 26.92  ? 71  MET A CB  1 
ATOM   261  C CG  . MET A 1 32  ? -1.871  1.514   5.557   1.00 26.90  ? 71  MET A CG  1 
ATOM   262  S SD  . MET A 1 32  ? -1.033  0.924   4.100   1.00 26.74  ? 71  MET A SD  1 
ATOM   263  C CE  . MET A 1 32  ? -2.354  -0.080  3.436   1.00 27.36  ? 71  MET A CE  1 
ATOM   264  N N   . PHE A 1 33  ? -4.562  -0.752  8.483   1.00 26.45  ? 72  PHE A N   1 
ATOM   265  C CA  . PHE A 1 33  ? -5.044  -2.100  8.848   1.00 25.19  ? 72  PHE A CA  1 
ATOM   266  C C   . PHE A 1 33  ? -5.977  -2.602  7.770   1.00 24.24  ? 72  PHE A C   1 
ATOM   267  O O   . PHE A 1 33  ? -6.897  -1.871  7.418   1.00 28.10  ? 72  PHE A O   1 
ATOM   268  C CB  . PHE A 1 33  ? -5.766  -2.123  10.191  1.00 26.88  ? 72  PHE A CB  1 
ATOM   269  C CG  . PHE A 1 33  ? -6.044  -3.540  10.576  1.00 27.05  ? 72  PHE A CG  1 
ATOM   270  C CD1 . PHE A 1 33  ? -5.067  -4.300  11.203  1.00 29.57  ? 72  PHE A CD1 1 
ATOM   271  C CD2 . PHE A 1 33  ? -7.229  -4.145  10.214  1.00 27.35  ? 72  PHE A CD2 1 
ATOM   272  C CE1 . PHE A 1 33  ? -5.313  -5.624  11.520  1.00 28.20  ? 72  PHE A CE1 1 
ATOM   273  C CE2 . PHE A 1 33  ? -7.460  -5.475  10.508  1.00 30.41  ? 72  PHE A CE2 1 
ATOM   274  C CZ  . PHE A 1 33  ? -6.502  -6.209  11.168  1.00 30.44  ? 72  PHE A CZ  1 
ATOM   275  N N   . PRO A 1 34  ? -5.763  -3.804  7.197   1.00 25.04  ? 73  PRO A N   1 
ATOM   276  C CA  . PRO A 1 34  ? -4.604  -4.638  7.497   1.00 25.44  ? 73  PRO A CA  1 
ATOM   277  C C   . PRO A 1 34  ? -3.279  -3.970  7.086   1.00 24.06  ? 73  PRO A C   1 
ATOM   278  O O   . PRO A 1 34  ? -3.275  -3.042  6.297   1.00 23.50  ? 73  PRO A O   1 
ATOM   279  C CB  . PRO A 1 34  ? -4.839  -5.921  6.676   1.00 28.58  ? 73  PRO A CB  1 
ATOM   280  C CG  . PRO A 1 34  ? -6.327  -5.919  6.356   1.00 29.02  ? 73  PRO A CG  1 
ATOM   281  C CD  . PRO A 1 34  ? -6.669  -4.453  6.236   1.00 26.94  ? 73  PRO A CD  1 
ATOM   282  N N   . VAL A 1 35  ? -2.182  -4.497  7.628   1.00 24.28  ? 74  VAL A N   1 
ATOM   283  C CA  . VAL A 1 35  ? -0.802  -4.119  7.239   1.00 24.93  ? 74  VAL A CA  1 
ATOM   284  C C   . VAL A 1 35  ? -0.456  -4.911  5.980   1.00 24.45  ? 74  VAL A C   1 
ATOM   285  O O   . VAL A 1 35  ? -0.687  -6.141  5.949   1.00 25.71  ? 74  VAL A O   1 
ATOM   286  C CB  . VAL A 1 35  ? 0.182   -4.388  8.387   1.00 31.64  ? 74  VAL A CB  1 
ATOM   287  C CG1 . VAL A 1 35  ? 1.625   -4.284  7.917   1.00 32.74  ? 74  VAL A CG1 1 
ATOM   288  C CG2 . VAL A 1 35  ? -0.085  -3.436  9.555   1.00 33.68  ? 74  VAL A CG2 1 
ATOM   289  N N   . LEU A 1 36  ? 0.174   -4.249  5.021   1.00 24.03  ? 75  LEU A N   1 
ATOM   290  C CA  . LEU A 1 36  ? 0.696   -4.943  3.825   1.00 23.73  ? 75  LEU A CA  1 
ATOM   291  C C   . LEU A 1 36  ? 1.924   -5.767  4.221   1.00 21.87  ? 75  LEU A C   1 
ATOM   292  O O   . LEU A 1 36  ? 2.932   -5.150  4.644   1.00 22.44  ? 75  LEU A O   1 
ATOM   293  C CB  . LEU A 1 36  ? 1.078   -3.919  2.776   1.00 25.10  ? 75  LEU A CB  1 
ATOM   294  C CG  . LEU A 1 36  ? 1.565   -4.519  1.471   1.00 29.53  ? 75  LEU A CG  1 
ATOM   295  C CD1 . LEU A 1 36  ? 0.485   -5.352  0.819   1.00 31.91  ? 75  LEU A CD1 1 
ATOM   296  C CD2 . LEU A 1 36  ? 2.028   -3.429  0.520   1.00 33.72  ? 75  LEU A CD2 1 
ATOM   297  N N   . LYS A 1 37  ? 1.871   -7.067  3.990   1.00 23.62  ? 76  LYS A N   1 
ATOM   298  C CA  . LYS A 1 37  ? 2.982   -7.998  4.294   1.00 22.77  ? 76  LYS A CA  1 
ATOM   299  C C   . LYS A 1 37  ? 3.111   -8.909  3.093   1.00 23.00  ? 76  LYS A C   1 
ATOM   300  O O   . LYS A 1 37  ? 2.078   -9.355  2.599   1.00 21.54  ? 76  LYS A O   1 
ATOM   301  C CB  . LYS A 1 37  ? 2.702   -8.837  5.544   1.00 25.66  ? 76  LYS A CB  1 
ATOM   302  C CG  . LYS A 1 37  ? 2.247   -8.080  6.778   1.00 31.13  ? 76  LYS A CG  1 
ATOM   303  C CD  . LYS A 1 37  ? 2.083   -8.998  7.998   1.00 37.47  ? 76  LYS A CD  1 
ATOM   304  C CE  . LYS A 1 37  ? 1.118   -8.459  9.032   1.00 45.67  ? 76  LYS A CE  1 
ATOM   305  N NZ  . LYS A 1 37  ? -0.226  -8.257  8.442   1.00 53.44  ? 76  LYS A NZ  1 
ATOM   306  N N   . VAL A 1 38  ? 4.335   -9.159  2.656   1.00 21.42  ? 77  VAL A N   1 
ATOM   307  C CA  . VAL A 1 38  ? 4.601   -10.081 1.520   1.00 23.01  ? 77  VAL A CA  1 
ATOM   308  C C   . VAL A 1 38  ? 5.689   -11.080 1.879   1.00 22.00  ? 77  VAL A C   1 
ATOM   309  O O   . VAL A 1 38  ? 6.585   -10.774 2.667   1.00 24.40  ? 77  VAL A O   1 
ATOM   310  C CB  . VAL A 1 38  ? 4.967   -9.302  0.246   1.00 23.75  ? 77  VAL A CB  1 
ATOM   311  C CG1 . VAL A 1 38  ? 3.829   -8.392  -0.162  1.00 24.80  ? 77  VAL A CG1 1 
ATOM   312  C CG2 . VAL A 1 38  ? 6.256   -8.511  0.431   1.00 24.32  ? 77  VAL A CG2 1 
ATOM   313  N N   . ASN A 1 39  ? 5.617   -12.216 1.209   1.00 22.40  ? 78  ASN A N   1 
ATOM   314  C CA  . ASN A 1 39  ? 6.691   -13.231 1.228   1.00 24.78  ? 78  ASN A CA  1 
ATOM   315  C C   . ASN A 1 39  ? 7.437   -13.100 -0.103  1.00 24.63  ? 78  ASN A C   1 
ATOM   316  O O   . ASN A 1 39  ? 6.828   -12.665 -1.131  1.00 22.92  ? 78  ASN A O   1 
ATOM   317  C CB  . ASN A 1 39  ? 6.150   -14.620 1.554   1.00 26.91  ? 78  ASN A CB  1 
ATOM   318  C CG  . ASN A 1 39  ? 5.048   -15.058 0.626   1.00 29.68  ? 78  ASN A CG  1 
ATOM   319  O OD1 . ASN A 1 39  ? 5.285   -15.309 -0.567  1.00 28.87  ? 78  ASN A OD1 1 
ATOM   320  N ND2 . ASN A 1 39  ? 3.838   -15.132 1.160   1.00 29.18  ? 78  ASN A ND2 1 
ATOM   321  N N   . VAL A 1 40  ? 8.726   -13.372 -0.053  1.00 22.87  ? 79  VAL A N   1 
ATOM   322  C CA  . VAL A 1 40  ? 9.637   -13.168 -1.207  1.00 24.03  ? 79  VAL A CA  1 
ATOM   323  C C   . VAL A 1 40  ? 10.467  -14.429 -1.375  1.00 23.06  ? 79  VAL A C   1 
ATOM   324  O O   . VAL A 1 40  ? 11.050  -14.935 -0.399  1.00 23.70  ? 79  VAL A O   1 
ATOM   325  C CB  . VAL A 1 40  ? 10.528  -11.935 -1.015  1.00 24.70  ? 79  VAL A CB  1 
ATOM   326  C CG1 . VAL A 1 40  ? 11.378  -11.659 -2.251  1.00 27.31  ? 79  VAL A CG1 1 
ATOM   327  C CG2 . VAL A 1 40  ? 9.725   -10.705 -0.599  1.00 25.29  ? 79  VAL A CG2 1 
ATOM   328  N N   . SER A 1 41  ? 10.543  -14.910 -2.595  1.00 25.32  ? 80  SER A N   1 
ATOM   329  C CA  . SER A 1 41  ? 11.522  -15.952 -2.968  1.00 26.20  ? 80  SER A CA  1 
ATOM   330  C C   . SER A 1 41  ? 12.160  -15.572 -4.302  1.00 23.66  ? 80  SER A C   1 
ATOM   331  O O   . SER A 1 41  ? 11.572  -14.792 -5.058  1.00 23.01  ? 80  SER A O   1 
ATOM   332  C CB  . SER A 1 41  ? 10.877  -17.325 -3.007  1.00 26.93  ? 80  SER A CB  1 
ATOM   333  O OG  . SER A 1 41  ? 9.926   -17.392 -4.061  1.00 31.44  ? 80  SER A OG  1 
ATOM   334  N N   . GLY A 1 42  ? 13.349  -16.098 -4.557  1.00 25.21  ? 81  GLY A N   1 
ATOM   335  C CA  . GLY A 1 42  ? 14.015  -15.937 -5.859  1.00 23.12  ? 81  GLY A CA  1 
ATOM   336  C C   . GLY A 1 42  ? 14.834  -14.680 -5.963  1.00 24.72  ? 81  GLY A C   1 
ATOM   337  O O   . GLY A 1 42  ? 15.274  -14.369 -7.090  1.00 25.42  ? 81  GLY A O   1 
ATOM   338  N N   . LEU A 1 43  ? 15.070  -13.956 -4.865  1.00 22.85  ? 82  LEU A N   1 
ATOM   339  C CA  . LEU A 1 43  ? 16.147  -12.938 -4.855  1.00 21.68  ? 82  LEU A CA  1 
ATOM   340  C C   . LEU A 1 43  ? 17.498  -13.651 -4.814  1.00 22.34  ? 82  LEU A C   1 
ATOM   341  O O   . LEU A 1 43  ? 17.573  -14.834 -4.429  1.00 23.54  ? 82  LEU A O   1 
ATOM   342  C CB  . LEU A 1 43  ? 16.003  -12.017 -3.636  1.00 24.05  ? 82  LEU A CB  1 
ATOM   343  C CG  . LEU A 1 43  ? 14.843  -11.023 -3.648  1.00 23.81  ? 82  LEU A CG  1 
ATOM   344  C CD1 . LEU A 1 43  ? 14.852  -10.204 -2.366  1.00 25.46  ? 82  LEU A CD1 1 
ATOM   345  C CD2 . LEU A 1 43  ? 14.909  -10.099 -4.858  1.00 26.47  ? 82  LEU A CD2 1 
ATOM   346  N N   . ASP A 1 44  ? 18.559  -12.925 -5.148  1.00 22.65  ? 83  ASP A N   1 
ATOM   347  C CA  . ASP A 1 44  ? 19.931  -13.406 -4.869  1.00 23.28  ? 83  ASP A CA  1 
ATOM   348  C C   . ASP A 1 44  ? 20.158  -13.247 -3.379  1.00 23.53  ? 83  ASP A C   1 
ATOM   349  O O   . ASP A 1 44  ? 20.156  -12.114 -2.909  1.00 23.61  ? 83  ASP A O   1 
ATOM   350  C CB  . ASP A 1 44  ? 20.925  -12.640 -5.729  1.00 25.36  ? 83  ASP A CB  1 
ATOM   351  C CG  . ASP A 1 44  ? 22.351  -13.118 -5.593  1.00 28.62  ? 83  ASP A CG  1 
ATOM   352  O OD1 . ASP A 1 44  ? 22.642  -13.907 -4.655  1.00 30.80  ? 83  ASP A OD1 1 
ATOM   353  O OD2 . ASP A 1 44  ? 23.167  -12.687 -6.434  1.00 32.28  ? 83  ASP A OD2 1 
ATOM   354  N N   . PRO A 1 45  ? 20.348  -14.329 -2.590  1.00 22.79  ? 84  PRO A N   1 
ATOM   355  C CA  . PRO A 1 45  ? 20.500  -14.185 -1.141  1.00 23.53  ? 84  PRO A CA  1 
ATOM   356  C C   . PRO A 1 45  ? 21.709  -13.324 -0.782  1.00 24.46  ? 84  PRO A C   1 
ATOM   357  O O   . PRO A 1 45  ? 21.698  -12.693 0.262   1.00 25.17  ? 84  PRO A O   1 
ATOM   358  C CB  . PRO A 1 45  ? 20.662  -15.612 -0.600  1.00 25.61  ? 84  PRO A CB  1 
ATOM   359  C CG  . PRO A 1 45  ? 20.976  -16.462 -1.825  1.00 26.38  ? 84  PRO A CG  1 
ATOM   360  C CD  . PRO A 1 45  ? 20.396  -15.737 -3.015  1.00 24.86  ? 84  PRO A CD  1 
ATOM   361  N N   . ASN A 1 46  ? 22.702  -13.307 -1.674  1.00 24.79  ? 85  ASN A N   1 
ATOM   362  C CA  . ASN A 1 46  ? 23.995  -12.611 -1.488  1.00 25.37  ? 85  ASN A CA  1 
ATOM   363  C C   . ASN A 1 46  ? 23.891  -11.123 -1.845  1.00 26.56  ? 85  ASN A C   1 
ATOM   364  O O   . ASN A 1 46  ? 24.720  -10.354 -1.348  1.00 28.71  ? 85  ASN A O   1 
ATOM   365  C CB  . ASN A 1 46  ? 25.076  -13.254 -2.350  1.00 28.61  ? 85  ASN A CB  1 
ATOM   366  C CG  . ASN A 1 46  ? 25.236  -14.739 -2.116  1.00 32.15  ? 85  ASN A CG  1 
ATOM   367  O OD1 . ASN A 1 46  ? 25.240  -15.200 -0.980  1.00 33.83  ? 85  ASN A OD1 1 
ATOM   368  N ND2 . ASN A 1 46  ? 25.302  -15.503 -3.195  1.00 39.68  ? 85  ASN A ND2 1 
ATOM   369  N N   . ALA A 1 47  ? 22.923  -10.714 -2.666  1.00 22.67  ? 86  ALA A N   1 
ATOM   370  C CA  . ALA A 1 47  ? 22.823  -9.340  -3.202  1.00 23.80  ? 86  ALA A CA  1 
ATOM   371  C C   . ALA A 1 47  ? 22.157  -8.463  -2.147  1.00 24.17  ? 86  ALA A C   1 
ATOM   372  O O   . ALA A 1 47  ? 21.524  -9.040  -1.218  1.00 23.46  ? 86  ALA A O   1 
ATOM   373  C CB  . ALA A 1 47  ? 22.068  -9.331  -4.512  1.00 26.16  ? 86  ALA A CB  1 
ATOM   374  N N   . MET A 1 48  ? 22.324  -7.146  -2.263  1.00 22.97  ? 87  MET A N   1 
ATOM   375  C CA  . MET A 1 48  ? 21.591  -6.202  -1.388  1.00 23.45  ? 87  MET A CA  1 
ATOM   376  C C   . MET A 1 48  ? 20.496  -5.502  -2.190  1.00 22.20  ? 87  MET A C   1 
ATOM   377  O O   . MET A 1 48  ? 20.693  -5.233  -3.389  1.00 23.40  ? 87  MET A O   1 
ATOM   378  C CB  . MET A 1 48  ? 22.538  -5.199  -0.731  1.00 25.43  ? 87  MET A CB  1 
ATOM   379  C CG  . MET A 1 48  ? 23.538  -5.865  0.220   1.00 27.01  ? 87  MET A CG  1 
ATOM   380  S SD  . MET A 1 48  ? 24.302  -4.615  1.226   1.00 28.79  ? 87  MET A SD  1 
ATOM   381  C CE  . MET A 1 48  ? 23.002  -4.375  2.441   1.00 30.29  ? 87  MET A CE  1 
ATOM   382  N N   . TYR A 1 49  ? 19.357  -5.275  -1.542  1.00 22.03  ? 88  TYR A N   1 
ATOM   383  C CA  . TYR A 1 49  ? 18.135  -4.702  -2.141  1.00 22.53  ? 88  TYR A CA  1 
ATOM   384  C C   . TYR A 1 49  ? 17.492  -3.740  -1.156  1.00 22.90  ? 88  TYR A C   1 
ATOM   385  O O   . TYR A 1 49  ? 17.606  -3.959  0.065   1.00 21.48  ? 88  TYR A O   1 
ATOM   386  C CB  . TYR A 1 49  ? 17.096  -5.768  -2.458  1.00 23.64  ? 88  TYR A CB  1 
ATOM   387  C CG  . TYR A 1 49  ? 17.575  -6.888  -3.329  1.00 22.89  ? 88  TYR A CG  1 
ATOM   388  C CD1 . TYR A 1 49  ? 17.455  -6.826  -4.704  1.00 21.56  ? 88  TYR A CD1 1 
ATOM   389  C CD2 . TYR A 1 49  ? 18.153  -8.017  -2.774  1.00 21.66  ? 88  TYR A CD2 1 
ATOM   390  C CE1 . TYR A 1 49  ? 17.879  -7.879  -5.497  1.00 22.07  ? 88  TYR A CE1 1 
ATOM   391  C CE2 . TYR A 1 49  ? 18.574  -9.073  -3.561  1.00 21.55  ? 88  TYR A CE2 1 
ATOM   392  C CZ  . TYR A 1 49  ? 18.453  -8.999  -4.930  1.00 21.63  ? 88  TYR A CZ  1 
ATOM   393  O OH  . TYR A 1 49  ? 18.835  -10.056 -5.700  1.00 25.10  ? 88  TYR A OH  1 
ATOM   394  N N   . SER A 1 50  ? 16.832  -2.708  -1.678  1.00 22.81  ? 89  SER A N   1 
ATOM   395  C CA  . SER A 1 50  ? 15.881  -1.890  -0.882  1.00 22.42  ? 89  SER A CA  1 
ATOM   396  C C   . SER A 1 50  ? 14.455  -2.238  -1.310  1.00 22.08  ? 89  SER A C   1 
ATOM   397  O O   . SER A 1 50  ? 14.267  -2.540  -2.480  1.00 23.82  ? 89  SER A O   1 
ATOM   398  C CB  . SER A 1 50  ? 16.179  -0.453  -1.039  1.00 24.67  ? 89  SER A CB  1 
ATOM   399  O OG  . SER A 1 50  ? 17.506  -0.209  -0.657  1.00 25.93  ? 89  SER A OG  1 
ATOM   400  N N   . PHE A 1 51  ? 13.507  -2.154  -0.398  1.00 20.65  ? 90  PHE A N   1 
ATOM   401  C CA  . PHE A 1 51  ? 12.070  -2.369  -0.638  1.00 22.23  ? 90  PHE A CA  1 
ATOM   402  C C   . PHE A 1 51  ? 11.382  -1.009  -0.484  1.00 23.26  ? 90  PHE A C   1 
ATOM   403  O O   . PHE A 1 51  ? 11.517  -0.366  0.576   1.00 25.75  ? 90  PHE A O   1 
ATOM   404  C CB  . PHE A 1 51  ? 11.492  -3.418  0.315   1.00 22.17  ? 90  PHE A CB  1 
ATOM   405  C CG  . PHE A 1 51  ? 11.615  -4.847  -0.150  1.00 21.09  ? 90  PHE A CG  1 
ATOM   406  C CD1 . PHE A 1 51  ? 10.509  -5.669  -0.268  1.00 20.68  ? 90  PHE A CD1 1 
ATOM   407  C CD2 . PHE A 1 51  ? 12.855  -5.380  -0.457  1.00 20.85  ? 90  PHE A CD2 1 
ATOM   408  C CE1 . PHE A 1 51  ? 10.637  -6.981  -0.707  1.00 22.23  ? 90  PHE A CE1 1 
ATOM   409  C CE2 . PHE A 1 51  ? 12.985  -6.683  -0.897  1.00 21.76  ? 90  PHE A CE2 1 
ATOM   410  C CZ  . PHE A 1 51  ? 11.882  -7.487  -1.019  1.00 22.05  ? 90  PHE A CZ  1 
ATOM   411  N N   . LEU A 1 52  ? 10.652  -0.603  -1.512  1.00 25.22  ? 91  LEU A N   1 
ATOM   412  C CA  . LEU A 1 52  ? 9.906   0.679   -1.563  1.00 25.93  ? 91  LEU A CA  1 
ATOM   413  C C   . LEU A 1 52  ? 8.423   0.372   -1.737  1.00 24.20  ? 91  LEU A C   1 
ATOM   414  O O   . LEU A 1 52  ? 8.067   -0.631  -2.358  1.00 24.80  ? 91  LEU A O   1 
ATOM   415  C CB  . LEU A 1 52  ? 10.380  1.526   -2.744  1.00 30.39  ? 91  LEU A CB  1 
ATOM   416  C CG  . LEU A 1 52  ? 11.658  2.348   -2.602  1.00 37.35  ? 91  LEU A CG  1 
ATOM   417  C CD1 . LEU A 1 52  ? 12.776  1.581   -1.960  1.00 38.67  ? 91  LEU A CD1 1 
ATOM   418  C CD2 . LEU A 1 52  ? 12.082  2.867   -3.980  1.00 39.51  ? 91  LEU A CD2 1 
ATOM   419  N N   . LEU A 1 53  ? 7.584   1.246   -1.197  1.00 23.68  ? 92  LEU A N   1 
ATOM   420  C CA  . LEU A 1 53  ? 6.121   1.131   -1.309  1.00 22.76  ? 92  LEU A CA  1 
ATOM   421  C C   . LEU A 1 53  ? 5.575   2.443   -1.850  1.00 22.77  ? 92  LEU A C   1 
ATOM   422  O O   . LEU A 1 53  ? 5.899   3.506   -1.279  1.00 24.31  ? 92  LEU A O   1 
ATOM   423  C CB  . LEU A 1 53  ? 5.564   0.790   0.065   1.00 24.17  ? 92  LEU A CB  1 
ATOM   424  C CG  . LEU A 1 53  ? 4.054   0.915   0.233   1.00 25.08  ? 92  LEU A CG  1 
ATOM   425  C CD1 . LEU A 1 53  ? 3.319   -0.148  -0.569  1.00 24.77  ? 92  LEU A CD1 1 
ATOM   426  C CD2 . LEU A 1 53  ? 3.695   0.843   1.704   1.00 25.80  ? 92  LEU A CD2 1 
ATOM   427  N N   . ASP A 1 54  ? 4.742   2.374   -2.873  1.00 21.81  ? 93  ASP A N   1 
ATOM   428  C CA  . ASP A 1 54  ? 3.938   3.563   -3.247  1.00 22.04  ? 93  ASP A CA  1 
ATOM   429  C C   . ASP A 1 54  ? 2.507   3.130   -3.522  1.00 22.07  ? 93  ASP A C   1 
ATOM   430  O O   . ASP A 1 54  ? 2.175   1.950   -3.375  1.00 21.04  ? 93  ASP A O   1 
ATOM   431  C CB  . ASP A 1 54  ? 4.603   4.364   -4.368  1.00 23.04  ? 93  ASP A CB  1 
ATOM   432  C CG  . ASP A 1 54  ? 4.583   3.743   -5.753  1.00 26.25  ? 93  ASP A CG  1 
ATOM   433  O OD1 . ASP A 1 54  ? 4.280   2.559   -5.895  1.00 24.36  ? 93  ASP A OD1 1 
ATOM   434  O OD2 . ASP A 1 54  ? 4.867   4.470   -6.688  1.00 32.50  ? 93  ASP A OD2 1 
ATOM   435  N N   . PHE A 1 55  ? 1.663   4.095   -3.885  1.00 23.20  ? 94  PHE A N   1 
ATOM   436  C CA  . PHE A 1 55  ? 0.198   3.906   -3.994  1.00 23.31  ? 94  PHE A CA  1 
ATOM   437  C C   . PHE A 1 55  ? -0.241  4.480   -5.330  1.00 24.47  ? 94  PHE A C   1 
ATOM   438  O O   . PHE A 1 55  ? 0.030   5.653   -5.572  1.00 29.52  ? 94  PHE A O   1 
ATOM   439  C CB  . PHE A 1 55  ? -0.472  4.577   -2.794  1.00 22.90  ? 94  PHE A CB  1 
ATOM   440  C CG  . PHE A 1 55  ? -0.197  3.906   -1.470  1.00 22.40  ? 94  PHE A CG  1 
ATOM   441  C CD1 . PHE A 1 55  ? -1.083  2.969   -0.945  1.00 23.56  ? 94  PHE A CD1 1 
ATOM   442  C CD2 . PHE A 1 55  ? 0.946   4.200   -0.752  1.00 22.12  ? 94  PHE A CD2 1 
ATOM   443  C CE1 . PHE A 1 55  ? -0.799  2.332   0.257   1.00 23.74  ? 94  PHE A CE1 1 
ATOM   444  C CE2 . PHE A 1 55  ? 1.217   3.580   0.454   1.00 23.21  ? 94  PHE A CE2 1 
ATOM   445  C CZ  . PHE A 1 55  ? 0.329   2.660   0.970   1.00 23.87  ? 94  PHE A CZ  1 
ATOM   446  N N   . VAL A 1 56  ? -0.797  3.646   -6.196  1.00 23.48  ? 95  VAL A N   1 
ATOM   447  C CA  . VAL A 1 56  ? -1.169  4.066   -7.574  1.00 24.13  ? 95  VAL A CA  1 
ATOM   448  C C   . VAL A 1 56  ? -2.665  4.394   -7.587  1.00 23.99  ? 95  VAL A C   1 
ATOM   449  O O   . VAL A 1 56  ? -3.456  3.570   -7.117  1.00 22.76  ? 95  VAL A O   1 
ATOM   450  C CB  . VAL A 1 56  ? -0.791  2.973   -8.578  1.00 26.74  ? 95  VAL A CB  1 
ATOM   451  C CG1 . VAL A 1 56  ? -1.093  3.412   -9.997  1.00 33.14  ? 95  VAL A CG1 1 
ATOM   452  C CG2 . VAL A 1 56  ? 0.684   2.585   -8.430  1.00 28.49  ? 95  VAL A CG2 1 
ATOM   453  N N   . ALA A 1 57  ? -3.021  5.560   -8.102  1.00 27.14  ? 96  ALA A N   1 
ATOM   454  C CA  . ALA A 1 57  ? -4.423  5.994   -8.273  1.00 29.53  ? 96  ALA A CA  1 
ATOM   455  C C   . ALA A 1 57  ? -5.104  5.028   -9.241  1.00 29.27  ? 96  ALA A C   1 
ATOM   456  O O   . ALA A 1 57  ? -4.549  4.772   -10.314 1.00 28.89  ? 96  ALA A O   1 
ATOM   457  C CB  . ALA A 1 57  ? -4.476  7.423   -8.769  1.00 31.01  ? 96  ALA A CB  1 
ATOM   458  N N   . ALA A 1 58  ? -6.252  4.461   -8.853  1.00 29.22  ? 97  ALA A N   1 
ATOM   459  C CA  . ALA A 1 58  ? -6.952  3.397   -9.603  1.00 29.09  ? 97  ALA A CA  1 
ATOM   460  C C   . ALA A 1 58  ? -7.854  4.007   -10.692 1.00 32.57  ? 97  ALA A C   1 
ATOM   461  O O   . ALA A 1 58  ? -8.087  3.311   -11.694 1.00 36.58  ? 97  ALA A O   1 
ATOM   462  C CB  . ALA A 1 58  ? -7.730  2.511   -8.656  1.00 32.53  ? 97  ALA A CB  1 
ATOM   463  N N   . ASP A 1 59  ? -8.313  5.254   -10.567 1.00 31.80  ? 98  ASP A N   1 
ATOM   464  C CA  . ASP A 1 59  ? -9.472  5.747   -11.377 1.00 31.52  ? 98  ASP A CA  1 
ATOM   465  C C   . ASP A 1 59  ? -9.267  7.167   -11.878 1.00 34.92  ? 98  ASP A C   1 
ATOM   466  O O   . ASP A 1 59  ? -8.552  7.934   -11.205 1.00 32.23  ? 98  ASP A O   1 
ATOM   467  C CB  . ASP A 1 59  ? -10.766 5.782   -10.551 1.00 31.42  ? 98  ASP A CB  1 
ATOM   468  C CG  . ASP A 1 59  ? -11.020 4.482   -9.832  1.00 30.87  ? 98  ASP A CG  1 
ATOM   469  O OD1 . ASP A 1 59  ? -10.970 4.482   -8.595  1.00 37.52  ? 98  ASP A OD1 1 
ATOM   470  O OD2 . ASP A 1 59  ? -11.143 3.485   -10.515 1.00 38.31  ? 98  ASP A OD2 1 
ATOM   471  N N   . ASN A 1 60  ? -9.987  7.545   -12.946 1.00 33.48  ? 99  ASN A N   1 
ATOM   472  C CA  . ASN A 1 60  ? -10.002 8.942   -13.458 1.00 40.31  ? 99  ASN A CA  1 
ATOM   473  C C   . ASN A 1 60  ? -11.188 9.695   -12.825 1.00 36.80  ? 99  ASN A C   1 
ATOM   474  O O   . ASN A 1 60  ? -11.691 10.664  -13.432 1.00 34.31  ? 99  ASN A O   1 
ATOM   475  C CB  . ASN A 1 60  ? -9.993  8.997   -14.995 1.00 43.59  ? 99  ASN A CB  1 
ATOM   476  C CG  . ASN A 1 60  ? -11.323 8.673   -15.655 1.00 52.82  ? 99  ASN A CG  1 
ATOM   477  O OD1 . ASN A 1 60  ? -12.234 8.153   -15.018 1.00 57.76  ? 99  ASN A OD1 1 
ATOM   478  N ND2 . ASN A 1 60  ? -11.444 8.951   -16.948 1.00 55.68  ? 99  ASN A ND2 1 
ATOM   479  N N   . HIS A 1 61  ? -11.612 9.295   -11.626 1.00 32.83  ? 100 HIS A N   1 
ATOM   480  C CA  . HIS A 1 61  ? -12.790 9.887   -10.943 1.00 30.93  ? 100 HIS A CA  1 
ATOM   481  C C   . HIS A 1 61  ? -12.707 9.586   -9.448  1.00 29.25  ? 100 HIS A C   1 
ATOM   482  O O   . HIS A 1 61  ? -11.895 8.706   -9.041  1.00 30.69  ? 100 HIS A O   1 
ATOM   483  C CB  . HIS A 1 61  ? -14.086 9.359   -11.563 1.00 30.13  ? 100 HIS A CB  1 
ATOM   484  C CG  . HIS A 1 61  ? -14.362 7.932   -11.254 1.00 28.53  ? 100 HIS A CG  1 
ATOM   485  N ND1 . HIS A 1 61  ? -14.206 6.918   -12.192 1.00 31.42  ? 100 HIS A ND1 1 
ATOM   486  C CD2 . HIS A 1 61  ? -14.840 7.347   -10.137 1.00 25.55  ? 100 HIS A CD2 1 
ATOM   487  C CE1 . HIS A 1 61  ? -14.574 5.773   -11.658 1.00 26.55  ? 100 HIS A CE1 1 
ATOM   488  N NE2 . HIS A 1 61  ? -14.966 6.009   -10.394 1.00 31.23  ? 100 HIS A NE2 1 
ATOM   489  N N   . ARG A 1 62  ? -13.496 10.293  -8.651  1.00 28.41  ? 101 ARG A N   1 
ATOM   490  C CA  . ARG A 1 62  ? -13.529 10.011  -7.212  1.00 28.64  ? 101 ARG A CA  1 
ATOM   491  C C   . ARG A 1 62  ? -14.805 9.235   -6.910  1.00 24.57  ? 101 ARG A C   1 
ATOM   492  O O   . ARG A 1 62  ? -15.572 8.951   -7.807  1.00 24.05  ? 101 ARG A O   1 
ATOM   493  C CB  . ARG A 1 62  ? -13.372 11.289  -6.397  1.00 33.54  ? 101 ARG A CB  1 
ATOM   494  C CG  . ARG A 1 62  ? -14.577 12.200  -6.426  1.00 39.05  ? 101 ARG A CG  1 
ATOM   495  C CD  . ARG A 1 62  ? -14.224 13.425  -5.612  1.00 45.62  ? 101 ARG A CD  1 
ATOM   496  N NE  . ARG A 1 62  ? -15.351 14.330  -5.558  1.00 50.92  ? 101 ARG A NE  1 
ATOM   497  C CZ  . ARG A 1 62  ? -15.312 15.550  -5.035  1.00 63.21  ? 101 ARG A CZ  1 
ATOM   498  N NH1 . ARG A 1 62  ? -16.402 16.304  -5.039  1.00 60.23  ? 101 ARG A NH1 1 
ATOM   499  N NH2 . ARG A 1 62  ? -14.188 16.004  -4.498  1.00 66.77  ? 101 ARG A NH2 1 
ATOM   500  N N   . TRP A 1 63  ? -14.907 8.811   -5.671  1.00 21.43  ? 102 TRP A N   1 
ATOM   501  C CA  . TRP A 1 63  ? -15.966 7.895   -5.203  1.00 22.76  ? 102 TRP A CA  1 
ATOM   502  C C   . TRP A 1 63  ? -16.780 8.631   -4.154  1.00 23.29  ? 102 TRP A C   1 
ATOM   503  O O   . TRP A 1 63  ? -16.303 9.599   -3.560  1.00 23.50  ? 102 TRP A O   1 
ATOM   504  C CB  . TRP A 1 63  ? -15.381 6.605   -4.612  1.00 23.30  ? 102 TRP A CB  1 
ATOM   505  C CG  . TRP A 1 63  ? -14.757 5.748   -5.656  1.00 23.98  ? 102 TRP A CG  1 
ATOM   506  C CD1 . TRP A 1 63  ? -13.457 5.769   -6.070  1.00 24.15  ? 102 TRP A CD1 1 
ATOM   507  C CD2 . TRP A 1 63  ? -15.435 4.801   -6.483  1.00 22.82  ? 102 TRP A CD2 1 
ATOM   508  N NE1 . TRP A 1 63  ? -13.279 4.856   -7.063  1.00 24.10  ? 102 TRP A NE1 1 
ATOM   509  C CE2 . TRP A 1 63  ? -14.461 4.231   -7.332  1.00 25.21  ? 102 TRP A CE2 1 
ATOM   510  C CE3 . TRP A 1 63  ? -16.753 4.332   -6.559  1.00 24.48  ? 102 TRP A CE3 1 
ATOM   511  C CZ2 . TRP A 1 63  ? -14.766 3.248   -8.270  1.00 24.40  ? 102 TRP A CZ2 1 
ATOM   512  C CZ3 . TRP A 1 63  ? -17.054 3.362   -7.491  1.00 28.22  ? 102 TRP A CZ3 1 
ATOM   513  C CH2 . TRP A 1 63  ? -16.079 2.842   -8.354  1.00 25.70  ? 102 TRP A CH2 1 
ATOM   514  N N   A LYS A 1 64  ? -18.001 8.143   -3.937  0.25 24.09  ? 103 LYS A N   1 
ATOM   515  N N   B LYS A 1 64  ? -18.013 8.182   -3.946  0.25 24.62  ? 103 LYS A N   1 
ATOM   516  C CA  A LYS A 1 64  ? -18.950 8.636   -2.908  0.25 24.15  ? 103 LYS A CA  1 
ATOM   517  C CA  B LYS A 1 64  ? -18.849 8.626   -2.804  0.25 24.99  ? 103 LYS A CA  1 
ATOM   518  C C   A LYS A 1 64  ? -19.753 7.438   -2.394  0.25 23.87  ? 103 LYS A C   1 
ATOM   519  C C   B LYS A 1 64  ? -19.746 7.462   -2.387  0.25 24.40  ? 103 LYS A C   1 
ATOM   520  O O   A LYS A 1 64  ? -20.043 6.538   -3.207  0.25 23.36  ? 103 LYS A O   1 
ATOM   521  O O   B LYS A 1 64  ? -20.071 6.615   -3.242  0.25 23.97  ? 103 LYS A O   1 
ATOM   522  C CB  A LYS A 1 64  ? -19.871 9.713   -3.485  0.25 25.19  ? 103 LYS A CB  1 
ATOM   523  C CB  B LYS A 1 64  ? -19.623 9.908   -3.123  0.25 26.68  ? 103 LYS A CB  1 
ATOM   524  C CG  A LYS A 1 64  ? -20.709 10.454  -2.450  0.25 26.69  ? 103 LYS A CG  1 
ATOM   525  C CG  B LYS A 1 64  ? -20.592 9.853   -4.294  0.25 28.49  ? 103 LYS A CG  1 
ATOM   526  C CD  A LYS A 1 64  ? -21.640 11.489  -3.043  0.25 28.14  ? 103 LYS A CD  1 
ATOM   527  C CD  B LYS A 1 64  ? -21.364 11.155  -4.444  0.25 30.23  ? 103 LYS A CD  1 
ATOM   528  C CE  A LYS A 1 64  ? -22.503 12.174  -2.005  0.25 29.43  ? 103 LYS A CE  1 
ATOM   529  C CE  B LYS A 1 64  ? -21.906 11.435  -5.832  0.25 32.64  ? 103 LYS A CE  1 
ATOM   530  N NZ  A LYS A 1 64  ? -23.426 13.148  -2.632  0.25 30.56  ? 103 LYS A NZ  1 
ATOM   531  N NZ  B LYS A 1 64  ? -22.505 10.235  -6.462  0.25 34.07  ? 103 LYS A NZ  1 
ATOM   532  N N   . TYR A 1 65  ? -20.062 7.426   -1.093  1.00 24.19  ? 104 TYR A N   1 
ATOM   533  C CA  . TYR A 1 65  ? -20.837 6.360   -0.443  1.00 23.46  ? 104 TYR A CA  1 
ATOM   534  C C   . TYR A 1 65  ? -22.259 6.897   -0.318  1.00 23.68  ? 104 TYR A C   1 
ATOM   535  O O   . TYR A 1 65  ? -22.465 7.883   0.396   1.00 25.08  ? 104 TYR A O   1 
ATOM   536  C CB  . TYR A 1 65  ? -20.222 6.015   0.912   1.00 24.64  ? 104 TYR A CB  1 
ATOM   537  C CG  . TYR A 1 65  ? -20.691 4.714   1.495   1.00 25.85  ? 104 TYR A CG  1 
ATOM   538  C CD1 . TYR A 1 65  ? -20.346 3.510   0.908   1.00 26.15  ? 104 TYR A CD1 1 
ATOM   539  C CD2 . TYR A 1 65  ? -21.474 4.666   2.651   1.00 27.78  ? 104 TYR A CD2 1 
ATOM   540  C CE1 . TYR A 1 65  ? -20.748 2.290   1.435   1.00 28.07  ? 104 TYR A CE1 1 
ATOM   541  C CE2 . TYR A 1 65  ? -21.842 3.449   3.218   1.00 27.05  ? 104 TYR A CE2 1 
ATOM   542  C CZ  . TYR A 1 65  ? -21.489 2.258   2.611   1.00 28.35  ? 104 TYR A CZ  1 
ATOM   543  O OH  . TYR A 1 65  ? -21.886 1.032   3.085   1.00 29.33  ? 104 TYR A OH  1 
ATOM   544  N N   . VAL A 1 66  ? -23.154 6.316   -1.091  1.00 23.43  ? 105 VAL A N   1 
ATOM   545  C CA  . VAL A 1 66  ? -24.550 6.791   -1.283  1.00 25.56  ? 105 VAL A CA  1 
ATOM   546  C C   . VAL A 1 66  ? -25.480 5.594   -1.100  1.00 24.24  ? 105 VAL A C   1 
ATOM   547  O O   . VAL A 1 66  ? -25.339 4.598   -1.832  1.00 25.32  ? 105 VAL A O   1 
ATOM   548  C CB  . VAL A 1 66  ? -24.765 7.479   -2.647  1.00 27.86  ? 105 VAL A CB  1 
ATOM   549  C CG1 . VAL A 1 66  ? -26.198 7.969   -2.792  1.00 28.85  ? 105 VAL A CG1 1 
ATOM   550  C CG2 . VAL A 1 66  ? -23.820 8.643   -2.896  1.00 28.68  ? 105 VAL A CG2 1 
ATOM   551  N N   . ASN A 1 67  ? -26.387 5.681   -0.133  1.00 28.09  ? 106 ASN A N   1 
ATOM   552  C CA  . ASN A 1 67  ? -27.375 4.603   0.132   1.00 28.26  ? 106 ASN A CA  1 
ATOM   553  C C   . ASN A 1 67  ? -26.657 3.255   0.330   1.00 27.62  ? 106 ASN A C   1 
ATOM   554  O O   . ASN A 1 67  ? -27.144 2.240   -0.197  1.00 27.08  ? 106 ASN A O   1 
ATOM   555  C CB  . ASN A 1 67  ? -28.382 4.538   -1.016  1.00 28.64  ? 106 ASN A CB  1 
ATOM   556  C CG  . ASN A 1 67  ? -29.158 5.829   -1.193  1.00 29.37  ? 106 ASN A CG  1 
ATOM   557  O OD1 . ASN A 1 67  ? -29.349 6.579   -0.239  1.00 32.60  ? 106 ASN A OD1 1 
ATOM   558  N ND2 . ASN A 1 67  ? -29.601 6.094   -2.413  1.00 30.11  ? 106 ASN A ND2 1 
ATOM   559  N N   . GLY A 1 68  ? -25.525 3.242   1.044   1.00 30.96  ? 107 GLY A N   1 
ATOM   560  C CA  . GLY A 1 68  ? -24.787 2.020   1.418   1.00 32.17  ? 107 GLY A CA  1 
ATOM   561  C C   . GLY A 1 68  ? -24.006 1.402   0.272   1.00 32.34  ? 107 GLY A C   1 
ATOM   562  O O   . GLY A 1 68  ? -23.673 0.217   0.375   1.00 35.06  ? 107 GLY A O   1 
ATOM   563  N N   . GLU A 1 69  ? -23.725 2.171   -0.786  1.00 30.53  ? 108 GLU A N   1 
ATOM   564  C CA  . GLU A 1 69  ? -23.131 1.699   -2.068  1.00 33.06  ? 108 GLU A CA  1 
ATOM   565  C C   . GLU A 1 69  ? -22.036 2.716   -2.428  1.00 29.33  ? 108 GLU A C   1 
ATOM   566  O O   . GLU A 1 69  ? -22.289 3.929   -2.340  1.00 27.41  ? 108 GLU A O   1 
ATOM   567  C CB  . GLU A 1 69  ? -24.279 1.620   -3.093  1.00 38.62  ? 108 GLU A CB  1 
ATOM   568  C CG  . GLU A 1 69  ? -24.005 0.923   -4.412  1.00 48.69  ? 108 GLU A CG  1 
ATOM   569  C CD  . GLU A 1 69  ? -25.106 1.044   -5.479  1.00 52.06  ? 108 GLU A CD  1 
ATOM   570  O OE1 . GLU A 1 69  ? -25.773 2.113   -5.566  1.00 43.41  ? 108 GLU A OE1 1 
ATOM   571  O OE2 . GLU A 1 69  ? -25.293 0.072   -6.254  1.00 56.66  ? 108 GLU A OE2 1 
ATOM   572  N N   . TRP A 1 70  ? -20.848 2.268   -2.801  1.00 26.17  ? 109 TRP A N   1 
ATOM   573  C CA  . TRP A 1 70  ? -19.847 3.213   -3.347  1.00 25.58  ? 109 TRP A CA  1 
ATOM   574  C C   . TRP A 1 70  ? -20.164 3.442   -4.824  1.00 26.24  ? 109 TRP A C   1 
ATOM   575  O O   . TRP A 1 70  ? -20.290 2.447   -5.598  1.00 27.75  ? 109 TRP A O   1 
ATOM   576  C CB  . TRP A 1 70  ? -18.436 2.664   -3.181  1.00 25.28  ? 109 TRP A CB  1 
ATOM   577  C CG  . TRP A 1 70  ? -17.892 2.812   -1.801  1.00 23.14  ? 109 TRP A CG  1 
ATOM   578  C CD1 . TRP A 1 70  ? -17.789 1.828   -0.864  1.00 23.92  ? 109 TRP A CD1 1 
ATOM   579  C CD2 . TRP A 1 70  ? -17.316 3.989   -1.226  1.00 23.63  ? 109 TRP A CD2 1 
ATOM   580  N NE1 . TRP A 1 70  ? -17.206 2.330   0.256   1.00 24.59  ? 109 TRP A NE1 1 
ATOM   581  C CE2 . TRP A 1 70  ? -16.892 3.644   0.068   1.00 22.11  ? 109 TRP A CE2 1 
ATOM   582  C CE3 . TRP A 1 70  ? -17.131 5.300   -1.656  1.00 23.09  ? 109 TRP A CE3 1 
ATOM   583  C CZ2 . TRP A 1 70  ? -16.265 4.550   0.899   1.00 24.46  ? 109 TRP A CZ2 1 
ATOM   584  C CZ3 . TRP A 1 70  ? -16.495 6.191   -0.842  1.00 25.25  ? 109 TRP A CZ3 1 
ATOM   585  C CH2 . TRP A 1 70  ? -16.088 5.823   0.441   1.00 26.72  ? 109 TRP A CH2 1 
ATOM   586  N N   . VAL A 1 71  ? -20.237 4.693   -5.222  1.00 25.10  ? 110 VAL A N   1 
ATOM   587  C CA  . VAL A 1 71  ? -20.546 5.046   -6.642  1.00 25.61  ? 110 VAL A CA  1 
ATOM   588  C C   . VAL A 1 71  ? -19.590 6.128   -7.115  1.00 23.19  ? 110 VAL A C   1 
ATOM   589  O O   . VAL A 1 71  ? -19.031 6.888   -6.319  1.00 23.66  ? 110 VAL A O   1 
ATOM   590  C CB  . VAL A 1 71  ? -22.000 5.518   -6.792  1.00 26.03  ? 110 VAL A CB  1 
ATOM   591  C CG1 . VAL A 1 71  ? -22.965 4.411   -6.445  1.00 28.29  ? 110 VAL A CG1 1 
ATOM   592  C CG2 . VAL A 1 71  ? -22.250 6.748   -5.951  1.00 28.05  ? 110 VAL A CG2 1 
ATOM   593  N N   . PRO A 1 72  ? -19.393 6.272   -8.448  1.00 24.90  ? 111 PRO A N   1 
ATOM   594  C CA  . PRO A 1 72  ? -18.625 7.402   -8.960  1.00 25.00  ? 111 PRO A CA  1 
ATOM   595  C C   . PRO A 1 72  ? -19.161 8.711   -8.377  1.00 25.70  ? 111 PRO A C   1 
ATOM   596  O O   . PRO A 1 72  ? -20.382 8.920   -8.345  1.00 26.40  ? 111 PRO A O   1 
ATOM   597  C CB  . PRO A 1 72  ? -18.780 7.250   -10.485 1.00 25.50  ? 111 PRO A CB  1 
ATOM   598  C CG  . PRO A 1 72  ? -18.951 5.758   -10.684 1.00 25.50  ? 111 PRO A CG  1 
ATOM   599  C CD  . PRO A 1 72  ? -19.823 5.348   -9.512  1.00 25.73  ? 111 PRO A CD  1 
ATOM   600  N N   . GLY A 1 73  ? -18.253 9.566   -7.907  1.00 25.28  ? 112 GLY A N   1 
ATOM   601  C CA  . GLY A 1 73  ? -18.581 10.709  -7.032  1.00 28.75  ? 112 GLY A CA  1 
ATOM   602  C C   . GLY A 1 73  ? -18.100 12.038  -7.558  1.00 28.99  ? 112 GLY A C   1 
ATOM   603  O O   . GLY A 1 73  ? -18.168 13.052  -6.821  1.00 31.60  ? 112 GLY A O   1 
ATOM   604  N N   . GLY A 1 74  ? -17.639 12.079  -8.796  1.00 29.68  ? 113 GLY A N   1 
ATOM   605  C CA  . GLY A 1 74  ? -17.191 13.352  -9.372  1.00 31.44  ? 113 GLY A CA  1 
ATOM   606  C C   . GLY A 1 74  ? -15.851 13.238  -10.048 1.00 31.41  ? 113 GLY A C   1 
ATOM   607  O O   . GLY A 1 74  ? -15.289 12.118  -10.183 1.00 29.43  ? 113 GLY A O   1 
ATOM   608  N N   . LYS A 1 75  ? -15.373 14.371  -10.546 1.00 34.51  ? 114 LYS A N   1 
ATOM   609  C CA  . LYS A 1 75  ? -14.071 14.398  -11.233 1.00 35.67  ? 114 LYS A CA  1 
ATOM   610  C C   . LYS A 1 75  ? -13.000 14.307  -10.162 1.00 36.83  ? 114 LYS A C   1 
ATOM   611  O O   . LYS A 1 75  ? -13.208 14.695  -9.008  1.00 34.63  ? 114 LYS A O   1 
ATOM   612  C CB  . LYS A 1 75  ? -13.965 15.616  -12.153 1.00 42.98  ? 114 LYS A CB  1 
ATOM   613  C CG  . LYS A 1 75  ? -14.415 15.327  -13.581 1.00 43.64  ? 114 LYS A CG  1 
ATOM   614  C CD  . LYS A 1 75  ? -15.092 16.485  -14.271 1.00 46.33  ? 114 LYS A CD  1 
ATOM   615  C CE  . LYS A 1 75  ? -14.658 16.691  -15.706 1.00 39.94  ? 114 LYS A CE  1 
ATOM   616  N NZ  . LYS A 1 75  ? -14.335 15.432  -16.410 1.00 43.07  ? 114 LYS A NZ  1 
ATOM   617  N N   . PRO A 1 76  ? -11.830 13.752  -10.516 1.00 36.83  ? 115 PRO A N   1 
ATOM   618  C CA  . PRO A 1 76  ? -10.771 13.544  -9.536  1.00 37.73  ? 115 PRO A CA  1 
ATOM   619  C C   . PRO A 1 76  ? -10.099 14.880  -9.196  1.00 40.88  ? 115 PRO A C   1 
ATOM   620  O O   . PRO A 1 76  ? -10.198 15.852  -9.959  1.00 39.04  ? 115 PRO A O   1 
ATOM   621  C CB  . PRO A 1 76  ? -9.818  12.597  -10.265 1.00 38.97  ? 115 PRO A CB  1 
ATOM   622  C CG  . PRO A 1 76  ? -9.955  13.028  -11.711 1.00 39.80  ? 115 PRO A CG  1 
ATOM   623  C CD  . PRO A 1 76  ? -11.422 13.368  -11.875 1.00 39.44  ? 115 PRO A CD  1 
ATOM   624  N N   . GLU A 1 77  ? -9.465  14.918  -8.028  1.00 37.59  ? 116 GLU A N   1 
ATOM   625  C CA  . GLU A 1 77  ? -8.526  15.988  -7.651  1.00 38.45  ? 116 GLU A CA  1 
ATOM   626  C C   . GLU A 1 77  ? -7.237  15.694  -8.405  1.00 39.08  ? 116 GLU A C   1 
ATOM   627  O O   . GLU A 1 77  ? -6.990  14.564  -8.865  1.00 34.82  ? 116 GLU A O   1 
ATOM   628  C CB  . GLU A 1 77  ? -8.405  16.077  -6.131  1.00 42.97  ? 116 GLU A CB  1 
ATOM   629  C CG  . GLU A 1 77  ? -9.746  16.346  -5.456  1.00 49.10  ? 116 GLU A CG  1 
ATOM   630  C CD  . GLU A 1 77  ? -9.785  16.107  -3.961  1.00 55.30  ? 116 GLU A CD  1 
ATOM   631  O OE1 . GLU A 1 77  ? -8.735  16.241  -3.302  1.00 54.40  ? 116 GLU A OE1 1 
ATOM   632  O OE2 . GLU A 1 77  ? -10.873 15.767  -3.465  1.00 66.52  ? 116 GLU A OE2 1 
ATOM   633  N N   . PRO A 1 78  ? -6.410  16.736  -8.628  1.00 35.82  ? 117 PRO A N   1 
ATOM   634  C CA  . PRO A 1 78  ? -5.083  16.550  -9.210  1.00 38.19  ? 117 PRO A CA  1 
ATOM   635  C C   . PRO A 1 78  ? -4.302  15.495  -8.410  1.00 38.70  ? 117 PRO A C   1 
ATOM   636  O O   . PRO A 1 78  ? -4.474  15.444  -7.190  1.00 37.05  ? 117 PRO A O   1 
ATOM   637  C CB  . PRO A 1 78  ? -4.467  17.953  -9.087  1.00 39.62  ? 117 PRO A CB  1 
ATOM   638  C CG  . PRO A 1 78  ? -5.673  18.865  -9.201  1.00 37.99  ? 117 PRO A CG  1 
ATOM   639  C CD  . PRO A 1 78  ? -6.744  18.151  -8.403  1.00 39.43  ? 117 PRO A CD  1 
ATOM   640  N N   . GLN A 1 79  ? -3.506  14.683  -9.106  1.00 41.11  ? 118 GLN A N   1 
ATOM   641  C CA  . GLN A 1 79  ? -2.805  13.510  -8.514  1.00 47.31  ? 118 GLN A CA  1 
ATOM   642  C C   . GLN A 1 79  ? -2.008  13.958  -7.287  1.00 46.21  ? 118 GLN A C   1 
ATOM   643  O O   . GLN A 1 79  ? -1.283  14.962  -7.383  1.00 39.35  ? 118 GLN A O   1 
ATOM   644  C CB  . GLN A 1 79  ? -1.894  12.837  -9.543  1.00 53.90  ? 118 GLN A CB  1 
ATOM   645  C CG  . GLN A 1 79  ? -2.665  12.098  -10.631 1.00 65.52  ? 118 GLN A CG  1 
ATOM   646  C CD  . GLN A 1 79  ? -2.712  10.594  -10.466 1.00 71.17  ? 118 GLN A CD  1 
ATOM   647  O OE1 . GLN A 1 79  ? -2.190  10.026  -9.508  1.00 75.87  ? 118 GLN A OE1 1 
ATOM   648  N NE2 . GLN A 1 79  ? -3.356  9.935   -11.416 1.00 71.98  ? 118 GLN A NE2 1 
ATOM   649  N N   . ALA A 1 80  ? -2.122  13.203  -6.185  1.00 48.56  ? 119 ALA A N   1 
ATOM   650  C CA  . ALA A 1 80  ? -1.246  13.297  -4.993  1.00 50.88  ? 119 ALA A CA  1 
ATOM   651  C C   . ALA A 1 80  ? 0.210   13.372  -5.463  1.00 50.41  ? 119 ALA A C   1 
ATOM   652  O O   . ALA A 1 80  ? 0.553   12.782  -6.494  1.00 44.91  ? 119 ALA A O   1 
ATOM   653  C CB  . ALA A 1 80  ? -1.491  12.100  -4.091  1.00 47.67  ? 119 ALA A CB  1 
ATOM   654  N N   . PRO A 1 81  ? 1.113   14.111  -4.778  1.00 52.67  ? 120 PRO A N   1 
ATOM   655  C CA  . PRO A 1 81  ? 2.521   14.142  -5.188  1.00 60.10  ? 120 PRO A CA  1 
ATOM   656  C C   . PRO A 1 81  ? 3.105   12.726  -5.101  1.00 63.42  ? 120 PRO A C   1 
ATOM   657  O O   . PRO A 1 81  ? 2.563   11.915  -4.342  1.00 65.16  ? 120 PRO A O   1 
ATOM   658  C CB  . PRO A 1 81  ? 3.210   15.092  -4.197  1.00 59.19  ? 120 PRO A CB  1 
ATOM   659  C CG  . PRO A 1 81  ? 2.256   15.164  -3.016  1.00 57.17  ? 120 PRO A CG  1 
ATOM   660  C CD  . PRO A 1 81  ? 0.865   14.922  -3.575  1.00 54.66  ? 120 PRO A CD  1 
ATOM   661  N N   . SER A 1 82  ? 4.134   12.437  -5.902  1.00 62.30  ? 121 SER A N   1 
ATOM   662  C CA  . SER A 1 82  ? 4.906   11.167  -5.821  1.00 63.06  ? 121 SER A CA  1 
ATOM   663  C C   . SER A 1 82  ? 5.448   11.023  -4.397  1.00 54.65  ? 121 SER A C   1 
ATOM   664  O O   . SER A 1 82  ? 6.301   11.842  -3.984  1.00 54.07  ? 121 SER A O   1 
ATOM   665  C CB  . SER A 1 82  ? 6.012   11.116  -6.840  1.00 65.81  ? 121 SER A CB  1 
ATOM   666  O OG  . SER A 1 82  ? 5.478   10.801  -8.113  1.00 72.37  ? 121 SER A OG  1 
ATOM   667  N N   . CYS A 1 83  ? 4.883   10.098  -3.628  1.00 43.83  ? 122 CYS A N   1 
ATOM   668  C CA  . CYS A 1 83  ? 5.382   9.754   -2.279  1.00 37.40  ? 122 CYS A CA  1 
ATOM   669  C C   . CYS A 1 83  ? 5.814   8.288   -2.337  1.00 36.77  ? 122 CYS A C   1 
ATOM   670  O O   . CYS A 1 83  ? 4.971   7.440   -2.747  1.00 34.74  ? 122 CYS A O   1 
ATOM   671  C CB  . CYS A 1 83  ? 4.317   9.974   -1.209  1.00 40.21  ? 122 CYS A CB  1 
ATOM   672  S SG  . CYS A 1 83  ? 3.843   11.708  -0.933  1.00 41.04  ? 122 CYS A SG  1 
ATOM   673  N N   . VAL A 1 84  ? 7.071   8.012   -1.990  1.00 31.63  ? 123 VAL A N   1 
ATOM   674  C CA  . VAL A 1 84  ? 7.604   6.632   -1.867  1.00 32.28  ? 123 VAL A CA  1 
ATOM   675  C C   . VAL A 1 84  ? 8.025   6.432   -0.415  1.00 29.78  ? 123 VAL A C   1 
ATOM   676  O O   . VAL A 1 84  ? 8.565   7.365   0.199   1.00 31.09  ? 123 VAL A O   1 
ATOM   677  C CB  . VAL A 1 84  ? 8.749   6.374   -2.859  1.00 33.46  ? 123 VAL A CB  1 
ATOM   678  C CG1 . VAL A 1 84  ? 9.238   4.948   -2.759  1.00 36.90  ? 123 VAL A CG1 1 
ATOM   679  C CG2 . VAL A 1 84  ? 8.348   6.683   -4.297  1.00 35.49  ? 123 VAL A CG2 1 
ATOM   680  N N   . TYR A 1 85  ? 7.632   5.299   0.163   1.00 25.52  ? 124 TYR A N   1 
ATOM   681  C CA  . TYR A 1 85  ? 8.040   4.852   1.506   1.00 26.22  ? 124 TYR A CA  1 
ATOM   682  C C   . TYR A 1 85  ? 9.149   3.824   1.341   1.00 25.53  ? 124 TYR A C   1 
ATOM   683  O O   . TYR A 1 85  ? 8.975   2.883   0.540   1.00 28.09  ? 124 TYR A O   1 
ATOM   684  C CB  . TYR A 1 85  ? 6.857   4.235   2.240   1.00 25.48  ? 124 TYR A CB  1 
ATOM   685  C CG  . TYR A 1 85  ? 7.181   3.727   3.609   1.00 24.14  ? 124 TYR A CG  1 
ATOM   686  C CD1 . TYR A 1 85  ? 7.316   4.589   4.685   1.00 28.13  ? 124 TYR A CD1 1 
ATOM   687  C CD2 . TYR A 1 85  ? 7.342   2.378   3.845   1.00 25.14  ? 124 TYR A CD2 1 
ATOM   688  C CE1 . TYR A 1 85  ? 7.634   4.123   5.951   1.00 27.31  ? 124 TYR A CE1 1 
ATOM   689  C CE2 . TYR A 1 85  ? 7.626   1.892   5.111   1.00 26.62  ? 124 TYR A CE2 1 
ATOM   690  C CZ  . TYR A 1 85  ? 7.761   2.766   6.177   1.00 25.52  ? 124 TYR A CZ  1 
ATOM   691  O OH  . TYR A 1 85  ? 8.058   2.242   7.407   1.00 26.89  ? 124 TYR A OH  1 
ATOM   692  N N   . ILE A 1 86  ? 10.260  4.027   2.045   1.00 27.05  ? 125 ILE A N   1 
ATOM   693  C CA  . ILE A 1 86  ? 11.415  3.103   2.028   1.00 25.17  ? 125 ILE A CA  1 
ATOM   694  C C   . ILE A 1 86  ? 11.248  2.187   3.223   1.00 23.83  ? 125 ILE A C   1 
ATOM   695  O O   . ILE A 1 86  ? 11.172  2.679   4.353   1.00 23.76  ? 125 ILE A O   1 
ATOM   696  C CB  . ILE A 1 86  ? 12.750  3.863   2.077   1.00 27.55  ? 125 ILE A CB  1 
ATOM   697  C CG1 . ILE A 1 86  ? 12.919  4.830   0.906   1.00 32.40  ? 125 ILE A CG1 1 
ATOM   698  C CG2 . ILE A 1 86  ? 13.903  2.865   2.149   1.00 29.29  ? 125 ILE A CG2 1 
ATOM   699  C CD1 . ILE A 1 86  ? 13.878  5.953   1.217   1.00 33.42  ? 125 ILE A CD1 1 
ATOM   700  N N   . HIS A 1 87  ? 11.168  0.882   3.001   1.00 24.12  ? 126 HIS A N   1 
ATOM   701  C CA  . HIS A 1 87  ? 11.050  -0.080  4.115   1.00 23.12  ? 126 HIS A CA  1 
ATOM   702  C C   . HIS A 1 87  ? 12.245  0.128   5.040   1.00 24.94  ? 126 HIS A C   1 
ATOM   703  O O   . HIS A 1 87  ? 13.354  0.270   4.566   1.00 23.82  ? 126 HIS A O   1 
ATOM   704  C CB  . HIS A 1 87  ? 10.918  -1.526  3.618   1.00 22.79  ? 126 HIS A CB  1 
ATOM   705  C CG  . HIS A 1 87  ? 10.580  -2.438  4.732   1.00 22.31  ? 126 HIS A CG  1 
ATOM   706  N ND1 . HIS A 1 87  ? 11.505  -2.778  5.700   1.00 23.62  ? 126 HIS A ND1 1 
ATOM   707  C CD2 . HIS A 1 87  ? 9.416   -3.019  5.089   1.00 22.67  ? 126 HIS A CD2 1 
ATOM   708  C CE1 . HIS A 1 87  ? 10.933  -3.584  6.571   1.00 24.56  ? 126 HIS A CE1 1 
ATOM   709  N NE2 . HIS A 1 87  ? 9.647   -3.719  6.248   1.00 24.90  ? 126 HIS A NE2 1 
ATOM   710  N N   . PRO A 1 88  ? 12.050  0.308   6.363   1.00 26.34  ? 127 PRO A N   1 
ATOM   711  C CA  . PRO A 1 88  ? 13.163  0.658   7.243   1.00 29.36  ? 127 PRO A CA  1 
ATOM   712  C C   . PRO A 1 88  ? 14.320  -0.358  7.335   1.00 27.89  ? 127 PRO A C   1 
ATOM   713  O O   . PRO A 1 88  ? 15.402  0.038   7.751   1.00 28.72  ? 127 PRO A O   1 
ATOM   714  C CB  . PRO A 1 88  ? 12.545  0.831   8.635   1.00 30.92  ? 127 PRO A CB  1 
ATOM   715  C CG  . PRO A 1 88  ? 11.080  0.407   8.508   1.00 30.15  ? 127 PRO A CG  1 
ATOM   716  C CD  . PRO A 1 88  ? 10.742  0.315   7.033   1.00 28.61  ? 127 PRO A CD  1 
ATOM   717  N N   . ASP A 1 89  ? 14.112  -1.609  6.917   1.00 25.50  ? 128 ASP A N   1 
ATOM   718  C CA  . ASP A 1 89  ? 15.208  -2.628  6.880   1.00 25.02  ? 128 ASP A CA  1 
ATOM   719  C C   . ASP A 1 89  ? 16.144  -2.349  5.690   1.00 25.42  ? 128 ASP A C   1 
ATOM   720  O O   . ASP A 1 89  ? 17.211  -3.006  5.608   1.00 26.90  ? 128 ASP A O   1 
ATOM   721  C CB  . ASP A 1 89  ? 14.670  -4.057  6.810   1.00 25.17  ? 128 ASP A CB  1 
ATOM   722  C CG  . ASP A 1 89  ? 13.861  -4.538  8.011   1.00 27.09  ? 128 ASP A CG  1 
ATOM   723  O OD1 . ASP A 1 89  ? 13.692  -3.738  8.978   1.00 29.10  ? 128 ASP A OD1 1 
ATOM   724  O OD2 . ASP A 1 89  ? 13.388  -5.702  7.977   1.00 26.16  ? 128 ASP A OD2 1 
ATOM   725  N N   . SER A 1 90  ? 15.816  -1.422  4.784   1.00 24.50  ? 129 SER A N   1 
ATOM   726  C CA  . SER A 1 90  ? 16.621  -1.173  3.553   1.00 24.55  ? 129 SER A CA  1 
ATOM   727  C C   . SER A 1 90  ? 17.915  -0.448  3.902   1.00 24.82  ? 129 SER A C   1 
ATOM   728  O O   . SER A 1 90  ? 17.913  0.398   4.797   1.00 25.23  ? 129 SER A O   1 
ATOM   729  C CB  . SER A 1 90  ? 15.869  -0.361  2.512   1.00 23.27  ? 129 SER A CB  1 
ATOM   730  O OG  . SER A 1 90  ? 14.590  -0.894  2.256   1.00 22.99  ? 129 SER A OG  1 
ATOM   731  N N   . PRO A 1 91  ? 19.043  -0.671  3.199   1.00 27.11  ? 130 PRO A N   1 
ATOM   732  C CA  . PRO A 1 91  ? 19.233  -1.767  2.256   1.00 24.62  ? 130 PRO A CA  1 
ATOM   733  C C   . PRO A 1 91  ? 19.530  -3.054  3.031   1.00 24.40  ? 130 PRO A C   1 
ATOM   734  O O   . PRO A 1 91  ? 20.007  -2.966  4.139   1.00 25.09  ? 130 PRO A O   1 
ATOM   735  C CB  . PRO A 1 91  ? 20.479  -1.371  1.446   1.00 28.63  ? 130 PRO A CB  1 
ATOM   736  C CG  . PRO A 1 91  ? 21.276  -0.490  2.402   1.00 29.27  ? 130 PRO A CG  1 
ATOM   737  C CD  . PRO A 1 91  ? 20.245  0.181   3.290   1.00 28.46  ? 130 PRO A CD  1 
ATOM   738  N N   . ASN A 1 92  ? 19.272  -4.226  2.452   1.00 24.05  ? 131 ASN A N   1 
ATOM   739  C CA  . ASN A 1 92  ? 19.552  -5.486  3.176   1.00 22.92  ? 131 ASN A CA  1 
ATOM   740  C C   . ASN A 1 92  ? 19.722  -6.631  2.180   1.00 21.80  ? 131 ASN A C   1 
ATOM   741  O O   . ASN A 1 92  ? 19.339  -6.513  1.007   1.00 22.54  ? 131 ASN A O   1 
ATOM   742  C CB  . ASN A 1 92  ? 18.451  -5.781  4.198   1.00 23.97  ? 131 ASN A CB  1 
ATOM   743  C CG  . ASN A 1 92  ? 18.982  -6.211  5.532   1.00 26.19  ? 131 ASN A CG  1 
ATOM   744  O OD1 . ASN A 1 92  ? 19.875  -7.055  5.590   1.00 27.88  ? 131 ASN A OD1 1 
ATOM   745  N ND2 . ASN A 1 92  ? 18.435  -5.636  6.592   1.00 26.60  ? 131 ASN A ND2 1 
ATOM   746  N N   . PHE A 1 93  ? 20.346  -7.694  2.650   1.00 22.75  ? 132 PHE A N   1 
ATOM   747  C CA  . PHE A 1 93  ? 20.613  -8.907  1.854   1.00 23.70  ? 132 PHE A CA  1 
ATOM   748  C C   . PHE A 1 93  ? 19.316  -9.547  1.363   1.00 23.88  ? 132 PHE A C   1 
ATOM   749  O O   . PHE A 1 93  ? 18.317  -9.534  2.092   1.00 22.18  ? 132 PHE A O   1 
ATOM   750  C CB  . PHE A 1 93  ? 21.364  -9.914  2.710   1.00 23.02  ? 132 PHE A CB  1 
ATOM   751  C CG  . PHE A 1 93  ? 22.742  -9.469  3.091   1.00 25.16  ? 132 PHE A CG  1 
ATOM   752  C CD1 . PHE A 1 93  ? 23.748  -9.466  2.153   1.00 26.41  ? 132 PHE A CD1 1 
ATOM   753  C CD2 . PHE A 1 93  ? 23.009  -9.048  4.377   1.00 25.52  ? 132 PHE A CD2 1 
ATOM   754  C CE1 . PHE A 1 93  ? 25.025  -9.071  2.511   1.00 28.93  ? 132 PHE A CE1 1 
ATOM   755  C CE2 . PHE A 1 93  ? 24.287  -8.660  4.733   1.00 27.32  ? 132 PHE A CE2 1 
ATOM   756  C CZ  . PHE A 1 93  ? 25.291  -8.705  3.809   1.00 26.09  ? 132 PHE A CZ  1 
ATOM   757  N N   . GLY A 1 94  ? 19.340  -10.140 0.161   1.00 22.68  ? 133 GLY A N   1 
ATOM   758  C CA  . GLY A 1 94  ? 18.279  -11.055 -0.279  1.00 23.75  ? 133 GLY A CA  1 
ATOM   759  C C   . GLY A 1 94  ? 17.885  -12.011 0.835   1.00 22.88  ? 133 GLY A C   1 
ATOM   760  O O   . GLY A 1 94  ? 16.666  -12.231 1.045   1.00 22.86  ? 133 GLY A O   1 
ATOM   761  N N   . ALA A 1 95  ? 18.858  -12.576 1.554   1.00 22.14  ? 134 ALA A N   1 
ATOM   762  C CA  . ALA A 1 95  ? 18.578  -13.610 2.580   1.00 24.02  ? 134 ALA A CA  1 
ATOM   763  C C   . ALA A 1 95  ? 17.661  -12.994 3.650   1.00 22.27  ? 134 ALA A C   1 
ATOM   764  O O   . ALA A 1 95  ? 16.766  -13.714 4.151   1.00 24.04  ? 134 ALA A O   1 
ATOM   765  C CB  . ALA A 1 95  ? 19.857  -14.155 3.185   1.00 24.71  ? 134 ALA A CB  1 
ATOM   766  N N   . HIS A 1 96  ? 17.900  -11.729 4.006   1.00 23.08  ? 135 HIS A N   1 
ATOM   767  C CA  . HIS A 1 96  ? 17.098  -11.011 5.027   1.00 23.25  ? 135 HIS A CA  1 
ATOM   768  C C   . HIS A 1 96  ? 15.641  -10.897 4.569   1.00 22.38  ? 135 HIS A C   1 
ATOM   769  O O   . HIS A 1 96  ? 14.724  -11.179 5.370   1.00 24.27  ? 135 HIS A O   1 
ATOM   770  C CB  . HIS A 1 96  ? 17.677  -9.633  5.321   1.00 25.28  ? 135 HIS A CB  1 
ATOM   771  C CG  . HIS A 1 96  ? 16.795  -8.836  6.213   1.00 27.57  ? 135 HIS A CG  1 
ATOM   772  N ND1 . HIS A 1 96  ? 16.889  -8.908  7.597   1.00 29.58  ? 135 HIS A ND1 1 
ATOM   773  C CD2 . HIS A 1 96  ? 15.775  -7.989  5.937   1.00 25.83  ? 135 HIS A CD2 1 
ATOM   774  C CE1 . HIS A 1 96  ? 15.982  -8.093  8.125   1.00 27.55  ? 135 HIS A CE1 1 
ATOM   775  N NE2 . HIS A 1 96  ? 15.288  -7.528  7.133   1.00 27.81  ? 135 HIS A NE2 1 
ATOM   776  N N   . TRP A 1 97  ? 15.428  -10.435 3.336   1.00 21.55  ? 136 TRP A N   1 
ATOM   777  C CA  . TRP A 1 97  ? 14.063  -10.215 2.813   1.00 20.48  ? 136 TRP A CA  1 
ATOM   778  C C   . TRP A 1 97  ? 13.332  -11.554 2.682   1.00 22.33  ? 136 TRP A C   1 
ATOM   779  O O   . TRP A 1 97  ? 12.092  -11.540 2.781   1.00 24.23  ? 136 TRP A O   1 
ATOM   780  C CB  . TRP A 1 97  ? 14.085  -9.439  1.494   1.00 20.42  ? 136 TRP A CB  1 
ATOM   781  C CG  . TRP A 1 97  ? 14.768  -8.109  1.565   1.00 20.74  ? 136 TRP A CG  1 
ATOM   782  C CD1 . TRP A 1 97  ? 15.946  -7.771  0.957   1.00 22.79  ? 136 TRP A CD1 1 
ATOM   783  C CD2 . TRP A 1 97  ? 14.328  -6.927  2.260   1.00 21.47  ? 136 TRP A CD2 1 
ATOM   784  N NE1 . TRP A 1 97  ? 16.262  -6.468  1.220   1.00 20.63  ? 136 TRP A NE1 1 
ATOM   785  C CE2 . TRP A 1 97  ? 15.275  -5.915  1.995   1.00 20.86  ? 136 TRP A CE2 1 
ATOM   786  C CE3 . TRP A 1 97  ? 13.203  -6.606  3.029   1.00 21.30  ? 136 TRP A CE3 1 
ATOM   787  C CZ2 . TRP A 1 97  ? 15.159  -4.624  2.503   1.00 20.90  ? 136 TRP A CZ2 1 
ATOM   788  C CZ3 . TRP A 1 97  ? 13.088  -5.331  3.543   1.00 22.13  ? 136 TRP A CZ3 1 
ATOM   789  C CH2 . TRP A 1 97  ? 14.033  -4.339  3.248   1.00 22.17  ? 136 TRP A CH2 1 
ATOM   790  N N   . MET A 1 98  ? 14.038  -12.666 2.390   1.00 22.41  ? 137 MET A N   1 
ATOM   791  C CA  . MET A 1 98  ? 13.372  -13.965 2.116   1.00 21.60  ? 137 MET A CA  1 
ATOM   792  C C   . MET A 1 98  ? 13.151  -14.799 3.393   1.00 23.16  ? 137 MET A C   1 
ATOM   793  O O   . MET A 1 98  ? 12.340  -15.734 3.323   1.00 27.64  ? 137 MET A O   1 
ATOM   794  C CB  . MET A 1 98  ? 14.169  -14.782 1.096   1.00 22.13  ? 137 MET A CB  1 
ATOM   795  C CG  . MET A 1 98  ? 14.317  -14.070 -0.218  1.00 24.81  ? 137 MET A CG  1 
ATOM   796  S SD  . MET A 1 98  ? 15.046  -15.063 -1.519  1.00 25.50  ? 137 MET A SD  1 
ATOM   797  C CE  . MET A 1 98  ? 16.789  -14.954 -1.113  1.00 28.02  ? 137 MET A CE  1 
ATOM   798  N N   . LYS A 1 99  ? 13.786  -14.498 4.523   1.00 25.61  ? 138 LYS A N   1 
ATOM   799  C CA  . LYS A 1 99  ? 13.766  -15.422 5.681   1.00 29.14  ? 138 LYS A CA  1 
ATOM   800  C C   . LYS A 1 99  ? 12.447  -15.317 6.449   1.00 30.94  ? 138 LYS A C   1 
ATOM   801  O O   . LYS A 1 99  ? 12.099  -16.250 7.178   1.00 31.13  ? 138 LYS A O   1 
ATOM   802  C CB  . LYS A 1 99  ? 14.947  -15.150 6.600   1.00 30.25  ? 138 LYS A CB  1 
ATOM   803  C CG  . LYS A 1 99  ? 14.855  -13.885 7.427   1.00 30.79  ? 138 LYS A CG  1 
ATOM   804  C CD  . LYS A 1 99  ? 16.092  -13.707 8.254   1.00 35.87  ? 138 LYS A CD  1 
ATOM   805  C CE  . LYS A 1 99  ? 16.349  -12.302 8.744   1.00 40.94  ? 138 LYS A CE  1 
ATOM   806  N NZ  . LYS A 1 99  ? 17.810  -12.105 8.914   1.00 44.21  ? 138 LYS A NZ  1 
ATOM   807  N N   . ALA A 1 100 ? 11.756  -14.199 6.313   1.00 27.80  ? 139 ALA A N   1 
ATOM   808  C CA  . ALA A 1 100 ? 10.475  -13.950 6.988   1.00 27.52  ? 139 ALA A CA  1 
ATOM   809  C C   . ALA A 1 100 ? 9.727   -12.910 6.184   1.00 26.89  ? 139 ALA A C   1 
ATOM   810  O O   . ALA A 1 100 ? 10.343  -12.095 5.495   1.00 23.03  ? 139 ALA A O   1 
ATOM   811  C CB  . ALA A 1 100 ? 10.699  -13.462 8.396   1.00 28.68  ? 139 ALA A CB  1 
ATOM   812  N N   . PRO A 1 101 ? 8.388   -12.886 6.317   1.00 27.35  ? 140 PRO A N   1 
ATOM   813  C CA  . PRO A 1 101 ? 7.582   -11.936 5.557   1.00 25.28  ? 140 PRO A CA  1 
ATOM   814  C C   . PRO A 1 101 ? 8.019   -10.485 5.817   1.00 25.22  ? 140 PRO A C   1 
ATOM   815  O O   . PRO A 1 101 ? 8.398   -10.149 6.921   1.00 25.96  ? 140 PRO A O   1 
ATOM   816  C CB  . PRO A 1 101 ? 6.153   -12.224 6.049   1.00 29.18  ? 140 PRO A CB  1 
ATOM   817  C CG  . PRO A 1 101 ? 6.218   -13.653 6.546   1.00 30.78  ? 140 PRO A CG  1 
ATOM   818  C CD  . PRO A 1 101 ? 7.589   -13.771 7.178   1.00 29.10  ? 140 PRO A CD  1 
ATOM   819  N N   . VAL A 1 102 ? 7.957   -9.662  4.776   1.00 23.34  ? 141 VAL A N   1 
ATOM   820  C CA  . VAL A 1 102 ? 8.348   -8.221  4.789   1.00 24.44  ? 141 VAL A CA  1 
ATOM   821  C C   . VAL A 1 102 ? 7.064   -7.454  5.109   1.00 25.31  ? 141 VAL A C   1 
ATOM   822  O O   . VAL A 1 102 ? 6.090   -7.532  4.339   1.00 24.60  ? 141 VAL A O   1 
ATOM   823  C CB  . VAL A 1 102 ? 8.974   -7.797  3.443   1.00 25.50  ? 141 VAL A CB  1 
ATOM   824  C CG1 . VAL A 1 102 ? 9.407   -6.344  3.429   1.00 25.45  ? 141 VAL A CG1 1 
ATOM   825  C CG2 . VAL A 1 102 ? 10.128  -8.719  3.074   1.00 24.74  ? 141 VAL A CG2 1 
ATOM   826  N N   A SER A 1 103 ? 7.055   -6.730  6.230   0.25 25.30  ? 142 SER A N   1 
ATOM   827  N N   B SER A 1 103 ? 7.051   -6.727  6.228   0.25 25.98  ? 142 SER A N   1 
ATOM   828  C CA  A SER A 1 103 ? 5.850   -6.043  6.770   0.25 25.25  ? 142 SER A CA  1 
ATOM   829  C CA  B SER A 1 103 ? 5.840   -6.044  6.760   0.25 26.34  ? 142 SER A CA  1 
ATOM   830  C C   A SER A 1 103 ? 6.038   -4.526  6.701   0.25 24.03  ? 142 SER A C   1 
ATOM   831  C C   B SER A 1 103 ? 6.029   -4.526  6.713   0.25 24.64  ? 142 SER A C   1 
ATOM   832  O O   A SER A 1 103 ? 7.049   -4.049  7.203   0.25 25.35  ? 142 SER A O   1 
ATOM   833  O O   B SER A 1 103 ? 7.025   -4.050  7.248   0.25 25.94  ? 142 SER A O   1 
ATOM   834  C CB  A SER A 1 103 ? 5.563   -6.486  8.182   0.25 25.81  ? 142 SER A CB  1 
ATOM   835  C CB  B SER A 1 103 ? 5.526   -6.507  8.157   0.25 27.68  ? 142 SER A CB  1 
ATOM   836  O OG  A SER A 1 103 ? 4.566   -5.666  8.770   0.25 26.86  ? 142 SER A OG  1 
ATOM   837  O OG  B SER A 1 103 ? 5.018   -7.831  8.140   0.25 30.70  ? 142 SER A OG  1 
ATOM   838  N N   . PHE A 1 104 ? 5.075   -3.807  6.117   1.00 23.76  ? 143 PHE A N   1 
ATOM   839  C CA  . PHE A 1 104 ? 5.104   -2.334  6.011   1.00 23.77  ? 143 PHE A CA  1 
ATOM   840  C C   . PHE A 1 104 ? 4.273   -1.730  7.149   1.00 26.30  ? 143 PHE A C   1 
ATOM   841  O O   . PHE A 1 104 ? 3.373   -0.891  6.919   1.00 25.09  ? 143 PHE A O   1 
ATOM   842  C CB  . PHE A 1 104 ? 4.647   -1.926  4.616   1.00 24.29  ? 143 PHE A CB  1 
ATOM   843  C CG  . PHE A 1 104 ? 5.652   -2.236  3.542   1.00 23.48  ? 143 PHE A CG  1 
ATOM   844  C CD1 . PHE A 1 104 ? 6.594   -1.290  3.146   1.00 25.48  ? 143 PHE A CD1 1 
ATOM   845  C CD2 . PHE A 1 104 ? 5.654   -3.486  2.938   1.00 26.31  ? 143 PHE A CD2 1 
ATOM   846  C CE1 . PHE A 1 104 ? 7.503   -1.582  2.142   1.00 25.11  ? 143 PHE A CE1 1 
ATOM   847  C CE2 . PHE A 1 104 ? 6.572   -3.777  1.945   1.00 26.91  ? 143 PHE A CE2 1 
ATOM   848  C CZ  . PHE A 1 104 ? 7.485   -2.833  1.551   1.00 27.11  ? 143 PHE A CZ  1 
ATOM   849  N N   . SER A 1 105 ? 4.564   -2.136  8.378   1.00 25.92  ? 144 SER A N   1 
ATOM   850  C CA  . SER A 1 105 ? 3.665   -1.860  9.529   1.00 29.26  ? 144 SER A CA  1 
ATOM   851  C C   . SER A 1 105 ? 3.695   -0.375  9.926   1.00 29.69  ? 144 SER A C   1 
ATOM   852  O O   . SER A 1 105 ? 2.688   0.090   10.492  1.00 31.42  ? 144 SER A O   1 
ATOM   853  C CB  . SER A 1 105 ? 4.013   -2.742  10.693  1.00 33.17  ? 144 SER A CB  1 
ATOM   854  O OG  . SER A 1 105 ? 5.353   -2.516  11.039  1.00 34.16  ? 144 SER A OG  1 
ATOM   855  N N   . LYS A 1 106 ? 4.759   0.356   9.597   1.00 28.14  ? 145 LYS A N   1 
ATOM   856  C CA  . LYS A 1 106 ? 4.978   1.731   10.113  1.00 28.80  ? 145 LYS A CA  1 
ATOM   857  C C   . LYS A 1 106 ? 4.570   2.807   9.102   1.00 30.12  ? 145 LYS A C   1 
ATOM   858  O O   . LYS A 1 106 ? 4.568   3.982   9.520   1.00 27.67  ? 145 LYS A O   1 
ATOM   859  C CB  . LYS A 1 106 ? 6.445   1.936   10.504  1.00 32.59  ? 145 LYS A CB  1 
ATOM   860  C CG  . LYS A 1 106 ? 6.960   0.981   11.574  1.00 35.28  ? 145 LYS A CG  1 
ATOM   861  C CD  . LYS A 1 106 ? 6.017   0.810   12.738  1.00 46.74  ? 145 LYS A CD  1 
ATOM   862  C CE  . LYS A 1 106 ? 6.645   0.141   13.948  1.00 53.29  ? 145 LYS A CE  1 
ATOM   863  N NZ  . LYS A 1 106 ? 5.923   0.502   15.196  1.00 56.81  ? 145 LYS A NZ  1 
ATOM   864  N N   . VAL A 1 107 ? 4.289   2.474   7.838   1.00 25.60  ? 146 VAL A N   1 
ATOM   865  C CA  . VAL A 1 107 ? 3.867   3.516   6.858   1.00 27.12  ? 146 VAL A CA  1 
ATOM   866  C C   . VAL A 1 107 ? 2.584   4.202   7.372   1.00 26.42  ? 146 VAL A C   1 
ATOM   867  O O   . VAL A 1 107 ? 1.703   3.516   7.910   1.00 24.85  ? 146 VAL A O   1 
ATOM   868  C CB  . VAL A 1 107 ? 3.714   2.954   5.434   1.00 26.88  ? 146 VAL A CB  1 
ATOM   869  C CG1 . VAL A 1 107 ? 2.543   1.970   5.315   1.00 27.05  ? 146 VAL A CG1 1 
ATOM   870  C CG2 . VAL A 1 107 ? 3.603   4.097   4.432   1.00 27.57  ? 146 VAL A CG2 1 
ATOM   871  N N   . LYS A 1 108 ? 2.513   5.533   7.237   1.00 27.37  ? 147 LYS A N   1 
ATOM   872  C CA  . LYS A 1 108 ? 1.356   6.367   7.644   1.00 27.58  ? 147 LYS A CA  1 
ATOM   873  C C   . LYS A 1 108 ? 0.772   7.073   6.423   1.00 26.52  ? 147 LYS A C   1 
ATOM   874  O O   . LYS A 1 108 ? 1.522   7.608   5.589   1.00 27.62  ? 147 LYS A O   1 
ATOM   875  C CB  . LYS A 1 108 ? 1.778   7.395   8.691   1.00 29.80  ? 147 LYS A CB  1 
ATOM   876  C CG  . LYS A 1 108 ? 2.001   6.814   10.075  1.00 32.90  ? 147 LYS A CG  1 
ATOM   877  C CD  . LYS A 1 108 ? 2.294   7.883   11.106  1.00 37.53  ? 147 LYS A CD  1 
ATOM   878  C CE  . LYS A 1 108 ? 2.470   7.298   12.489  1.00 43.17  ? 147 LYS A CE  1 
ATOM   879  N NZ  . LYS A 1 108 ? 2.477   8.345   13.541  1.00 45.39  ? 147 LYS A NZ  1 
ATOM   880  N N   . LEU A 1 109 ? -0.548  7.020   6.318   1.00 27.77  ? 148 LEU A N   1 
ATOM   881  C CA  . LEU A 1 109 ? -1.309  7.675   5.240   1.00 25.97  ? 148 LEU A CA  1 
ATOM   882  C C   . LEU A 1 109 ? -1.832  9.002   5.792   1.00 25.39  ? 148 LEU A C   1 
ATOM   883  O O   . LEU A 1 109 ? -2.417  9.002   6.888   1.00 27.45  ? 148 LEU A O   1 
ATOM   884  C CB  . LEU A 1 109 ? -2.430  6.736   4.809   1.00 25.62  ? 148 LEU A CB  1 
ATOM   885  C CG  . LEU A 1 109 ? -1.993  5.333   4.402   1.00 25.49  ? 148 LEU A CG  1 
ATOM   886  C CD1 . LEU A 1 109 ? -3.203  4.556   3.865   1.00 24.50  ? 148 LEU A CD1 1 
ATOM   887  C CD2 . LEU A 1 109 ? -0.825  5.369   3.414   1.00 25.58  ? 148 LEU A CD2 1 
ATOM   888  N N   . THR A 1 110 ? -1.673  10.060  5.010   1.00 30.04  ? 149 THR A N   1 
ATOM   889  C CA  . THR A 1 110 ? -2.002  11.447  5.406   1.00 27.95  ? 149 THR A CA  1 
ATOM   890  C C   . THR A 1 110 ? -2.729  12.163  4.274   1.00 28.75  ? 149 THR A C   1 
ATOM   891  O O   . THR A 1 110 ? -2.593  11.765  3.108   1.00 25.74  ? 149 THR A O   1 
ATOM   892  C CB  . THR A 1 110 ? -0.744  12.231  5.805   1.00 31.38  ? 149 THR A CB  1 
ATOM   893  O OG1 . THR A 1 110 ? -1.205  13.396  6.478   1.00 34.53  ? 149 THR A OG1 1 
ATOM   894  C CG2 . THR A 1 110 ? 0.139   12.626  4.645   1.00 30.84  ? 149 THR A CG2 1 
ATOM   895  N N   . ASN A 1 111 ? -3.442  13.217  4.657   1.00 30.26  ? 150 ASN A N   1 
ATOM   896  C CA  . ASN A 1 111 ? -4.088  14.187  3.737   1.00 35.09  ? 150 ASN A CA  1 
ATOM   897  C C   . ASN A 1 111 ? -3.451  15.583  3.906   1.00 42.01  ? 150 ASN A C   1 
ATOM   898  O O   . ASN A 1 111 ? -4.083  16.574  3.475   1.00 47.80  ? 150 ASN A O   1 
ATOM   899  C CB  . ASN A 1 111 ? -5.602  14.169  3.940   1.00 35.13  ? 150 ASN A CB  1 
ATOM   900  C CG  . ASN A 1 111 ? -6.064  14.649  5.298   1.00 33.31  ? 150 ASN A CG  1 
ATOM   901  O OD1 . ASN A 1 111 ? -7.251  14.890  5.483   1.00 38.01  ? 150 ASN A OD1 1 
ATOM   902  N ND2 . ASN A 1 111 ? -5.171  14.788  6.258   1.00 33.11  ? 150 ASN A ND2 1 
ATOM   903  N N   . LYS A 1 112 ? -2.233  15.658  4.457   1.00 45.33  ? 151 LYS A N   1 
ATOM   904  C CA  . LYS A 1 112 ? -1.431  16.908  4.579   1.00 52.01  ? 151 LYS A CA  1 
ATOM   905  C C   . LYS A 1 112 ? 0.057   16.572  4.444   1.00 56.21  ? 151 LYS A C   1 
ATOM   906  O O   . LYS A 1 112 ? 0.521   15.684  5.193   1.00 51.91  ? 151 LYS A O   1 
ATOM   907  C CB  . LYS A 1 112 ? -1.647  17.582  5.937   1.00 56.99  ? 151 LYS A CB  1 
ATOM   908  C CG  . LYS A 1 112 ? -3.097  17.796  6.354   1.00 68.82  ? 151 LYS A CG  1 
ATOM   909  C CD  . LYS A 1 112 ? -3.702  19.105  5.884   1.00 75.66  ? 151 LYS A CD  1 
ATOM   910  C CE  . LYS A 1 112 ? -5.186  19.197  6.179   1.00 79.70  ? 151 LYS A CE  1 
ATOM   911  N NZ  . LYS A 1 112 ? -5.976  18.293  5.309   1.00 77.31  ? 151 LYS A NZ  1 
ATOM   912  N N   . LEU A 1 113 ? 0.773   17.265  3.548   1.00 61.80  ? 152 LEU A N   1 
ATOM   913  C CA  . LEU A 1 113 ? 2.264   17.266  3.488   1.00 70.91  ? 152 LEU A CA  1 
ATOM   914  C C   . LEU A 1 113 ? 2.817   17.902  4.776   1.00 65.44  ? 152 LEU A C   1 
ATOM   915  O O   . LEU A 1 113 ? 3.154   19.085  4.766   1.00 65.72  ? 152 LEU A O   1 
ATOM   916  C CB  . LEU A 1 113 ? 2.780   17.967  2.218   1.00 76.37  ? 152 LEU A CB  1 
ATOM   917  C CG  . LEU A 1 113 ? 2.209   19.336  1.801   1.00 84.95  ? 152 LEU A CG  1 
ATOM   918  C CD1 . LEU A 1 113 ? 1.097   19.204  0.769   1.00 85.43  ? 152 LEU A CD1 1 
ATOM   919  C CD2 . LEU A 1 113 ? 1.735   20.214  2.960   1.00 83.90  ? 152 LEU A CD2 1 
ATOM   920  N N   . ASN A 1 114 ? 2.897   17.122  5.856   1.00 67.50  ? 153 ASN A N   1 
ATOM   921  C CA  . ASN A 1 114 ? 3.314   17.580  7.208   1.00 67.52  ? 153 ASN A CA  1 
ATOM   922  C C   . ASN A 1 114 ? 4.577   16.811  7.621   1.00 70.59  ? 153 ASN A C   1 
ATOM   923  O O   . ASN A 1 114 ? 4.821   16.702  8.847   1.00 61.04  ? 153 ASN A O   1 
ATOM   924  C CB  . ASN A 1 114 ? 2.166   17.429  8.211   1.00 66.09  ? 153 ASN A CB  1 
ATOM   925  C CG  . ASN A 1 114 ? 1.901   15.989  8.601   1.00 68.62  ? 153 ASN A CG  1 
ATOM   926  O OD1 . ASN A 1 114 ? 2.214   15.602  9.725   1.00 72.58  ? 153 ASN A OD1 1 
ATOM   927  N ND2 . ASN A 1 114 ? 1.343   15.188  7.695   1.00 67.91  ? 153 ASN A ND2 1 
ATOM   928  N N   . GLY A 1 115 ? 5.333   16.306  6.628   1.00 72.65  ? 154 GLY A N   1 
ATOM   929  C CA  . GLY A 1 115 ? 6.635   15.620  6.778   1.00 71.00  ? 154 GLY A CA  1 
ATOM   930  C C   . GLY A 1 115 ? 6.491   14.215  7.343   1.00 71.01  ? 154 GLY A C   1 
ATOM   931  O O   . GLY A 1 115 ? 5.375   13.661  7.276   1.00 73.24  ? 154 GLY A O   1 
ATOM   932  N N   . GLY A 1 116 ? 7.596   13.650  7.842   1.00 65.85  ? 155 GLY A N   1 
ATOM   933  C CA  . GLY A 1 116 ? 7.634   12.425  8.669   1.00 62.28  ? 155 GLY A CA  1 
ATOM   934  C C   . GLY A 1 116 ? 7.564   11.133  7.864   1.00 57.79  ? 155 GLY A C   1 
ATOM   935  O O   . GLY A 1 116 ? 7.184   10.105  8.461   1.00 54.86  ? 155 GLY A O   1 
ATOM   936  N N   . GLY A 1 117 ? 7.922   11.161  6.573   1.00 58.89  ? 156 GLY A N   1 
ATOM   937  C CA  . GLY A 1 117 ? 7.939   9.979   5.681   1.00 55.30  ? 156 GLY A CA  1 
ATOM   938  C C   . GLY A 1 117 ? 6.541   9.419   5.442   1.00 56.09  ? 156 GLY A C   1 
ATOM   939  O O   . GLY A 1 117 ? 6.406   8.199   5.219   1.00 58.36  ? 156 GLY A O   1 
ATOM   940  N N   . GLN A 1 118 ? 5.538   10.292  5.465   1.00 49.97  ? 157 GLN A N   1 
ATOM   941  C CA  . GLN A 1 118 ? 4.108   9.928   5.372   1.00 44.95  ? 157 GLN A CA  1 
ATOM   942  C C   . GLN A 1 118 ? 3.731   9.891   3.891   1.00 42.68  ? 157 GLN A C   1 
ATOM   943  O O   . GLN A 1 118 ? 4.443   10.496  3.068   1.00 43.52  ? 157 GLN A O   1 
ATOM   944  C CB  . GLN A 1 118 ? 3.282   10.932  6.168   1.00 47.61  ? 157 GLN A CB  1 
ATOM   945  C CG  . GLN A 1 118 ? 3.567   10.896  7.657   1.00 49.63  ? 157 GLN A CG  1 
ATOM   946  C CD  . GLN A 1 118 ? 2.878   12.031  8.366   1.00 52.35  ? 157 GLN A CD  1 
ATOM   947  O OE1 . GLN A 1 118 ? 1.844   12.517  7.927   1.00 54.58  ? 157 GLN A OE1 1 
ATOM   948  N NE2 . GLN A 1 118 ? 3.475   12.493  9.450   1.00 60.73  ? 157 GLN A NE2 1 
ATOM   949  N N   . ILE A 1 119 ? 2.669   9.174   3.551   1.00 33.33  ? 158 ILE A N   1 
ATOM   950  C CA  . ILE A 1 119 ? 2.200   9.093   2.147   1.00 29.30  ? 158 ILE A CA  1 
ATOM   951  C C   . ILE A 1 119 ? 0.938   9.957   2.039   1.00 26.91  ? 158 ILE A C   1 
ATOM   952  O O   . ILE A 1 119 ? -0.042  9.674   2.740   1.00 25.60  ? 158 ILE A O   1 
ATOM   953  C CB  . ILE A 1 119 ? 1.945   7.629   1.739   1.00 31.56  ? 158 ILE A CB  1 
ATOM   954  C CG1 . ILE A 1 119 ? 3.194   6.745   1.851   1.00 32.78  ? 158 ILE A CG1 1 
ATOM   955  C CG2 . ILE A 1 119 ? 1.309   7.584   0.362   1.00 30.53  ? 158 ILE A CG2 1 
ATOM   956  C CD1 . ILE A 1 119 ? 4.133   6.807   0.674   1.00 35.97  ? 158 ILE A CD1 1 
ATOM   957  N N   . MET A 1 120 ? 0.989   10.996  1.201   1.00 29.16  ? 159 MET A N   1 
ATOM   958  C CA  . MET A 1 120 ? -0.160  11.884  0.938   1.00 33.34  ? 159 MET A CA  1 
ATOM   959  C C   . MET A 1 120 ? -1.147  11.172  0.012   1.00 28.19  ? 159 MET A C   1 
ATOM   960  O O   . MET A 1 120 ? -0.711  10.778  -1.078  1.00 27.20  ? 159 MET A O   1 
ATOM   961  C CB  . MET A 1 120 ? 0.296   13.149  0.214   1.00 38.42  ? 159 MET A CB  1 
ATOM   962  C CG  . MET A 1 120 ? -0.885  14.007  -0.170  1.00 43.61  ? 159 MET A CG  1 
ATOM   963  S SD  . MET A 1 120 ? -1.241  15.083  1.206   1.00 55.75  ? 159 MET A SD  1 
ATOM   964  C CE  . MET A 1 120 ? -0.462  16.556  0.558   1.00 58.52  ? 159 MET A CE  1 
ATOM   965  N N   . LEU A 1 121 ? -2.426  11.068  0.388   1.00 27.72  ? 160 LEU A N   1 
ATOM   966  C CA  . LEU A 1 121 ? -3.463  10.513  -0.508  1.00 26.85  ? 160 LEU A CA  1 
ATOM   967  C C   . LEU A 1 121 ? -4.643  11.486  -0.571  1.00 28.76  ? 160 LEU A C   1 
ATOM   968  O O   . LEU A 1 121 ? -4.810  12.265  0.364   1.00 29.69  ? 160 LEU A O   1 
ATOM   969  C CB  . LEU A 1 121 ? -3.921  9.148   0.013   1.00 27.81  ? 160 LEU A CB  1 
ATOM   970  C CG  . LEU A 1 121 ? -2.872  8.030   0.079   1.00 24.85  ? 160 LEU A CG  1 
ATOM   971  C CD1 . LEU A 1 121 ? -3.531  6.759   0.554   1.00 25.40  ? 160 LEU A CD1 1 
ATOM   972  C CD2 . LEU A 1 121 ? -2.205  7.770   -1.255  1.00 25.22  ? 160 LEU A CD2 1 
ATOM   973  N N   . ASN A 1 122 ? -5.410  11.454  -1.652  1.00 26.86  ? 161 ASN A N   1 
ATOM   974  C CA  . ASN A 1 122 ? -6.632  12.288  -1.777  1.00 27.01  ? 161 ASN A CA  1 
ATOM   975  C C   . ASN A 1 122 ? -7.823  11.506  -1.206  1.00 26.17  ? 161 ASN A C   1 
ATOM   976  O O   . ASN A 1 122 ? -8.102  10.390  -1.674  1.00 25.93  ? 161 ASN A O   1 
ATOM   977  C CB  . ASN A 1 122 ? -6.852  12.726  -3.222  1.00 27.23  ? 161 ASN A CB  1 
ATOM   978  C CG  . ASN A 1 122 ? -5.743  13.635  -3.724  1.00 28.34  ? 161 ASN A CG  1 
ATOM   979  O OD1 . ASN A 1 122 ? -5.192  14.418  -2.963  1.00 36.17  ? 161 ASN A OD1 1 
ATOM   980  N ND2 . ASN A 1 122 ? -5.421  13.550  -4.996  1.00 34.07  ? 161 ASN A ND2 1 
ATOM   981  N N   . SER A 1 123 ? -8.539  12.113  -0.270  1.00 26.69  ? 162 SER A N   1 
ATOM   982  C CA  . SER A 1 123 ? -9.802  11.587  0.290   1.00 29.19  ? 162 SER A CA  1 
ATOM   983  C C   . SER A 1 123 ? -10.773 11.289  -0.854  1.00 27.13  ? 162 SER A C   1 
ATOM   984  O O   . SER A 1 123 ? -10.839 12.085  -1.820  1.00 26.49  ? 162 SER A O   1 
ATOM   985  C CB  . SER A 1 123 ? -10.382 12.529  1.303   1.00 34.52  ? 162 SER A CB  1 
ATOM   986  O OG  . SER A 1 123 ? -11.423 11.862  2.006   1.00 42.52  ? 162 SER A OG  1 
ATOM   987  N N   . LEU A 1 124 ? -11.435 10.138  -0.758  1.00 25.59  ? 163 LEU A N   1 
ATOM   988  C CA  . LEU A 1 124 ? -12.496 9.637   -1.664  1.00 25.77  ? 163 LEU A CA  1 
ATOM   989  C C   . LEU A 1 124 ? -11.920 9.254   -3.026  1.00 24.38  ? 163 LEU A C   1 
ATOM   990  O O   . LEU A 1 124 ? -12.699 9.027   -3.955  1.00 23.46  ? 163 LEU A O   1 
ATOM   991  C CB  . LEU A 1 124 ? -13.631 10.674  -1.747  1.00 25.90  ? 163 LEU A CB  1 
ATOM   992  C CG  . LEU A 1 124 ? -14.299 10.986  -0.404  1.00 31.07  ? 163 LEU A CG  1 
ATOM   993  C CD1 . LEU A 1 124 ? -15.422 12.013  -0.566  1.00 33.81  ? 163 LEU A CD1 1 
ATOM   994  C CD2 . LEU A 1 124 ? -14.843 9.722   0.248   1.00 28.83  ? 163 LEU A CD2 1 
ATOM   995  N N   . HIS A 1 125 ? -10.611 9.004   -3.094  1.00 25.68  ? 164 HIS A N   1 
ATOM   996  C CA  . HIS A 1 125 ? -9.937  8.392   -4.257  1.00 23.88  ? 164 HIS A CA  1 
ATOM   997  C C   . HIS A 1 125 ? -9.463  6.990   -3.876  1.00 22.47  ? 164 HIS A C   1 
ATOM   998  O O   . HIS A 1 125 ? -9.080  6.766   -2.680  1.00 22.89  ? 164 HIS A O   1 
ATOM   999  C CB  . HIS A 1 125 ? -8.793  9.288   -4.749  1.00 24.01  ? 164 HIS A CB  1 
ATOM   1000 C CG  . HIS A 1 125 ? -9.265  10.617  -5.239  1.00 25.97  ? 164 HIS A CG  1 
ATOM   1001 N ND1 . HIS A 1 125 ? -9.786  11.541  -4.399  1.00 26.48  ? 164 HIS A ND1 1 
ATOM   1002 C CD2 . HIS A 1 125 ? -9.205  11.191  -6.464  1.00 29.34  ? 164 HIS A CD2 1 
ATOM   1003 C CE1 . HIS A 1 125 ? -10.093 12.629  -5.086  1.00 31.38  ? 164 HIS A CE1 1 
ATOM   1004 N NE2 . HIS A 1 125 ? -9.751  12.434  -6.352  1.00 29.40  ? 164 HIS A NE2 1 
ATOM   1005 N N   . LYS A 1 126 ? -9.522  6.089   -4.851  1.00 21.02  ? 165 LYS A N   1 
ATOM   1006 C CA  . LYS A 1 126 ? -9.116  4.668   -4.695  1.00 21.67  ? 165 LYS A CA  1 
ATOM   1007 C C   . LYS A 1 126 ? -7.643  4.522   -5.080  1.00 22.33  ? 165 LYS A C   1 
ATOM   1008 O O   . LYS A 1 126 ? -7.223  5.100   -6.095  1.00 22.89  ? 165 LYS A O   1 
ATOM   1009 C CB  . LYS A 1 126 ? -9.983  3.785   -5.579  1.00 24.49  ? 165 LYS A CB  1 
ATOM   1010 C CG  . LYS A 1 126 ? -9.737  2.292   -5.471  1.00 27.51  ? 165 LYS A CG  1 
ATOM   1011 C CD  . LYS A 1 126 ? -10.695 1.441   -6.304  1.00 31.26  ? 165 LYS A CD  1 
ATOM   1012 C CE  . LYS A 1 126 ? -12.086 1.447   -5.692  1.00 36.73  ? 165 LYS A CE  1 
ATOM   1013 N NZ  . LYS A 1 126 ? -12.963 0.379   -6.221  1.00 42.54  ? 165 LYS A NZ  1 
ATOM   1014 N N   . TYR A 1 127 ? -6.906  3.725   -4.313  1.00 21.05  ? 166 TYR A N   1 
ATOM   1015 C CA  . TYR A 1 127 ? -5.448  3.505   -4.497  1.00 22.56  ? 166 TYR A CA  1 
ATOM   1016 C C   . TYR A 1 127 ? -5.165  2.014   -4.452  1.00 22.98  ? 166 TYR A C   1 
ATOM   1017 O O   . TYR A 1 127 ? -5.899  1.250   -3.783  1.00 22.93  ? 166 TYR A O   1 
ATOM   1018 C CB  . TYR A 1 127 ? -4.675  4.248   -3.424  1.00 22.65  ? 166 TYR A CB  1 
ATOM   1019 C CG  . TYR A 1 127 ? -4.767  5.740   -3.563  1.00 23.12  ? 166 TYR A CG  1 
ATOM   1020 C CD1 . TYR A 1 127 ? -3.926  6.407   -4.446  1.00 23.22  ? 166 TYR A CD1 1 
ATOM   1021 C CD2 . TYR A 1 127 ? -5.697  6.479   -2.851  1.00 22.86  ? 166 TYR A CD2 1 
ATOM   1022 C CE1 . TYR A 1 127 ? -3.999  7.778   -4.596  1.00 24.35  ? 166 TYR A CE1 1 
ATOM   1023 C CE2 . TYR A 1 127 ? -5.777  7.850   -2.993  1.00 24.14  ? 166 TYR A CE2 1 
ATOM   1024 C CZ  . TYR A 1 127 ? -4.915  8.504   -3.849  1.00 25.29  ? 166 TYR A CZ  1 
ATOM   1025 O OH  . TYR A 1 127 ? -5.021  9.861   -4.010  1.00 26.44  ? 166 TYR A OH  1 
ATOM   1026 N N   . GLU A 1 128 ? -4.073  1.626   -5.107  1.00 22.58  ? 167 GLU A N   1 
ATOM   1027 C CA  . GLU A 1 128 ? -3.570  0.234   -5.105  1.00 24.00  ? 167 GLU A CA  1 
ATOM   1028 C C   . GLU A 1 128 ? -2.101  0.277   -4.708  1.00 23.19  ? 167 GLU A C   1 
ATOM   1029 O O   . GLU A 1 128 ? -1.267  0.847   -5.430  1.00 23.66  ? 167 GLU A O   1 
ATOM   1030 C CB  . GLU A 1 128 ? -3.798  -0.394  -6.472  1.00 26.16  ? 167 GLU A CB  1 
ATOM   1031 C CG  . GLU A 1 128 ? -3.436  -1.867  -6.543  1.00 30.78  ? 167 GLU A CG  1 
ATOM   1032 C CD  . GLU A 1 128 ? -3.614  -2.432  -7.945  1.00 37.72  ? 167 GLU A CD  1 
ATOM   1033 O OE1 . GLU A 1 128 ? -2.689  -2.245  -8.775  1.00 39.18  ? 167 GLU A OE1 1 
ATOM   1034 O OE2 . GLU A 1 128 ? -4.721  -2.963  -8.240  1.00 42.52  ? 167 GLU A OE2 1 
ATOM   1035 N N   . PRO A 1 129 ? -1.763  -0.319  -3.542  1.00 24.25  ? 168 PRO A N   1 
ATOM   1036 C CA  . PRO A 1 129 ? -0.376  -0.493  -3.127  1.00 22.89  ? 168 PRO A CA  1 
ATOM   1037 C C   . PRO A 1 129 ? 0.480   -1.201  -4.182  1.00 22.85  ? 168 PRO A C   1 
ATOM   1038 O O   . PRO A 1 129 ? 0.022   -2.147  -4.834  1.00 22.26  ? 168 PRO A O   1 
ATOM   1039 C CB  . PRO A 1 129 ? -0.489  -1.327  -1.849  1.00 24.14  ? 168 PRO A CB  1 
ATOM   1040 C CG  . PRO A 1 129 ? -1.852  -0.950  -1.303  1.00 24.67  ? 168 PRO A CG  1 
ATOM   1041 C CD  . PRO A 1 129 ? -2.707  -0.841  -2.538  1.00 23.87  ? 168 PRO A CD  1 
ATOM   1042 N N   . ARG A 1 130 ? 1.734   -0.768  -4.259  1.00 21.80  ? 169 ARG A N   1 
ATOM   1043 C CA  . ARG A 1 130 ? 2.727   -1.271  -5.226  1.00 22.61  ? 169 ARG A CA  1 
ATOM   1044 C C   . ARG A 1 130 ? 4.070   -1.335  -4.505  1.00 22.99  ? 169 ARG A C   1 
ATOM   1045 O O   . ARG A 1 130 ? 4.453   -0.352  -3.867  1.00 22.37  ? 169 ARG A O   1 
ATOM   1046 C CB  . ARG A 1 130 ? 2.762   -0.376  -6.462  1.00 24.49  ? 169 ARG A CB  1 
ATOM   1047 C CG  . ARG A 1 130 ? 3.784   -0.809  -7.499  1.00 24.43  ? 169 ARG A CG  1 
ATOM   1048 C CD  . ARG A 1 130 ? 3.649   -0.036  -8.798  1.00 25.90  ? 169 ARG A CD  1 
ATOM   1049 N NE  . ARG A 1 130 ? 3.888   1.379   -8.565  1.00 23.00  ? 169 ARG A NE  1 
ATOM   1050 C CZ  . ARG A 1 130 ? 4.011   2.262   -9.550  1.00 26.07  ? 169 ARG A CZ  1 
ATOM   1051 N NH1 . ARG A 1 130 ? 3.854   1.862   -10.795 1.00 26.81  ? 169 ARG A NH1 1 
ATOM   1052 N NH2 . ARG A 1 130 ? 4.286   3.528   -9.292  1.00 25.15  ? 169 ARG A NH2 1 
ATOM   1053 N N   . ILE A 1 131 ? 4.744   -2.476  -4.567  1.00 22.83  ? 170 ILE A N   1 
ATOM   1054 C CA  . ILE A 1 131 ? 6.080   -2.640  -3.933  1.00 23.33  ? 170 ILE A CA  1 
ATOM   1055 C C   . ILE A 1 131 ? 7.127   -2.692  -5.031  1.00 22.87  ? 170 ILE A C   1 
ATOM   1056 O O   . ILE A 1 131 ? 6.872   -3.385  -6.038  1.00 23.76  ? 170 ILE A O   1 
ATOM   1057 C CB  . ILE A 1 131 ? 6.118   -3.908  -3.057  1.00 24.92  ? 170 ILE A CB  1 
ATOM   1058 C CG1 . ILE A 1 131 ? 5.207   -3.715  -1.840  1.00 27.76  ? 170 ILE A CG1 1 
ATOM   1059 C CG2 . ILE A 1 131 ? 7.553   -4.245  -2.660  1.00 25.48  ? 170 ILE A CG2 1 
ATOM   1060 C CD1 . ILE A 1 131 ? 5.015   -4.994  -1.030  1.00 28.79  ? 170 ILE A CD1 1 
ATOM   1061 N N   . HIS A 1 132 ? 8.243   -1.991  -4.828  1.00 21.52  ? 171 HIS A N   1 
ATOM   1062 C CA  . HIS A 1 132 ? 9.413   -1.983  -5.726  1.00 22.30  ? 171 HIS A CA  1 
ATOM   1063 C C   . HIS A 1 132 ? 10.589  -2.616  -4.989  1.00 21.94  ? 171 HIS A C   1 
ATOM   1064 O O   . HIS A 1 132 ? 10.818  -2.258  -3.842  1.00 23.10  ? 171 HIS A O   1 
ATOM   1065 C CB  . HIS A 1 132 ? 9.777   -0.572  -6.156  1.00 24.66  ? 171 HIS A CB  1 
ATOM   1066 C CG  . HIS A 1 132 ? 8.603   0.187   -6.662  1.00 26.46  ? 171 HIS A CG  1 
ATOM   1067 N ND1 . HIS A 1 132 ? 8.263   0.189   -7.989  1.00 27.96  ? 171 HIS A ND1 1 
ATOM   1068 C CD2 . HIS A 1 132 ? 7.671   0.925   -6.012  1.00 31.81  ? 171 HIS A CD2 1 
ATOM   1069 C CE1 . HIS A 1 132 ? 7.176   0.931   -8.153  1.00 29.74  ? 171 HIS A CE1 1 
ATOM   1070 N NE2 . HIS A 1 132 ? 6.796   1.398   -6.961  1.00 27.97  ? 171 HIS A NE2 1 
ATOM   1071 N N   . ILE A 1 133 ? 11.312  -3.476  -5.669  1.00 20.77  ? 172 ILE A N   1 
ATOM   1072 C CA  . ILE A 1 133 ? 12.595  -4.031  -5.152  1.00 20.59  ? 172 ILE A CA  1 
ATOM   1073 C C   . ILE A 1 133 ? 13.710  -3.447  -6.006  1.00 22.70  ? 172 ILE A C   1 
ATOM   1074 O O   . ILE A 1 133 ? 13.692  -3.671  -7.228  1.00 22.00  ? 172 ILE A O   1 
ATOM   1075 C CB  . ILE A 1 133 ? 12.595  -5.560  -5.125  1.00 21.39  ? 172 ILE A CB  1 
ATOM   1076 C CG1 . ILE A 1 133 ? 11.387  -6.085  -4.343  1.00 20.69  ? 172 ILE A CG1 1 
ATOM   1077 C CG2 . ILE A 1 133 ? 13.909  -6.108  -4.577  1.00 20.62  ? 172 ILE A CG2 1 
ATOM   1078 C CD1 . ILE A 1 133 ? 11.131  -7.565  -4.495  1.00 22.01  ? 172 ILE A CD1 1 
ATOM   1079 N N   . VAL A 1 134 ? 14.591  -2.711  -5.351  1.00 23.75  ? 173 VAL A N   1 
ATOM   1080 C CA  . VAL A 1 134 ? 15.702  -1.933  -5.957  1.00 26.85  ? 173 VAL A CA  1 
ATOM   1081 C C   . VAL A 1 134 ? 17.015  -2.631  -5.589  1.00 26.85  ? 173 VAL A C   1 
ATOM   1082 O O   . VAL A 1 134 ? 17.305  -2.722  -4.386  1.00 28.39  ? 173 VAL A O   1 
ATOM   1083 C CB  . VAL A 1 134 ? 15.680  -0.487  -5.421  1.00 30.51  ? 173 VAL A CB  1 
ATOM   1084 C CG1 . VAL A 1 134 ? 16.713  0.392   -6.121  1.00 33.78  ? 173 VAL A CG1 1 
ATOM   1085 C CG2 . VAL A 1 134 ? 14.304  0.136   -5.506  1.00 30.90  ? 173 VAL A CG2 1 
ATOM   1086 N N   . ARG A 1 135 ? 17.776  -3.100  -6.576  1.00 24.92  ? 174 ARG A N   1 
ATOM   1087 C CA  . ARG A 1 135 ? 19.083  -3.753  -6.343  1.00 24.93  ? 174 ARG A CA  1 
ATOM   1088 C C   . ARG A 1 135 ? 20.151  -2.706  -6.035  1.00 27.26  ? 174 ARG A C   1 
ATOM   1089 O O   . ARG A 1 135 ? 20.261  -1.734  -6.796  1.00 28.44  ? 174 ARG A O   1 
ATOM   1090 C CB  . ARG A 1 135 ? 19.548  -4.570  -7.543  1.00 28.15  ? 174 ARG A CB  1 
ATOM   1091 C CG  . ARG A 1 135 ? 20.720  -5.461  -7.185  1.00 28.40  ? 174 ARG A CG  1 
ATOM   1092 C CD  . ARG A 1 135 ? 20.897  -6.601  -8.162  1.00 32.81  ? 174 ARG A CD  1 
ATOM   1093 N NE  . ARG A 1 135 ? 20.887  -6.116  -9.546  1.00 37.49  ? 174 ARG A NE  1 
ATOM   1094 C CZ  . ARG A 1 135 ? 20.647  -6.864  -10.632 1.00 40.20  ? 174 ARG A CZ  1 
ATOM   1095 N NH1 . ARG A 1 135 ? 20.689  -6.320  -11.837 1.00 36.15  ? 174 ARG A NH1 1 
ATOM   1096 N NH2 . ARG A 1 135 ? 20.310  -8.143  -10.509 1.00 42.93  ? 174 ARG A NH2 1 
ATOM   1097 N N   . VAL A 1 136 ? 20.916  -2.874  -4.953  1.00 25.74  ? 175 VAL A N   1 
ATOM   1098 C CA  . VAL A 1 136 ? 21.894  -1.809  -4.603  1.00 25.76  ? 175 VAL A CA  1 
ATOM   1099 C C   . VAL A 1 136 ? 23.187  -2.062  -5.376  1.00 26.44  ? 175 VAL A C   1 
ATOM   1100 O O   . VAL A 1 136 ? 23.500  -3.228  -5.689  1.00 24.82  ? 175 VAL A O   1 
ATOM   1101 C CB  . VAL A 1 136 ? 22.082  -1.538  -3.101  1.00 29.63  ? 175 VAL A CB  1 
ATOM   1102 C CG1 . VAL A 1 136 ? 20.929  -2.010  -2.241  1.00 28.85  ? 175 VAL A CG1 1 
ATOM   1103 C CG2 . VAL A 1 136 ? 23.438  -1.898  -2.554  1.00 30.73  ? 175 VAL A CG2 1 
ATOM   1104 N N   . GLY A 1 137 ? 23.849  -0.952  -5.712  1.00 27.10  ? 176 GLY A N   1 
ATOM   1105 C CA  . GLY A 1 137 ? 25.170  -0.918  -6.362  1.00 32.61  ? 176 GLY A CA  1 
ATOM   1106 C C   . GLY A 1 137 ? 25.081  -1.365  -7.806  1.00 32.53  ? 176 GLY A C   1 
ATOM   1107 O O   . GLY A 1 137 ? 26.077  -1.838  -8.334  1.00 35.29  ? 176 GLY A O   1 
ATOM   1108 N N   . ASP A 1 138 ? 23.901  -1.277  -8.415  1.00 30.01  ? 177 ASP A N   1 
ATOM   1109 C CA  . ASP A 1 138 ? 23.659  -1.825  -9.776  1.00 28.50  ? 177 ASP A CA  1 
ATOM   1110 C C   . ASP A 1 138 ? 23.808  -0.704  -10.801 1.00 28.27  ? 177 ASP A C   1 
ATOM   1111 O O   . ASP A 1 138 ? 23.065  0.271   -10.731 1.00 24.74  ? 177 ASP A O   1 
ATOM   1112 C CB  . ASP A 1 138 ? 22.258  -2.422  -9.866  1.00 27.71  ? 177 ASP A CB  1 
ATOM   1113 C CG  . ASP A 1 138 ? 21.976  -3.044  -11.215 1.00 28.99  ? 177 ASP A CG  1 
ATOM   1114 O OD1 . ASP A 1 138 ? 22.886  -3.046  -12.087 1.00 32.30  ? 177 ASP A OD1 1 
ATOM   1115 O OD2 . ASP A 1 138 ? 20.875  -3.486  -11.383 1.00 28.87  ? 177 ASP A OD2 1 
ATOM   1116 N N   . PRO A 1 139 ? 24.774  -0.775  -11.754 1.00 29.18  ? 178 PRO A N   1 
ATOM   1117 C CA  . PRO A 1 139 ? 24.939  0.308   -12.730 1.00 29.16  ? 178 PRO A CA  1 
ATOM   1118 C C   . PRO A 1 139 ? 23.693  0.464   -13.629 1.00 27.18  ? 178 PRO A C   1 
ATOM   1119 O O   . PRO A 1 139 ? 23.458  1.563   -14.092 1.00 27.88  ? 178 PRO A O   1 
ATOM   1120 C CB  . PRO A 1 139 ? 26.225  -0.075  -13.480 1.00 32.14  ? 178 PRO A CB  1 
ATOM   1121 C CG  . PRO A 1 139 ? 26.352  -1.565  -13.296 1.00 33.64  ? 178 PRO A CG  1 
ATOM   1122 C CD  . PRO A 1 139 ? 25.773  -1.839  -11.924 1.00 31.17  ? 178 PRO A CD  1 
ATOM   1123 N N   . GLN A 1 140 ? 22.872  -0.589  -13.764 1.00 24.63  ? 179 GLN A N   1 
ATOM   1124 C CA  . GLN A 1 140 ? 21.614  -0.577  -14.547 1.00 25.79  ? 179 GLN A CA  1 
ATOM   1125 C C   . GLN A 1 140 ? 20.416  -0.161  -13.690 1.00 23.92  ? 179 GLN A C   1 
ATOM   1126 O O   . GLN A 1 140 ? 19.313  0.024   -14.269 1.00 24.13  ? 179 GLN A O   1 
ATOM   1127 C CB  . GLN A 1 140 ? 21.321  -1.942  -15.163 1.00 27.11  ? 179 GLN A CB  1 
ATOM   1128 C CG  . GLN A 1 140 ? 22.272  -2.280  -16.300 1.00 34.95  ? 179 GLN A CG  1 
ATOM   1129 C CD  . GLN A 1 140 ? 21.865  -3.601  -16.902 1.00 37.55  ? 179 GLN A CD  1 
ATOM   1130 O OE1 . GLN A 1 140 ? 21.297  -3.665  -17.982 1.00 43.27  ? 179 GLN A OE1 1 
ATOM   1131 N NE2 . GLN A 1 140 ? 22.093  -4.656  -16.145 1.00 35.03  ? 179 GLN A NE2 1 
ATOM   1132 N N   . ARG A 1 141 ? 20.617  0.021   -12.388 1.00 23.33  ? 180 ARG A N   1 
ATOM   1133 C CA  . ARG A 1 141 ? 19.523  0.477   -11.493 1.00 26.14  ? 180 ARG A CA  1 
ATOM   1134 C C   . ARG A 1 141 ? 18.287  -0.348  -11.787 1.00 23.62  ? 180 ARG A C   1 
ATOM   1135 O O   . ARG A 1 141 ? 17.200  0.179   -11.761 1.00 25.34  ? 180 ARG A O   1 
ATOM   1136 C CB  . ARG A 1 141 ? 19.265  1.957   -11.713 1.00 29.62  ? 180 ARG A CB  1 
ATOM   1137 C CG  . ARG A 1 141 ? 20.454  2.800   -11.316 1.00 35.47  ? 180 ARG A CG  1 
ATOM   1138 C CD  . ARG A 1 141 ? 19.908  4.182   -11.171 1.00 37.95  ? 180 ARG A CD  1 
ATOM   1139 N NE  . ARG A 1 141 ? 20.499  4.747   -12.330 1.00 43.96  ? 180 ARG A NE  1 
ATOM   1140 C CZ  . ARG A 1 141 ? 19.848  5.376   -13.254 1.00 49.98  ? 180 ARG A CZ  1 
ATOM   1141 N NH1 . ARG A 1 141 ? 20.533  5.863   -14.248 1.00 50.61  ? 180 ARG A NH1 1 
ATOM   1142 N NH2 . ARG A 1 141 ? 18.558  5.603   -13.146 1.00 57.38  ? 180 ARG A NH2 1 
ATOM   1143 N N   A MET A 1 142 ? 18.464  -1.652  -11.719 0.15 23.58  ? 181 MET A N   1 
ATOM   1144 N N   B MET A 1 142 ? 18.470  -1.649  -11.660 0.14 25.16  ? 181 MET A N   1 
ATOM   1145 C CA  A MET A 1 142 ? 17.341  -2.585  -11.975 0.15 23.28  ? 181 MET A CA  1 
ATOM   1146 C CA  B MET A 1 142 ? 17.387  -2.613  -11.968 0.14 25.84  ? 181 MET A CA  1 
ATOM   1147 C C   A MET A 1 142 ? 16.315  -2.411  -10.855 0.15 22.44  ? 181 MET A C   1 
ATOM   1148 C C   B MET A 1 142 ? 16.391  -2.643  -10.802 0.14 25.55  ? 181 MET A C   1 
ATOM   1149 O O   A MET A 1 142 ? 16.713  -2.332  -9.675  0.15 21.99  ? 181 MET A O   1 
ATOM   1150 O O   B MET A 1 142 ? 16.822  -2.829  -9.643  0.14 25.75  ? 181 MET A O   1 
ATOM   1151 C CB  A MET A 1 142 ? 17.782  -4.048  -12.051 0.15 24.02  ? 181 MET A CB  1 
ATOM   1152 C CB  B MET A 1 142 ? 17.951  -4.007  -12.238 0.14 27.12  ? 181 MET A CB  1 
ATOM   1153 C CG  A MET A 1 142 ? 16.641  -4.990  -12.409 0.15 24.65  ? 181 MET A CG  1 
ATOM   1154 C CG  B MET A 1 142 ? 16.895  -4.974  -12.713 0.14 28.39  ? 181 MET A CG  1 
ATOM   1155 S SD  A MET A 1 142 ? 17.209  -6.685  -12.680 0.15 25.69  ? 181 MET A SD  1 
ATOM   1156 S SD  B MET A 1 142 ? 16.055  -5.693  -11.318 0.14 29.68  ? 181 MET A SD  1 
ATOM   1157 C CE  A MET A 1 142 ? 15.658  -7.583  -12.651 0.15 24.97  ? 181 MET A CE  1 
ATOM   1158 C CE  B MET A 1 142 ? 17.411  -6.741  -10.802 0.14 29.59  ? 181 MET A CE  1 
ATOM   1159 N N   A ILE A 1 143 ? 15.047  -2.299  -11.238 0.15 22.22  ? 182 ILE A N   1 
ATOM   1160 N N   B ILE A 1 143 ? 15.107  -2.460  -11.120 0.14 25.19  ? 182 ILE A N   1 
ATOM   1161 C CA  A ILE A 1 143 ? 13.896  -2.292  -10.293 0.15 22.32  ? 182 ILE A CA  1 
ATOM   1162 C CA  B ILE A 1 143 ? 13.984  -2.359  -10.139 0.14 24.98  ? 182 ILE A CA  1 
ATOM   1163 C C   A ILE A 1 143 ? 12.908  -3.365  -10.751 0.15 22.03  ? 182 ILE A C   1 
ATOM   1164 C C   B ILE A 1 143 ? 12.808  -3.191  -10.667 0.14 24.28  ? 182 ILE A C   1 
ATOM   1165 O O   A ILE A 1 143 ? 12.767  -3.574  -11.975 0.15 21.61  ? 182 ILE A O   1 
ATOM   1166 O O   B ILE A 1 143 ? 12.423  -3.001  -11.840 0.14 22.36  ? 182 ILE A O   1 
ATOM   1167 C CB  A ILE A 1 143 ? 13.249  -0.898  -10.220 0.15 22.21  ? 182 ILE A CB  1 
ATOM   1168 C CB  B ILE A 1 143 ? 13.615  -0.879  -9.893  0.14 25.37  ? 182 ILE A CB  1 
ATOM   1169 C CG1 A ILE A 1 143 ? 14.251  0.147   -9.721  0.15 22.64  ? 182 ILE A CG1 1 
ATOM   1170 C CG1 B ILE A 1 143 ? 12.556  -0.708  -8.802  0.14 25.52  ? 182 ILE A CG1 1 
ATOM   1171 C CG2 A ILE A 1 143 ? 11.987  -0.936  -9.373  0.15 22.03  ? 182 ILE A CG2 1 
ATOM   1172 C CG2 B ILE A 1 143 ? 13.194  -0.189  -11.178 0.14 26.10  ? 182 ILE A CG2 1 
ATOM   1173 C CD1 A ILE A 1 143 ? 13.797  1.568   -9.890  0.15 22.79  ? 182 ILE A CD1 1 
ATOM   1174 C CD1 B ILE A 1 143 ? 12.328  0.740   -8.416  0.14 25.82  ? 182 ILE A CD1 1 
ATOM   1175 N N   A THR A 1 144 ? 12.273  -4.029  -9.790  0.15 21.05  ? 183 THR A N   1 
ATOM   1176 N N   B THR A 1 144 ? 12.283  -4.094  -9.831  0.14 23.16  ? 183 THR A N   1 
ATOM   1177 C CA  A THR A 1 144 ? 11.084  -4.886  -10.013 0.15 21.04  ? 183 THR A CA  1 
ATOM   1178 C CA  B THR A 1 144 ? 11.093  -4.938  -10.121 0.14 23.05  ? 183 THR A CA  1 
ATOM   1179 C C   A THR A 1 144 ? 9.912   -4.214  -9.300  0.15 20.98  ? 183 THR A C   1 
ATOM   1180 C C   B THR A 1 144 ? 9.923   -4.425  -9.283  0.14 23.15  ? 183 THR A C   1 
ATOM   1181 O O   A THR A 1 144 ? 10.145  -3.609  -8.231  0.15 20.71  ? 183 THR A O   1 
ATOM   1182 O O   B THR A 1 144 ? 10.064  -4.403  -8.045  0.14 23.55  ? 183 THR A O   1 
ATOM   1183 C CB  A THR A 1 144 ? 11.338  -6.328  -9.561  0.15 21.51  ? 183 THR A CB  1 
ATOM   1184 C CB  B THR A 1 144 ? 11.359  -6.422  -9.841  0.14 23.16  ? 183 THR A CB  1 
ATOM   1185 O OG1 A THR A 1 144 ? 11.478  -6.322  -8.141  0.15 22.25  ? 183 THR A OG1 1 
ATOM   1186 O OG1 B THR A 1 144 ? 12.593  -6.773  -10.464 0.14 23.29  ? 183 THR A OG1 1 
ATOM   1187 C CG2 A THR A 1 144 ? 12.567  -6.944  -10.193 0.15 21.63  ? 183 THR A CG2 1 
ATOM   1188 C CG2 B THR A 1 144 ? 10.270  -7.332  -10.366 0.14 23.20  ? 183 THR A CG2 1 
ATOM   1189 N N   A SER A 1 145 ? 8.717   -4.288  -9.890  0.15 20.57  ? 184 SER A N   1 
ATOM   1190 N N   B SER A 1 145 ? 8.824   -4.029  -9.935  0.14 22.40  ? 184 SER A N   1 
ATOM   1191 C CA  A SER A 1 145 ? 7.475   -3.689  -9.345  0.15 20.88  ? 184 SER A CA  1 
ATOM   1192 C CA  B SER A 1 145 ? 7.597   -3.517  -9.273  0.14 21.79  ? 184 SER A CA  1 
ATOM   1193 C C   A SER A 1 145 ? 6.351   -4.726  -9.408  0.15 20.29  ? 184 SER A C   1 
ATOM   1194 C C   B SER A 1 145 ? 6.533   -4.616  -9.251  0.14 20.53  ? 184 SER A C   1 
ATOM   1195 O O   A SER A 1 145 ? 6.101   -5.254  -10.511 0.15 19.62  ? 184 SER A O   1 
ATOM   1196 O O   B SER A 1 145 ? 6.603   -5.545  -10.080 0.14 20.11  ? 184 SER A O   1 
ATOM   1197 C CB  A SER A 1 145 ? 7.105   -2.427  -10.084 0.15 21.14  ? 184 SER A CB  1 
ATOM   1198 C CB  B SER A 1 145 ? 7.081   -2.266  -9.928  0.14 22.31  ? 184 SER A CB  1 
ATOM   1199 O OG  A SER A 1 145 ? 8.248   -1.607  -10.302 0.15 21.91  ? 184 SER A OG  1 
ATOM   1200 O OG  B SER A 1 145 ? 6.744   -2.508  -11.279 0.14 23.24  ? 184 SER A OG  1 
ATOM   1201 N N   A HIS A 1 146 ? 5.739   -5.021  -8.255  0.15 20.90  ? 185 HIS A N   1 
ATOM   1202 N N   B HIS A 1 146 ? 5.589   -4.500  -8.317  0.14 19.54  ? 185 HIS A N   1 
ATOM   1203 C CA  A HIS A 1 146 ? 4.514   -5.851  -8.120  0.15 21.13  ? 185 HIS A CA  1 
ATOM   1204 C CA  B HIS A 1 146 ? 4.632   -5.569  -7.940  0.14 19.31  ? 185 HIS A CA  1 
ATOM   1205 C C   A HIS A 1 146 ? 3.389   -4.974  -7.559  0.15 21.09  ? 185 HIS A C   1 
ATOM   1206 C C   B HIS A 1 146 ? 3.337   -4.911  -7.458  0.14 20.02  ? 185 HIS A C   1 
ATOM   1207 O O   A HIS A 1 146 ? 3.646   -4.191  -6.625  0.15 21.56  ? 185 HIS A O   1 
ATOM   1208 O O   B HIS A 1 146 ? 3.420   -4.197  -6.440  0.14 20.41  ? 185 HIS A O   1 
ATOM   1209 C CB  A HIS A 1 146 ? 4.738   -7.086  -7.226  0.15 21.39  ? 185 HIS A CB  1 
ATOM   1210 C CB  B HIS A 1 146 ? 5.270   -6.442  -6.846  0.14 18.18  ? 185 HIS A CB  1 
ATOM   1211 C CG  A HIS A 1 146 ? 5.650   -8.127  -7.794  0.15 22.16  ? 185 HIS A CG  1 
ATOM   1212 C CG  B HIS A 1 146 ? 6.633   -6.949  -7.182  0.14 17.66  ? 185 HIS A CG  1 
ATOM   1213 N ND1 A HIS A 1 146 ? 5.191   -9.333  -8.317  0.15 21.93  ? 185 HIS A ND1 1 
ATOM   1214 N ND1 B HIS A 1 146 ? 7.798   -6.243  -6.892  0.14 17.41  ? 185 HIS A ND1 1 
ATOM   1215 C CD2 A HIS A 1 146 ? 6.995   -8.166  -7.873  0.15 21.70  ? 185 HIS A CD2 1 
ATOM   1216 C CD2 B HIS A 1 146 ? 7.022   -8.088  -7.792  0.14 17.47  ? 185 HIS A CD2 1 
ATOM   1217 C CE1 A HIS A 1 146 ? 6.224   -10.048 -8.712  0.15 22.60  ? 185 HIS A CE1 1 
ATOM   1218 C CE1 B HIS A 1 146 ? 8.837   -6.937  -7.307  0.14 17.85  ? 185 HIS A CE1 1 
ATOM   1219 N NE2 A HIS A 1 146 ? 7.342   -9.360  -8.446  0.15 22.39  ? 185 HIS A NE2 1 
ATOM   1220 N NE2 B HIS A 1 146 ? 8.393   -8.072  -7.862  0.14 18.11  ? 185 HIS A NE2 1 
ATOM   1221 N N   . CYS A 1 147 ? 2.196   -5.126  -8.131  1.00 22.49  ? 186 CYS A N   1 
ATOM   1222 C CA  . CYS A 1 147 ? 0.915   -4.530  -7.666  1.00 23.91  ? 186 CYS A CA  1 
ATOM   1223 C C   . CYS A 1 147 ? 0.128   -5.588  -6.892  1.00 23.81  ? 186 CYS A C   1 
ATOM   1224 O O   . CYS A 1 147 ? 0.244   -6.759  -7.240  1.00 22.72  ? 186 CYS A O   1 
ATOM   1225 C CB  . CYS A 1 147 ? 0.126   -4.024  -8.863  1.00 26.26  ? 186 CYS A CB  1 
ATOM   1226 S SG  . CYS A 1 147 ? 1.060   -2.732  -9.713  1.00 29.88  ? 186 CYS A SG  1 
ATOM   1227 N N   . PHE A 1 148 ? -0.717  -5.155  -5.957  1.00 23.79  ? 187 PHE A N   1 
ATOM   1228 C CA  . PHE A 1 148 ? -1.491  -6.035  -5.053  1.00 25.85  ? 187 PHE A CA  1 
ATOM   1229 C C   . PHE A 1 148 ? -2.968  -5.646  -5.120  1.00 28.58  ? 187 PHE A C   1 
ATOM   1230 O O   . PHE A 1 148 ? -3.438  -4.853  -4.309  1.00 23.39  ? 187 PHE A O   1 
ATOM   1231 C CB  . PHE A 1 148 ? -0.914  -5.932  -3.651  1.00 25.06  ? 187 PHE A CB  1 
ATOM   1232 C CG  . PHE A 1 148 ? 0.497   -6.432  -3.610  1.00 23.30  ? 187 PHE A CG  1 
ATOM   1233 C CD1 . PHE A 1 148 ? 0.768   -7.786  -3.553  1.00 24.89  ? 187 PHE A CD1 1 
ATOM   1234 C CD2 . PHE A 1 148 ? 1.549   -5.538  -3.753  1.00 25.38  ? 187 PHE A CD2 1 
ATOM   1235 C CE1 . PHE A 1 148 ? 2.071   -8.243  -3.608  1.00 26.30  ? 187 PHE A CE1 1 
ATOM   1236 C CE2 . PHE A 1 148 ? 2.855   -6.007  -3.798  1.00 24.91  ? 187 PHE A CE2 1 
ATOM   1237 C CZ  . PHE A 1 148 ? 3.102   -7.344  -3.742  1.00 24.84  ? 187 PHE A CZ  1 
ATOM   1238 N N   . PRO A 1 149 ? -3.689  -6.111  -6.154  1.00 32.08  ? 188 PRO A N   1 
ATOM   1239 C CA  . PRO A 1 149 ? -5.080  -5.695  -6.375  1.00 30.56  ? 188 PRO A CA  1 
ATOM   1240 C C   . PRO A 1 149 ? -6.010  -6.091  -5.217  1.00 28.23  ? 188 PRO A C   1 
ATOM   1241 O O   . PRO A 1 149 ? -7.019  -5.409  -5.040  1.00 24.78  ? 188 PRO A O   1 
ATOM   1242 C CB  . PRO A 1 149 ? -5.489  -6.431  -7.663  1.00 35.37  ? 188 PRO A CB  1 
ATOM   1243 C CG  . PRO A 1 149 ? -4.501  -7.575  -7.792  1.00 38.42  ? 188 PRO A CG  1 
ATOM   1244 C CD  . PRO A 1 149 ? -3.212  -7.037  -7.203  1.00 36.35  ? 188 PRO A CD  1 
ATOM   1245 N N   . GLU A 1 150 ? -5.660  -7.127  -4.455  1.00 27.97  ? 189 GLU A N   1 
ATOM   1246 C CA  . GLU A 1 150 ? -6.430  -7.551  -3.253  1.00 27.15  ? 189 GLU A CA  1 
ATOM   1247 C C   . GLU A 1 150 ? -6.443  -6.427  -2.212  1.00 23.73  ? 189 GLU A C   1 
ATOM   1248 O O   . GLU A 1 150 ? -7.306  -6.488  -1.318  1.00 25.01  ? 189 GLU A O   1 
ATOM   1249 C CB  . GLU A 1 150 ? -5.852  -8.786  -2.573  1.00 33.04  ? 189 GLU A CB  1 
ATOM   1250 C CG  . GLU A 1 150 ? -5.855  -10.007 -3.466  1.00 34.88  ? 189 GLU A CG  1 
ATOM   1251 C CD  . GLU A 1 150 ? -4.524  -10.298 -4.124  1.00 37.64  ? 189 GLU A CD  1 
ATOM   1252 O OE1 . GLU A 1 150 ? -4.300  -11.495 -4.391  1.00 43.02  ? 189 GLU A OE1 1 
ATOM   1253 O OE2 . GLU A 1 150 ? -3.719  -9.348  -4.349  1.00 35.58  ? 189 GLU A OE2 1 
ATOM   1254 N N   . THR A 1 151 ? -5.485  -5.494  -2.273  1.00 21.56  ? 190 THR A N   1 
ATOM   1255 C CA  . THR A 1 151 ? -5.215  -4.505  -1.204  1.00 21.88  ? 190 THR A CA  1 
ATOM   1256 C C   . THR A 1 151 ? -5.763  -3.127  -1.590  1.00 19.75  ? 190 THR A C   1 
ATOM   1257 O O   . THR A 1 151 ? -5.533  -2.211  -0.842  1.00 21.11  ? 190 THR A O   1 
ATOM   1258 C CB  . THR A 1 151 ? -3.723  -4.407  -0.843  1.00 23.41  ? 190 THR A CB  1 
ATOM   1259 O OG1 . THR A 1 151 ? -2.993  -3.861  -1.933  1.00 22.00  ? 190 THR A OG1 1 
ATOM   1260 C CG2 . THR A 1 151 ? -3.098  -5.736  -0.473  1.00 24.14  ? 190 THR A CG2 1 
ATOM   1261 N N   . GLN A 1 152 ? -6.481  -2.992  -2.708  1.00 22.10  ? 191 GLN A N   1 
ATOM   1262 C CA  . GLN A 1 152 ? -7.088  -1.698  -3.114  1.00 23.77  ? 191 GLN A CA  1 
ATOM   1263 C C   . GLN A 1 152 ? -7.966  -1.165  -1.990  1.00 21.92  ? 191 GLN A C   1 
ATOM   1264 O O   . GLN A 1 152 ? -8.707  -1.961  -1.349  1.00 21.78  ? 191 GLN A O   1 
ATOM   1265 C CB  . GLN A 1 152 ? -7.980  -1.867  -4.344  1.00 25.98  ? 191 GLN A CB  1 
ATOM   1266 C CG  . GLN A 1 152 ? -7.177  -2.079  -5.616  1.00 31.91  ? 191 GLN A CG  1 
ATOM   1267 C CD  . GLN A 1 152 ? -8.050  -2.465  -6.784  1.00 38.15  ? 191 GLN A CD  1 
ATOM   1268 O OE1 . GLN A 1 152 ? -9.279  -2.433  -6.711  1.00 42.19  ? 191 GLN A OE1 1 
ATOM   1269 N NE2 . GLN A 1 152 ? -7.403  -2.888  -7.856  1.00 42.29  ? 191 GLN A NE2 1 
ATOM   1270 N N   . PHE A 1 153 ? -7.956  0.140   -1.804  1.00 20.63  ? 192 PHE A N   1 
ATOM   1271 C CA  . PHE A 1 153 ? -8.821  0.792   -0.797  1.00 21.54  ? 192 PHE A CA  1 
ATOM   1272 C C   . PHE A 1 153 ? -9.163  2.197   -1.268  1.00 23.09  ? 192 PHE A C   1 
ATOM   1273 O O   . PHE A 1 153 ? -8.410  2.770   -2.109  1.00 21.72  ? 192 PHE A O   1 
ATOM   1274 C CB  . PHE A 1 153 ? -8.125  0.845   0.569   1.00 20.74  ? 192 PHE A CB  1 
ATOM   1275 C CG  . PHE A 1 153 ? -6.843  1.628   0.572   1.00 21.88  ? 192 PHE A CG  1 
ATOM   1276 C CD1 . PHE A 1 153 ? -6.858  2.989   0.796   1.00 20.58  ? 192 PHE A CD1 1 
ATOM   1277 C CD2 . PHE A 1 153 ? -5.634  0.996   0.311   1.00 20.93  ? 192 PHE A CD2 1 
ATOM   1278 C CE1 . PHE A 1 153 ? -5.690  3.726   0.767   1.00 21.40  ? 192 PHE A CE1 1 
ATOM   1279 C CE2 . PHE A 1 153 ? -4.465  1.732   0.273   1.00 21.77  ? 192 PHE A CE2 1 
ATOM   1280 C CZ  . PHE A 1 153 ? -4.498  3.093   0.535   1.00 21.90  ? 192 PHE A CZ  1 
ATOM   1281 N N   . ILE A 1 154 ? -10.214 2.772   -0.666  1.00 21.14  ? 193 ILE A N   1 
ATOM   1282 C CA  . ILE A 1 154 ? -10.547 4.199   -0.801  1.00 21.85  ? 193 ILE A CA  1 
ATOM   1283 C C   . ILE A 1 154 ? -10.017 4.913   0.431   1.00 22.00  ? 193 ILE A C   1 
ATOM   1284 O O   . ILE A 1 154 ? -10.309 4.471   1.558   1.00 22.44  ? 193 ILE A O   1 
ATOM   1285 C CB  . ILE A 1 154 ? -12.065 4.386   -0.999  1.00 23.48  ? 193 ILE A CB  1 
ATOM   1286 C CG1 . ILE A 1 154 ? -12.506 3.630   -2.252  1.00 24.28  ? 193 ILE A CG1 1 
ATOM   1287 C CG2 . ILE A 1 154 ? -12.433 5.867   -1.049  1.00 24.21  ? 193 ILE A CG2 1 
ATOM   1288 C CD1 . ILE A 1 154 ? -13.979 3.531   -2.396  1.00 25.15  ? 193 ILE A CD1 1 
ATOM   1289 N N   . ALA A 1 155 ? -9.241  5.971   0.227   1.00 21.56  ? 194 ALA A N   1 
ATOM   1290 C CA  . ALA A 1 155 ? -8.773  6.869   1.300   1.00 23.14  ? 194 ALA A CA  1 
ATOM   1291 C C   . ALA A 1 155 ? -9.973  7.661   1.814   1.00 24.55  ? 194 ALA A C   1 
ATOM   1292 O O   . ALA A 1 155 ? -10.751 8.158   0.980   1.00 26.99  ? 194 ALA A O   1 
ATOM   1293 C CB  . ALA A 1 155 ? -7.721  7.799   0.798   1.00 24.20  ? 194 ALA A CB  1 
ATOM   1294 N N   . VAL A 1 156 ? -10.143 7.742   3.121   1.00 23.37  ? 195 VAL A N   1 
ATOM   1295 C CA  . VAL A 1 156 ? -11.299 8.489   3.709   1.00 25.87  ? 195 VAL A CA  1 
ATOM   1296 C C   . VAL A 1 156 ? -10.809 9.295   4.920   1.00 27.49  ? 195 VAL A C   1 
ATOM   1297 O O   . VAL A 1 156 ? -9.838  8.866   5.571   1.00 25.44  ? 195 VAL A O   1 
ATOM   1298 C CB  . VAL A 1 156 ? -12.453 7.533   4.076   1.00 25.30  ? 195 VAL A CB  1 
ATOM   1299 C CG1 . VAL A 1 156 ? -13.011 6.802   2.875   1.00 25.38  ? 195 VAL A CG1 1 
ATOM   1300 C CG2 . VAL A 1 156 ? -12.056 6.514   5.157   1.00 25.53  ? 195 VAL A CG2 1 
ATOM   1301 N N   . THR A 1 157 ? -11.483 10.395  5.275   1.00 27.77  ? 196 THR A N   1 
ATOM   1302 C CA  . THR A 1 157 ? -11.204 11.108  6.558   1.00 26.32  ? 196 THR A CA  1 
ATOM   1303 C C   . THR A 1 157 ? -11.964 10.447  7.713   1.00 26.87  ? 196 THR A C   1 
ATOM   1304 O O   . THR A 1 157 ? -11.636 10.702  8.848   1.00 29.27  ? 196 THR A O   1 
ATOM   1305 C CB  . THR A 1 157 ? -11.473 12.610  6.432   1.00 31.68  ? 196 THR A CB  1 
ATOM   1306 O OG1 . THR A 1 157 ? -12.850 12.749  6.096   1.00 30.93  ? 196 THR A OG1 1 
ATOM   1307 C CG2 . THR A 1 157 ? -10.609 13.258  5.377   1.00 34.35  ? 196 THR A CG2 1 
ATOM   1308 N N   . ALA A 1 158 ? -12.926 9.600   7.417   1.00 26.69  ? 197 ALA A N   1 
ATOM   1309 C CA  . ALA A 1 158 ? -13.799 8.901   8.379   1.00 28.91  ? 197 ALA A CA  1 
ATOM   1310 C C   . ALA A 1 158 ? -14.410 7.738   7.620   1.00 26.35  ? 197 ALA A C   1 
ATOM   1311 O O   . ALA A 1 158 ? -14.747 7.905   6.419   1.00 27.45  ? 197 ALA A O   1 
ATOM   1312 C CB  . ALA A 1 158 ? -14.873 9.824   8.927   1.00 29.44  ? 197 ALA A CB  1 
ATOM   1313 N N   . TYR A 1 159 ? -14.580 6.606   8.283   1.00 27.79  ? 198 TYR A N   1 
ATOM   1314 C CA  . TYR A 1 159 ? -15.202 5.416   7.671   1.00 26.64  ? 198 TYR A CA  1 
ATOM   1315 C C   . TYR A 1 159 ? -16.617 5.774   7.240   1.00 28.20  ? 198 TYR A C   1 
ATOM   1316 O O   . TYR A 1 159 ? -17.317 6.456   8.007   1.00 26.11  ? 198 TYR A O   1 
ATOM   1317 C CB  . TYR A 1 159 ? -15.184 4.242   8.631   1.00 25.93  ? 198 TYR A CB  1 
ATOM   1318 C CG  . TYR A 1 159 ? -13.797 3.706   8.866   1.00 27.59  ? 198 TYR A CG  1 
ATOM   1319 C CD1 . TYR A 1 159 ? -12.922 3.474   7.807   1.00 26.01  ? 198 TYR A CD1 1 
ATOM   1320 C CD2 . TYR A 1 159 ? -13.389 3.352   10.141  1.00 29.35  ? 198 TYR A CD2 1 
ATOM   1321 C CE1 . TYR A 1 159 ? -11.644 2.966   8.020   1.00 28.22  ? 198 TYR A CE1 1 
ATOM   1322 C CE2 . TYR A 1 159 ? -12.122 2.833   10.369  1.00 33.36  ? 198 TYR A CE2 1 
ATOM   1323 C CZ  . TYR A 1 159 ? -11.253 2.631   9.310   1.00 32.20  ? 198 TYR A CZ  1 
ATOM   1324 O OH  . TYR A 1 159 ? -10.021 2.114   9.578   1.00 32.69  ? 198 TYR A OH  1 
ATOM   1325 N N   . GLN A 1 160 ? -16.969 5.359   6.029   1.00 25.87  ? 199 GLN A N   1 
ATOM   1326 C CA  . GLN A 1 160 ? -18.307 5.541   5.420   1.00 26.89  ? 199 GLN A CA  1 
ATOM   1327 C C   . GLN A 1 160 ? -19.160 4.313   5.732   1.00 25.71  ? 199 GLN A C   1 
ATOM   1328 O O   . GLN A 1 160 ? -20.317 4.474   6.139   1.00 27.85  ? 199 GLN A O   1 
ATOM   1329 C CB  . GLN A 1 160 ? -18.129 5.776   3.915   1.00 26.80  ? 199 GLN A CB  1 
ATOM   1330 C CG  . GLN A 1 160 ? -17.227 6.953   3.605   1.00 26.90  ? 199 GLN A CG  1 
ATOM   1331 C CD  . GLN A 1 160 ? -17.829 8.231   4.119   1.00 32.61  ? 199 GLN A CD  1 
ATOM   1332 O OE1 . GLN A 1 160 ? -18.821 8.715   3.570   1.00 30.52  ? 199 GLN A OE1 1 
ATOM   1333 N NE2 . GLN A 1 160 ? -17.238 8.786   5.173   1.00 31.73  ? 199 GLN A NE2 1 
ATOM   1334 N N   . ASN A 1 161 ? -18.617 3.115   5.525   1.00 26.52  ? 200 ASN A N   1 
ATOM   1335 C CA  . ASN A 1 161 ? -19.331 1.828   5.626   1.00 26.11  ? 200 ASN A CA  1 
ATOM   1336 C C   . ASN A 1 161 ? -19.209 1.368   7.086   1.00 30.59  ? 200 ASN A C   1 
ATOM   1337 O O   . ASN A 1 161 ? -18.070 1.109   7.524   1.00 27.35  ? 200 ASN A O   1 
ATOM   1338 C CB  . ASN A 1 161 ? -18.748 0.842   4.618   1.00 27.21  ? 200 ASN A CB  1 
ATOM   1339 C CG  . ASN A 1 161 ? -19.485 -0.470  4.528   1.00 25.87  ? 200 ASN A CG  1 
ATOM   1340 O OD1 . ASN A 1 161 ? -20.360 -0.758  5.353   1.00 29.50  ? 200 ASN A OD1 1 
ATOM   1341 N ND2 . ASN A 1 161 ? -19.156 -1.256  3.518   1.00 25.64  ? 200 ASN A ND2 1 
ATOM   1342 N N   . GLU A 1 162 ? -20.324 1.286   7.823   1.00 30.29  ? 201 GLU A N   1 
ATOM   1343 C CA  . GLU A 1 162 ? -20.276 0.793   9.227   1.00 30.02  ? 201 GLU A CA  1 
ATOM   1344 C C   . GLU A 1 162 ? -19.784 -0.654  9.271   1.00 28.25  ? 201 GLU A C   1 
ATOM   1345 O O   . GLU A 1 162 ? -19.233 -1.012  10.325  1.00 29.34  ? 201 GLU A O   1 
ATOM   1346 C CB  . GLU A 1 162 ? -21.621 0.942   9.945   1.00 31.04  ? 201 GLU A CB  1 
ATOM   1347 C CG  . GLU A 1 162 ? -22.657 -0.083  9.550   1.00 35.25  ? 201 GLU A CG  1 
ATOM   1348 C CD  . GLU A 1 162 ? -23.239 0.014   8.141   1.00 37.47  ? 201 GLU A CD  1 
ATOM   1349 O OE1 . GLU A 1 162 ? -23.818 -0.981  7.701   1.00 44.21  ? 201 GLU A OE1 1 
ATOM   1350 O OE2 . GLU A 1 162 ? -23.086 1.068   7.468   1.00 40.55  ? 201 GLU A OE2 1 
ATOM   1351 N N   . GLU A 1 163 ? -19.929 -1.442  8.206   1.00 25.78  ? 202 GLU A N   1 
ATOM   1352 C CA  . GLU A 1 163 ? -19.385 -2.829  8.167   1.00 29.14  ? 202 GLU A CA  1 
ATOM   1353 C C   . GLU A 1 163 ? -17.845 -2.782  8.175   1.00 26.93  ? 202 GLU A C   1 
ATOM   1354 O O   . GLU A 1 163 ? -17.233 -3.738  8.722   1.00 26.23  ? 202 GLU A O   1 
ATOM   1355 C CB  . GLU A 1 163 ? -19.890 -3.616  6.957   1.00 32.13  ? 202 GLU A CB  1 
ATOM   1356 C CG  . GLU A 1 163 ? -21.307 -4.135  7.124   1.00 38.18  ? 202 GLU A CG  1 
ATOM   1357 C CD  . GLU A 1 163 ? -21.704 -5.094  6.029   1.00 40.12  ? 202 GLU A CD  1 
ATOM   1358 O OE1 . GLU A 1 163 ? -21.937 -6.251  6.328   1.00 55.45  ? 202 GLU A OE1 1 
ATOM   1359 O OE2 . GLU A 1 163 ? -21.783 -4.652  4.871   1.00 53.94  ? 202 GLU A OE2 1 
ATOM   1360 N N   . ILE A 1 164 ? -17.232 -1.743  7.589   1.00 25.20  ? 203 ILE A N   1 
ATOM   1361 C CA  . ILE A 1 164 ? -15.744 -1.584  7.594   1.00 25.02  ? 203 ILE A CA  1 
ATOM   1362 C C   . ILE A 1 164 ? -15.312 -1.226  9.010   1.00 27.38  ? 203 ILE A C   1 
ATOM   1363 O O   . ILE A 1 164 ? -14.367 -1.852  9.541   1.00 26.94  ? 203 ILE A O   1 
ATOM   1364 C CB  . ILE A 1 164 ? -15.256 -0.567  6.543   1.00 26.76  ? 203 ILE A CB  1 
ATOM   1365 C CG1 . ILE A 1 164 ? -15.262 -1.200  5.147   1.00 25.79  ? 203 ILE A CG1 1 
ATOM   1366 C CG2 . ILE A 1 164 ? -13.894 -0.015  6.928   1.00 27.63  ? 203 ILE A CG2 1 
ATOM   1367 C CD1 . ILE A 1 164 ? -14.273 -2.355  4.955   1.00 28.95  ? 203 ILE A CD1 1 
ATOM   1368 N N   . THR A 1 165 ? -15.985 -0.264  9.619   1.00 25.34  ? 204 THR A N   1 
ATOM   1369 C CA  . THR A 1 165 ? -15.739 0.129   11.015  1.00 27.96  ? 204 THR A CA  1 
ATOM   1370 C C   . THR A 1 165 ? -15.738 -1.128  11.883  1.00 26.39  ? 204 THR A C   1 
ATOM   1371 O O   . THR A 1 165 ? -14.770 -1.272  12.616  1.00 27.01  ? 204 THR A O   1 
ATOM   1372 C CB  . THR A 1 165 ? -16.763 1.146   11.510  1.00 29.48  ? 204 THR A CB  1 
ATOM   1373 O OG1 . THR A 1 165 ? -16.734 2.229   10.574  1.00 29.70  ? 204 THR A OG1 1 
ATOM   1374 C CG2 . THR A 1 165 ? -16.422 1.630   12.899  1.00 30.38  ? 204 THR A CG2 1 
ATOM   1375 N N   . ALA A 1 166 ? -16.726 -2.013  11.736  1.00 27.30  ? 205 ALA A N   1 
ATOM   1376 C CA  . ALA A 1 166 ? -16.880 -3.227  12.588  1.00 28.61  ? 205 ALA A CA  1 
ATOM   1377 C C   . ALA A 1 166 ? -15.773 -4.252  12.261  1.00 29.93  ? 205 ALA A C   1 
ATOM   1378 O O   . ALA A 1 166 ? -15.225 -4.864  13.207  1.00 26.61  ? 205 ALA A O   1 
ATOM   1379 C CB  . ALA A 1 166 ? -18.248 -3.830  12.413  1.00 29.37  ? 205 ALA A CB  1 
ATOM   1380 N N   . LEU A 1 167 ? -15.437 -4.431  10.981  1.00 27.18  ? 206 LEU A N   1 
ATOM   1381 C CA  . LEU A 1 167 ? -14.368 -5.385  10.551  1.00 25.87  ? 206 LEU A CA  1 
ATOM   1382 C C   . LEU A 1 167 ? -13.019 -4.942  11.108  1.00 24.84  ? 206 LEU A C   1 
ATOM   1383 O O   . LEU A 1 167 ? -12.235 -5.830  11.528  1.00 26.70  ? 206 LEU A O   1 
ATOM   1384 C CB  . LEU A 1 167 ? -14.275 -5.425  9.025   1.00 28.48  ? 206 LEU A CB  1 
ATOM   1385 C CG  . LEU A 1 167 ? -14.557 -6.718  8.271   1.00 34.12  ? 206 LEU A CG  1 
ATOM   1386 C CD1 . LEU A 1 167 ? -13.622 -6.857  7.081   1.00 33.14  ? 206 LEU A CD1 1 
ATOM   1387 C CD2 . LEU A 1 167 ? -14.534 -7.952  9.125   1.00 36.11  ? 206 LEU A CD2 1 
ATOM   1388 N N   . LYS A 1 168 ? -12.702 -3.646  11.045  1.00 25.89  ? 207 LYS A N   1 
ATOM   1389 C CA  . LYS A 1 168 ? -11.409 -3.103  11.523  1.00 27.04  ? 207 LYS A CA  1 
ATOM   1390 C C   . LYS A 1 168 ? -11.280 -3.449  13.015  1.00 30.93  ? 207 LYS A C   1 
ATOM   1391 O O   . LYS A 1 168 ? -10.177 -3.845  13.469  1.00 32.76  ? 207 LYS A O   1 
ATOM   1392 C CB  . LYS A 1 168 ? -11.358 -1.592  11.283  1.00 27.06  ? 207 LYS A CB  1 
ATOM   1393 C CG  . LYS A 1 168 ? -11.424 -1.181  9.817   1.00 26.40  ? 207 LYS A CG  1 
ATOM   1394 C CD  . LYS A 1 168 ? -10.083 -1.055  9.192   1.00 25.29  ? 207 LYS A CD  1 
ATOM   1395 C CE  . LYS A 1 168 ? -10.151 -0.581  7.748   1.00 26.55  ? 207 LYS A CE  1 
ATOM   1396 N NZ  . LYS A 1 168 ? -8.840  -0.034  7.311   1.00 25.74  ? 207 LYS A NZ  1 
ATOM   1397 N N   . ILE A 1 169 ? -12.395 -3.387  13.732  1.00 30.87  ? 208 ILE A N   1 
ATOM   1398 C CA  . ILE A 1 169 ? -12.424 -3.669  15.199  1.00 33.53  ? 208 ILE A CA  1 
ATOM   1399 C C   . ILE A 1 169 ? -12.323 -5.174  15.392  1.00 31.58  ? 208 ILE A C   1 
ATOM   1400 O O   . ILE A 1 169 ? -11.503 -5.595  16.234  1.00 36.60  ? 208 ILE A O   1 
ATOM   1401 C CB  . ILE A 1 169 ? -13.673 -3.051  15.863  1.00 33.93  ? 208 ILE A CB  1 
ATOM   1402 C CG1 . ILE A 1 169 ? -13.457 -1.558  16.095  1.00 35.74  ? 208 ILE A CG1 1 
ATOM   1403 C CG2 . ILE A 1 169 ? -14.027 -3.780  17.159  1.00 35.45  ? 208 ILE A CG2 1 
ATOM   1404 C CD1 . ILE A 1 169 ? -14.728 -0.775  16.321  1.00 37.30  ? 208 ILE A CD1 1 
ATOM   1405 N N   . LYS A 1 170 ? -13.079 -5.963  14.629  1.00 28.03  ? 209 LYS A N   1 
ATOM   1406 C CA  . LYS A 1 170 ? -13.102 -7.439  14.772  1.00 29.15  ? 209 LYS A CA  1 
ATOM   1407 C C   . LYS A 1 170 ? -11.681 -8.003  14.603  1.00 32.17  ? 209 LYS A C   1 
ATOM   1408 O O   . LYS A 1 170 ? -11.264 -8.810  15.463  1.00 29.65  ? 209 LYS A O   1 
ATOM   1409 C CB  . LYS A 1 170 ? -14.069 -8.083  13.778  1.00 33.40  ? 209 LYS A CB  1 
ATOM   1410 C CG  . LYS A 1 170 ? -14.181 -9.606  13.844  1.00 35.03  ? 209 LYS A CG  1 
ATOM   1411 C CD  . LYS A 1 170 ? -15.281 -10.156 12.963  1.00 36.87  ? 209 LYS A CD  1 
ATOM   1412 C CE  . LYS A 1 170 ? -15.256 -11.665 12.795  1.00 40.39  ? 209 LYS A CE  1 
ATOM   1413 N NZ  . LYS A 1 170 ? -15.355 -12.339 14.107  1.00 37.13  ? 209 LYS A NZ  1 
ATOM   1414 N N   . TYR A 1 171 ? -10.958 -7.618  13.541  1.00 29.36  ? 210 TYR A N   1 
ATOM   1415 C CA  . TYR A 1 171 ? -9.696  -8.311  13.165  1.00 30.20  ? 210 TYR A CA  1 
ATOM   1416 C C   . TYR A 1 171 ? -8.483  -7.587  13.742  1.00 28.11  ? 210 TYR A C   1 
ATOM   1417 O O   . TYR A 1 171 ? -7.397  -8.175  13.626  1.00 28.45  ? 210 TYR A O   1 
ATOM   1418 C CB  . TYR A 1 171 ? -9.583  -8.499  11.653  1.00 28.79  ? 210 TYR A CB  1 
ATOM   1419 C CG  . TYR A 1 171 ? -10.506 -9.558  11.129  1.00 32.28  ? 210 TYR A CG  1 
ATOM   1420 C CD1 . TYR A 1 171 ? -10.514 -10.839 11.645  1.00 35.08  ? 210 TYR A CD1 1 
ATOM   1421 C CD2 . TYR A 1 171 ? -11.406 -9.275  10.115  1.00 33.42  ? 210 TYR A CD2 1 
ATOM   1422 C CE1 . TYR A 1 171 ? -11.392 -11.809 11.179  1.00 36.27  ? 210 TYR A CE1 1 
ATOM   1423 C CE2 . TYR A 1 171 ? -12.264 -10.239 9.618   1.00 35.55  ? 210 TYR A CE2 1 
ATOM   1424 C CZ  . TYR A 1 171 ? -12.272 -11.510 10.155  1.00 34.88  ? 210 TYR A CZ  1 
ATOM   1425 O OH  . TYR A 1 171 ? -13.159 -12.431 9.676   1.00 34.59  ? 210 TYR A OH  1 
ATOM   1426 N N   . ASN A 1 172 ? -8.640  -6.393  14.323  1.00 29.38  ? 211 ASN A N   1 
ATOM   1427 C CA  . ASN A 1 172 ? -7.513  -5.542  14.801  1.00 36.78  ? 211 ASN A CA  1 
ATOM   1428 C C   . ASN A 1 172 ? -7.684  -5.351  16.306  1.00 42.52  ? 211 ASN A C   1 
ATOM   1429 O O   . ASN A 1 172 ? -7.699  -6.381  16.989  1.00 50.88  ? 211 ASN A O   1 
ATOM   1430 C CB  . ASN A 1 172 ? -7.389  -4.177  14.086  1.00 37.24  ? 211 ASN A CB  1 
ATOM   1431 C CG  . ASN A 1 172 ? -6.075  -3.467  14.378  1.00 37.57  ? 211 ASN A CG  1 
ATOM   1432 O OD1 . ASN A 1 172 ? -5.103  -4.107  14.755  1.00 40.77  ? 211 ASN A OD1 1 
ATOM   1433 N ND2 . ASN A 1 172 ? -6.012  -2.158  14.188  1.00 38.90  ? 211 ASN A ND2 1 
ATOM   1434 O OXT . ASN A 1 172 ? -7.796  -4.220  16.811  1.00 45.24  ? 211 ASN A OXT 1 
HETATM 1435 N N1  . O0P B 2 .   ? -8.743  -15.892 6.817   0.40 69.51  ? 301 O0P A N1  1 
HETATM 1436 C C4  . O0P B 2 .   ? -6.081  -12.074 11.023  0.40 44.32  ? 301 O0P A C4  1 
HETATM 1437 C C5  . O0P B 2 .   ? -5.086  -12.448 10.218  0.40 29.65  ? 301 O0P A C5  1 
HETATM 1438 C C6  . O0P B 2 .   ? -5.332  -13.403 9.335   0.40 60.81  ? 301 O0P A C6  1 
HETATM 1439 C C7  . O0P B 2 .   ? -6.522  -14.018 9.202   0.40 64.87  ? 301 O0P A C7  1 
HETATM 1440 N N   . O0P B 2 .   ? -9.381  -15.490 9.127   0.40 66.05  ? 301 O0P A N   1 
HETATM 1441 C C   . O0P B 2 .   ? -9.156  -16.807 9.729   0.40 66.22  ? 301 O0P A C   1 
HETATM 1442 O O   . O0P B 2 .   ? -10.514 -14.314 7.459   0.40 67.67  ? 301 O0P A O   1 
HETATM 1443 C C1  . O0P B 2 .   ? -9.007  -14.243 9.863   0.40 64.12  ? 301 O0P A C1  1 
HETATM 1444 C C2  . O0P B 2 .   ? -7.544  -13.673 10.000  0.40 61.40  ? 301 O0P A C2  1 
HETATM 1445 C C3  . O0P B 2 .   ? -7.301  -12.686 10.934  0.40 64.81  ? 301 O0P A C3  1 
HETATM 1446 F F   . O0P B 2 .   ? -4.375  -13.738 8.558   0.40 84.65  ? 301 O0P A F   1 
HETATM 1447 O O1  . O0P B 2 .   ? -10.724 -16.615 7.621   0.40 69.87  ? 301 O0P A O1  1 
HETATM 1448 S S   . O0P B 2 .   ? -9.998  -15.528 7.715   0.40 69.72  ? 301 O0P A S   1 
HETATM 1449 N N1  . O0P C 2 .   ? 7.473   -9.673  -14.577 0.28 51.02  ? 302 O0P A N1  1 
HETATM 1450 C C4  . O0P C 2 .   ? 12.309  -13.122 -11.948 0.28 49.66  ? 302 O0P A C4  1 
HETATM 1451 C C5  . O0P C 2 .   ? 13.096  -14.171 -12.365 0.28 50.19  ? 302 O0P A C5  1 
HETATM 1452 C C6  . O0P C 2 .   ? 13.087  -14.498 -13.706 0.28 50.15  ? 302 O0P A C6  1 
HETATM 1453 C C7  . O0P C 2 .   ? 12.318  -13.774 -14.631 0.28 50.05  ? 302 O0P A C7  1 
HETATM 1454 N N   . O0P C 2 .   ? 9.857   -10.895 -14.701 0.28 49.42  ? 302 O0P A N   1 
HETATM 1455 C C   . O0P C 2 .   ? 10.328  -9.863  -13.756 0.28 50.56  ? 302 O0P A C   1 
HETATM 1456 O O   . O0P C 2 .   ? 7.726   -12.096 -14.820 0.28 50.08  ? 302 O0P A O   1 
HETATM 1457 C C1  . O0P C 2 .   ? 10.888  -11.835 -15.206 0.28 49.76  ? 302 O0P A C1  1 
HETATM 1458 C C2  . O0P C 2 .   ? 11.552  -12.705 -14.168 0.28 49.61  ? 302 O0P A C2  1 
HETATM 1459 C C3  . O0P C 2 .   ? 11.527  -12.410 -12.809 0.28 48.77  ? 302 O0P A C3  1 
HETATM 1460 F F   . O0P C 2 .   ? 13.837  -15.519 -14.093 0.28 51.91  ? 302 O0P A F   1 
HETATM 1461 O O1  . O0P C 2 .   ? 8.365   -10.562 -16.597 0.28 54.14  ? 302 O0P A O1  1 
HETATM 1462 S S   . O0P C 2 .   ? 8.306   -10.901 -15.233 0.28 49.64  ? 302 O0P A S   1 
HETATM 1463 O O   . HOH D 3 .   ? 8.366   -8.640  -16.068 1.00 41.36  ? 401 HOH A O   1 
HETATM 1464 O O   . HOH D 3 .   ? 3.588   -20.177 -3.725  1.00 39.71  ? 402 HOH A O   1 
HETATM 1465 O O   . HOH D 3 .   ? 9.037   -13.904 -15.382 1.00 42.97  ? 403 HOH A O   1 
HETATM 1466 O O   . HOH D 3 .   ? 5.817   5.750   10.469  1.00 48.46  ? 404 HOH A O   1 
HETATM 1467 O O   . HOH D 3 .   ? 11.139  -18.467 -6.389  1.00 34.34  ? 405 HOH A O   1 
HETATM 1468 O O   . HOH D 3 .   ? -0.280  16.675  -6.045  1.00 62.96  ? 406 HOH A O   1 
HETATM 1469 O O   . HOH D 3 .   ? 24.259  3.737   -13.432 1.00 40.79  ? 407 HOH A O   1 
HETATM 1470 O O   . HOH D 3 .   ? -20.644 -3.753  2.883   1.00 35.18  ? 408 HOH A O   1 
HETATM 1471 O O   . HOH D 3 .   ? -26.718 -0.140  0.261   1.00 46.65  ? 409 HOH A O   1 
HETATM 1472 O O   . HOH D 3 .   ? -8.993  17.233  -11.637 1.00 36.58  ? 410 HOH A O   1 
HETATM 1473 O O   . HOH D 3 .   ? -9.847  -5.483  -8.416  1.00 53.18  ? 411 HOH A O   1 
HETATM 1474 O O   . HOH D 3 .   ? 2.546   6.927   -3.188  1.00 26.95  ? 412 HOH A O   1 
HETATM 1475 O O   . HOH D 3 .   ? 23.609  -4.837  -13.738 1.00 35.84  ? 413 HOH A O   1 
HETATM 1476 O O   . HOH D 3 .   ? -16.297 -9.330  4.187   1.00 37.23  ? 414 HOH A O   1 
HETATM 1477 O O   . HOH D 3 .   ? -1.317  -10.040 -4.905  1.00 40.13  ? 415 HOH A O   1 
HETATM 1478 O O   . HOH D 3 .   ? -12.890 -10.304 -1.681  1.00 64.09  ? 416 HOH A O   1 
HETATM 1479 O O   . HOH D 3 .   ? -8.986  2.456   11.908  1.00 41.62  ? 417 HOH A O   1 
HETATM 1480 O O   . HOH D 3 .   ? 11.625  4.629   5.969   1.00 51.53  ? 418 HOH A O   1 
HETATM 1481 O O   . HOH D 3 .   ? -1.937  -13.775 10.248  1.00 84.32  ? 419 HOH A O   1 
HETATM 1482 O O   . HOH D 3 .   ? -22.056 6.372   6.078   1.00 38.24  ? 420 HOH A O   1 
HETATM 1483 O O   . HOH D 3 .   ? 0.402   -13.602 9.346   1.00 30.40  ? 421 HOH A O   1 
HETATM 1484 O O   . HOH D 3 .   ? -12.499 14.135  -2.300  1.00 44.93  ? 422 HOH A O   1 
HETATM 1485 O O   . HOH D 3 .   ? 10.616  -9.290  -16.577 1.00 37.29  ? 423 HOH A O   1 
HETATM 1486 O O   . HOH D 3 .   ? -2.679  5.773   -11.816 1.00 44.46  ? 424 HOH A O   1 
HETATM 1487 O O   . HOH D 3 .   ? -12.510 16.114  -18.133 1.00 41.77  ? 425 HOH A O   1 
HETATM 1488 O O   . HOH D 3 .   ? -2.779  15.339  -2.626  1.00 57.16  ? 426 HOH A O   1 
HETATM 1489 O O   . HOH D 3 .   ? -8.630  -5.381  19.207  1.00 63.05  ? 427 HOH A O   1 
HETATM 1490 O O   . HOH D 3 .   ? 16.847  -16.304 3.826   1.00 31.75  ? 428 HOH A O   1 
HETATM 1491 O O   . HOH D 3 .   ? 1.060   -1.023  12.205  1.00 40.42  ? 429 HOH A O   1 
HETATM 1492 O O   . HOH D 3 .   ? -21.854 -1.184  1.633   1.00 28.28  ? 430 HOH A O   1 
HETATM 1493 O O   . HOH D 3 .   ? 0.316   9.802   13.792  1.00 43.32  ? 431 HOH A O   1 
HETATM 1494 O O   . HOH D 3 .   ? 7.484   -18.042 -3.373  1.00 35.09  ? 432 HOH A O   1 
HETATM 1495 O O   . HOH D 3 .   ? -15.612 -11.829 8.983   1.00 43.70  ? 433 HOH A O   1 
HETATM 1496 O O   . HOH D 3 .   ? -26.129 4.474   -4.475  1.00 31.74  ? 434 HOH A O   1 
HETATM 1497 O O   . HOH D 3 .   ? -10.203 -4.134  17.986  1.00 49.69  ? 435 HOH A O   1 
HETATM 1498 O O   . HOH D 3 .   ? -7.883  18.352  3.503   1.00 56.67  ? 436 HOH A O   1 
HETATM 1499 O O   . HOH D 3 .   ? 21.188  -8.230  7.539   1.00 39.29  ? 437 HOH A O   1 
HETATM 1500 O O   . HOH D 3 .   ? 18.693  -0.480  -8.507  1.00 34.66  ? 438 HOH A O   1 
HETATM 1501 O O   . HOH D 3 .   ? 4.302   -17.447 4.331   1.00 32.56  ? 439 HOH A O   1 
HETATM 1502 O O   . HOH D 3 .   ? 23.414  -16.356 -5.337  1.00 42.44  ? 440 HOH A O   1 
HETATM 1503 O O   . HOH D 3 .   ? -23.676 7.655   2.752   1.00 37.38  ? 441 HOH A O   1 
HETATM 1504 O O   . HOH D 3 .   ? -18.073 -13.532 0.620   1.00 63.85  ? 442 HOH A O   1 
HETATM 1505 O O   . HOH D 3 .   ? -1.839  -1.525  11.875  1.00 33.80  ? 443 HOH A O   1 
HETATM 1506 O O   . HOH D 3 .   ? -19.821 -1.250  0.312   1.00 33.49  ? 444 HOH A O   1 
HETATM 1507 O O   . HOH D 3 .   ? 9.782   -1.413  -12.476 0.50 42.22  ? 445 HOH A O   1 
HETATM 1508 O O   . HOH D 3 .   ? 16.884  -17.380 -4.028  1.00 40.57  ? 446 HOH A O   1 
HETATM 1509 O O   . HOH D 3 .   ? -16.672 -5.463  15.369  1.00 31.76  ? 447 HOH A O   1 
HETATM 1510 O O   . HOH D 3 .   ? -23.921 1.081   4.816   1.00 33.79  ? 448 HOH A O   1 
HETATM 1511 O O   . HOH D 3 .   ? -9.199  12.132  9.283   1.00 40.22  ? 449 HOH A O   1 
HETATM 1512 O O   . HOH D 3 .   ? 2.639   -16.224 7.454   1.00 24.98  ? 450 HOH A O   1 
HETATM 1513 O O   . HOH D 3 .   ? 12.831  -7.295  10.056  1.00 29.96  ? 451 HOH A O   1 
HETATM 1514 O O   . HOH D 3 .   ? -20.048 -0.497  12.825  1.00 29.22  ? 452 HOH A O   1 
HETATM 1515 O O   . HOH D 3 .   ? -10.582 6.998   -7.447  1.00 25.31  ? 453 HOH A O   1 
HETATM 1516 O O   . HOH D 3 .   ? 0.900   0.977   8.240   1.00 26.42  ? 454 HOH A O   1 
HETATM 1517 O O   . HOH D 3 .   ? 3.643   -6.822  11.009  1.00 48.42  ? 455 HOH A O   1 
HETATM 1518 O O   . HOH D 3 .   ? -22.528 7.833   -9.552  1.00 41.38  ? 456 HOH A O   1 
HETATM 1519 O O   . HOH D 3 .   ? 15.510  1.027   -13.679 1.00 29.47  ? 457 HOH A O   1 
HETATM 1520 O O   . HOH D 3 .   ? 5.727   -21.985 -9.432  1.00 65.39  ? 458 HOH A O   1 
HETATM 1521 O O   . HOH D 3 .   ? 7.094   -15.574 -2.548  1.00 32.46  ? 459 HOH A O   1 
HETATM 1522 O O   . HOH D 3 .   ? 9.225   3.999   9.091   1.00 39.46  ? 460 HOH A O   1 
HETATM 1523 O O   . HOH D 3 .   ? -8.042  -0.736  13.119  1.00 44.03  ? 461 HOH A O   1 
HETATM 1524 O O   . HOH D 3 .   ? 22.050  0.553   -7.697  1.00 42.72  ? 462 HOH A O   1 
HETATM 1525 O O   . HOH D 3 .   ? -18.337 -6.081  9.500   1.00 27.16  ? 463 HOH A O   1 
HETATM 1526 O O   . HOH D 3 .   ? 7.049   -0.228  7.844   1.00 28.44  ? 464 HOH A O   1 
HETATM 1527 O O   . HOH D 3 .   ? -1.541  9.722   -6.900  1.00 43.38  ? 465 HOH A O   1 
HETATM 1528 O O   . HOH D 3 .   ? -22.612 -1.968  4.466   1.00 40.86  ? 466 HOH A O   1 
HETATM 1529 O O   . HOH D 3 .   ? -16.816 0.332   2.324   1.00 23.24  ? 467 HOH A O   1 
HETATM 1530 O O   . HOH D 3 .   ? -29.089 9.209   -0.840  1.00 36.58  ? 468 HOH A O   1 
HETATM 1531 O O   . HOH D 3 .   ? -4.626  4.436   7.193   1.00 30.60  ? 469 HOH A O   1 
HETATM 1532 O O   . HOH D 3 .   ? -17.184 -0.530  -4.554  1.00 41.97  ? 470 HOH A O   1 
HETATM 1533 O O   . HOH D 3 .   ? -14.164 -3.887  -3.842  1.00 53.08  ? 471 HOH A O   1 
HETATM 1534 O O   . HOH D 3 .   ? 12.170  -10.140 6.072   1.00 25.41  ? 472 HOH A O   1 
HETATM 1535 O O   . HOH D 3 .   ? 11.714  -3.967  10.858  1.00 34.06  ? 473 HOH A O   1 
HETATM 1536 O O   . HOH D 3 .   ? 15.695  2.203   9.410   1.00 52.76  ? 474 HOH A O   1 
HETATM 1537 O O   . HOH D 3 .   ? -19.199 8.385   8.583   1.00 48.30  ? 475 HOH A O   1 
HETATM 1538 O O   . HOH D 3 .   ? -25.051 9.193   -6.223  1.00 33.75  ? 476 HOH A O   1 
HETATM 1539 O O   . HOH D 3 .   ? 9.506   0.791   -10.860 1.00 53.91  ? 477 HOH A O   1 
HETATM 1540 O O   . HOH D 3 .   ? -24.018 -3.004  9.578   1.00 39.69  ? 478 HOH A O   1 
HETATM 1541 O O   . HOH D 3 .   ? 20.935  -7.171  -16.170 1.00 39.73  ? 479 HOH A O   1 
HETATM 1542 O O   . HOH D 3 .   ? -5.154  17.268  -5.221  1.00 48.80  ? 480 HOH A O   1 
HETATM 1543 O O   . HOH D 3 .   ? 19.189  2.711   5.633   1.00 50.22  ? 481 HOH A O   1 
HETATM 1544 O O   . HOH D 3 .   ? -0.639  -8.499  4.087   1.00 21.49  ? 482 HOH A O   1 
HETATM 1545 O O   . HOH D 3 .   ? 4.102   -17.088 -5.113  1.00 62.10  ? 483 HOH A O   1 
HETATM 1546 O O   . HOH D 3 .   ? -15.514 0.910   -5.265  1.00 39.20  ? 484 HOH A O   1 
HETATM 1547 O O   . HOH D 3 .   ? -6.624  1.067   8.880   1.00 45.41  ? 485 HOH A O   1 
HETATM 1548 O O   . HOH D 3 .   ? -3.760  -0.608  13.680  1.00 44.90  ? 486 HOH A O   1 
HETATM 1549 O O   . HOH D 3 .   ? -17.115 12.238  -3.901  1.00 39.17  ? 487 HOH A O   1 
HETATM 1550 O O   . HOH D 3 .   ? 5.104   -15.264 -4.053  1.00 155.14 ? 488 HOH A O   1 
HETATM 1551 O O   . HOH D 3 .   ? -19.111 3.603   11.040  1.00 33.85  ? 489 HOH A O   1 
HETATM 1552 O O   . HOH D 3 .   ? -11.125 5.600   -14.585 1.00 37.57  ? 490 HOH A O   1 
HETATM 1553 O O   . HOH D 3 .   ? -0.504  8.280   -4.794  1.00 39.29  ? 491 HOH A O   1 
HETATM 1554 O O   . HOH D 3 .   ? -0.346  -15.374 5.070   0.50 23.01  ? 492 HOH A O   1 
HETATM 1555 O O   . HOH D 3 .   ? -18.238 11.029  6.519   1.00 41.74  ? 493 HOH A O   1 
HETATM 1556 O O   . HOH D 3 .   ? -19.552 -0.258  -5.535  1.00 53.67  ? 494 HOH A O   1 
HETATM 1557 O O   . HOH D 3 .   ? -7.840  7.207   -7.847  1.00 30.39  ? 495 HOH A O   1 
HETATM 1558 O O   . HOH D 3 .   ? 9.771   -13.239 2.561   1.00 25.75  ? 496 HOH A O   1 
HETATM 1559 O O   . HOH D 3 .   ? -5.075  15.066  0.545   1.00 47.93  ? 497 HOH A O   1 
HETATM 1560 O O   . HOH D 3 .   ? 19.960  -7.895  -14.068 1.00 41.80  ? 498 HOH A O   1 
HETATM 1561 O O   . HOH D 3 .   ? -8.518  -4.354  0.145   1.00 25.55  ? 499 HOH A O   1 
HETATM 1562 O O   . HOH D 3 .   ? -20.304 -0.485  -2.457  1.00 34.45  ? 500 HOH A O   1 
HETATM 1563 O O   . HOH D 3 .   ? -18.312 -3.655  -2.149  1.00 47.61  ? 501 HOH A O   1 
HETATM 1564 O O   . HOH D 3 .   ? -3.837  10.747  -6.442  1.00 35.08  ? 502 HOH A O   1 
HETATM 1565 O O   . HOH D 3 .   ? -0.523  -0.542  -8.056  1.00 41.80  ? 503 HOH A O   1 
HETATM 1566 O O   . HOH D 3 .   ? -26.602 8.233   1.114   1.00 36.21  ? 504 HOH A O   1 
HETATM 1567 O O   . HOH D 3 .   ? -2.520  -13.350 -3.151  1.00 44.86  ? 505 HOH A O   1 
HETATM 1568 O O   . HOH D 3 .   ? -0.073  -12.623 -3.976  1.00 31.58  ? 506 HOH A O   1 
HETATM 1569 O O   . HOH D 3 .   ? 14.453  -18.204 -2.971  1.00 34.29  ? 507 HOH A O   1 
HETATM 1570 O O   . HOH D 3 .   ? -11.077 12.959  -15.026 1.00 47.60  ? 508 HOH A O   1 
HETATM 1571 O O   . HOH D 3 .   ? -13.009 0.810   13.482  1.00 32.59  ? 509 HOH A O   1 
HETATM 1572 O O   . HOH D 3 .   ? -11.785 -13.920 2.113   1.00 42.06  ? 510 HOH A O   1 
HETATM 1573 O O   . HOH D 3 .   ? 11.585  -7.321  6.438   1.00 28.18  ? 511 HOH A O   1 
HETATM 1574 O O   . HOH D 3 .   ? 13.252  -18.738 6.314   1.00 48.89  ? 512 HOH A O   1 
HETATM 1575 O O   . HOH D 3 .   ? -1.057  7.379   -9.154  1.00 31.65  ? 513 HOH A O   1 
HETATM 1576 O O   . HOH D 3 .   ? 0.985   -1.448  5.414   1.00 25.80  ? 514 HOH A O   1 
HETATM 1577 O O   . HOH D 3 .   ? -22.893 -1.316  -5.483  1.00 56.05  ? 515 HOH A O   1 
HETATM 1578 O O   . HOH D 3 .   ? -2.558  -6.871  9.420   1.00 39.72  ? 516 HOH A O   1 
HETATM 1579 O O   . HOH D 3 .   ? -11.525 -2.376  -1.887  1.00 26.61  ? 517 HOH A O   1 
HETATM 1580 O O   . HOH D 3 .   ? 19.469  -5.769  9.295   1.00 39.01  ? 518 HOH A O   1 
HETATM 1581 O O   . HOH D 3 .   ? 3.964   -17.280 -2.243  1.00 38.46  ? 519 HOH A O   1 
HETATM 1582 O O   . HOH D 3 .   ? 23.667  -6.000  -4.574  1.00 26.61  ? 520 HOH A O   1 
HETATM 1583 O O   . HOH D 3 .   ? 17.240  -4.382  8.929   1.00 50.52  ? 521 HOH A O   1 
HETATM 1584 O O   . HOH D 3 .   ? -6.171  -13.594 -3.643  1.00 46.60  ? 522 HOH A O   1 
HETATM 1585 O O   . HOH D 3 .   ? -18.972 9.463   0.761   1.00 30.28  ? 523 HOH A O   1 
HETATM 1586 O O   . HOH D 3 .   ? -28.707 4.757   -4.851  1.00 27.86  ? 524 HOH A O   1 
HETATM 1587 O O   . HOH D 3 .   ? -14.275 6.775   11.183  1.00 35.09  ? 525 HOH A O   1 
HETATM 1588 O O   . HOH D 3 .   ? 7.065   -4.881  11.149  1.00 43.04  ? 526 HOH A O   1 
HETATM 1589 O O   . HOH D 3 .   ? 1.186   9.565   -2.944  1.00 32.49  ? 527 HOH A O   1 
HETATM 1590 O O   . HOH D 3 .   ? -7.690  14.794  0.532   1.00 45.33  ? 528 HOH A O   1 
HETATM 1591 O O   . HOH D 3 .   ? 23.798  -6.061  -9.862  1.00 60.75  ? 529 HOH A O   1 
HETATM 1592 O O   . HOH D 3 .   ? 10.522  6.468   3.647   1.00 35.79  ? 530 HOH A O   1 
HETATM 1593 O O   . HOH D 3 .   ? 9.463   -6.640  7.901   1.00 26.54  ? 531 HOH A O   1 
HETATM 1594 O O   . HOH D 3 .   ? -13.796 11.001  3.518   1.00 35.24  ? 532 HOH A O   1 
HETATM 1595 O O   . HOH D 3 .   ? 2.485   6.576   -6.916  1.00 38.27  ? 533 HOH A O   1 
HETATM 1596 O O   . HOH D 3 .   ? -6.756  3.503   8.558   1.00 42.62  ? 534 HOH A O   1 
HETATM 1597 O O   . HOH D 3 .   ? 3.374   -0.822  -11.965 1.00 36.68  ? 535 HOH A O   1 
HETATM 1598 O O   . HOH D 3 .   ? -1.449  5.510   13.334  1.00 32.05  ? 536 HOH A O   1 
HETATM 1599 O O   . HOH D 3 .   ? 9.689   15.280  9.199   1.00 55.17  ? 537 HOH A O   1 
HETATM 1600 O O   . HOH D 3 .   ? 2.784   -20.222 -9.225  1.00 43.71  ? 538 HOH A O   1 
HETATM 1601 O O   . HOH D 3 .   ? -6.713  15.188  10.785  1.00 33.95  ? 539 HOH A O   1 
HETATM 1602 O O   . HOH D 3 .   ? -8.854  15.431  2.961   1.00 47.86  ? 540 HOH A O   1 
HETATM 1603 O O   . HOH D 3 .   ? 17.842  2.463   0.755   1.00 47.34  ? 541 HOH A O   1 
HETATM 1604 O O   . HOH D 3 .   ? 24.598  -5.129  -7.801  1.00 38.74  ? 542 HOH A O   1 
HETATM 1605 O O   . HOH D 3 .   ? 15.824  2.559   5.369   1.00 45.44  ? 543 HOH A O   1 
HETATM 1606 O O   . HOH D 3 .   ? -25.143 5.543   3.028   1.00 35.74  ? 544 HOH A O   1 
HETATM 1607 O O   . HOH D 3 .   ? -10.103 9.399   13.220  1.00 60.98  ? 545 HOH A O   1 
HETATM 1608 O O   . HOH D 3 .   ? -2.388  -3.669  13.288  1.00 44.90  ? 546 HOH A O   1 
HETATM 1609 O O   . HOH D 3 .   ? -12.216 -2.035  -4.387  1.00 33.68  ? 547 HOH A O   1 
HETATM 1610 O O   . HOH D 3 .   ? 12.928  -9.499  -11.957 0.50 61.75  ? 548 HOH A O   1 
HETATM 1611 O O   . HOH D 3 .   ? -6.898  3.873   11.398  1.00 51.22  ? 549 HOH A O   1 
HETATM 1612 O O   . HOH D 3 .   ? -20.945 4.427   9.237   1.00 50.34  ? 550 HOH A O   1 
HETATM 1613 O O   . HOH D 3 .   ? 9.173   10.220  -2.886  1.00 58.12  ? 551 HOH A O   1 
HETATM 1614 O O   . HOH D 3 .   ? 8.386   -1.928  9.233   1.00 36.39  ? 552 HOH A O   1 
HETATM 1615 O O   . HOH D 3 .   ? -1.618  18.396  15.402  1.00 54.68  ? 553 HOH A O   1 
HETATM 1616 O O   . HOH D 3 .   ? 9.306   -4.593  9.486   1.00 32.56  ? 554 HOH A O   1 
HETATM 1617 O O   . HOH D 3 .   ? -20.630 14.741  -3.060  1.00 39.51  ? 555 HOH A O   1 
HETATM 1618 O O   . HOH D 3 .   ? 3.208   -14.764 -6.111  1.00 57.08  ? 556 HOH A O   1 
HETATM 1619 O O   . HOH D 3 .   ? 17.384  3.321   3.361   1.00 41.86  ? 557 HOH A O   1 
HETATM 1620 O O   . HOH D 3 .   ? 9.131   -15.585 4.115   1.00 34.04  ? 558 HOH A O   1 
HETATM 1621 O O   . HOH D 3 .   ? -10.750 6.805   13.371  1.00 55.47  ? 559 HOH A O   1 
HETATM 1622 O O   . HOH D 3 .   ? -21.051 14.389  -5.861  1.00 43.91  ? 560 HOH A O   1 
HETATM 1623 O O   . HOH D 3 .   ? -5.667  3.647   -13.973 1.00 68.70  ? 561 HOH A O   1 
HETATM 1624 O O   . HOH D 3 .   ? 8.337   10.817  -0.596  1.00 54.21  ? 562 HOH A O   1 
HETATM 1625 O O   . HOH D 3 .   ? 24.843  -5.351  -18.018 1.00 48.43  ? 563 HOH A O   1 
HETATM 1626 O O   . HOH D 3 .   ? 5.507   -19.385 -2.310  1.00 45.44  ? 564 HOH A O   1 
HETATM 1627 O O   . HOH D 3 .   ? 11.685  -20.619 -15.554 1.00 58.06  ? 565 HOH A O   1 
HETATM 1628 O O   . HOH D 3 .   ? 2.691   14.256  14.417  1.00 63.76  ? 566 HOH A O   1 
HETATM 1629 O O   . HOH D 3 .   ? -10.149 4.430   13.232  1.00 47.31  ? 567 HOH A O   1 
HETATM 1630 O O   . HOH D 3 .   ? -21.719 -3.443  10.914  1.00 33.08  ? 568 HOH A O   1 
HETATM 1631 O O   . HOH D 3 .   ? -18.001 -0.937  14.856  1.00 28.74  ? 569 HOH A O   1 
HETATM 1632 O O   . HOH D 3 .   ? -20.426 -4.412  0.388   1.00 47.34  ? 570 HOH A O   1 
HETATM 1633 O O   . HOH D 3 .   ? 9.987   10.859  3.638   1.00 70.72  ? 571 HOH A O   1 
HETATM 1634 O O   . HOH D 3 .   ? 28.044  -14.332 -5.240  1.00 41.54  ? 572 HOH A O   1 
HETATM 1635 O O   . HOH D 3 .   ? -10.925 17.127  -13.306 1.00 45.51  ? 573 HOH A O   1 
HETATM 1636 O O   . HOH D 3 .   ? -17.234 -7.594  11.429  1.00 31.05  ? 574 HOH A O   1 
HETATM 1637 O O   . HOH D 3 .   ? 14.033  4.173   6.326   1.00 60.03  ? 575 HOH A O   1 
HETATM 1638 O O   . HOH D 3 .   ? -16.660 15.686  -1.293  1.00 53.55  ? 576 HOH A O   1 
HETATM 1639 O O   . HOH D 3 .   ? -29.367 3.168   -6.601  1.00 42.05  ? 577 HOH A O   1 
HETATM 1640 O O   . HOH D 3 .   ? -18.054 -7.427  13.986  1.00 33.88  ? 578 HOH A O   1 
HETATM 1641 O O   . HOH D 3 .   ? 18.395  9.338   -14.247 1.00 49.25  ? 579 HOH A O   1 
HETATM 1642 O O   . HOH D 3 .   ? -18.699 -8.015  7.704   1.00 46.83  ? 580 HOH A O   1 
HETATM 1643 O O   . HOH D 3 .   ? -7.391  19.507  -5.132  1.00 48.04  ? 581 HOH A O   1 
HETATM 1644 O O   . HOH D 3 .   ? 3.724   -16.224 -7.917  1.00 56.26  ? 582 HOH A O   1 
HETATM 1645 O O   . HOH D 3 .   ? -12.047 -9.124  -4.964  1.00 51.62  ? 583 HOH A O   1 
HETATM 1646 O O   . HOH D 3 .   ? -20.988 -4.635  -2.497  1.00 52.97  ? 584 HOH A O   1 
HETATM 1647 O O   . HOH D 3 .   ? 13.149  -14.687 10.893  1.00 61.01  ? 585 HOH A O   1 
HETATM 1648 O O   . HOH D 3 .   ? -21.786 -2.391  13.335  1.00 31.00  ? 586 HOH A O   1 
HETATM 1649 O O   . HOH D 3 .   ? 16.476  2.799   -3.399  1.00 53.78  ? 587 HOH A O   1 
HETATM 1650 O O   . HOH D 3 .   ? 12.375  -10.037 8.828   1.00 31.55  ? 588 HOH A O   1 
HETATM 1651 O O   . HOH D 3 .   ? -15.959 -6.752  17.587  1.00 36.99  ? 589 HOH A O   1 
HETATM 1652 O O   . HOH D 3 .   ? -4.011  22.029  5.575   1.00 68.16  ? 590 HOH A O   1 
HETATM 1653 O O   . HOH D 3 .   ? 27.881  -17.665 1.249   1.00 45.27  ? 591 HOH A O   1 
HETATM 1654 O O   . HOH D 3 .   ? 2.556   -1.399  17.058  1.00 57.25  ? 592 HOH A O   1 
HETATM 1655 O O   . HOH D 3 .   ? -11.199 16.134  3.021   1.00 37.59  ? 593 HOH A O   1 
HETATM 1656 O O   . HOH D 3 .   ? -20.393 2.215   13.094  1.00 42.82  ? 594 HOH A O   1 
HETATM 1657 O O   . HOH D 3 .   ? 17.705  -16.918 1.237   1.00 52.89  ? 595 HOH A O   1 
HETATM 1658 O O   . HOH D 3 .   ? 1.660   -3.628  13.350  1.00 48.11  ? 596 HOH A O   1 
HETATM 1659 O O   . HOH D 3 .   ? -18.248 -3.290  16.144  1.00 30.70  ? 597 HOH A O   1 
HETATM 1660 O O   . HOH D 3 .   ? -7.686  13.269  12.797  1.00 66.00  ? 598 HOH A O   1 
HETATM 1661 O O   . HOH D 3 .   ? -22.541 2.971   -9.592  1.00 48.22  ? 599 HOH A O   1 
HETATM 1662 O O   . HOH D 3 .   ? -18.445 13.450  -2.007  1.00 46.43  ? 600 HOH A O   1 
HETATM 1663 O O   . HOH D 3 .   ? -20.692 -5.994  10.838  1.00 32.25  ? 601 HOH A O   1 
HETATM 1664 O O   . HOH D 3 .   ? 12.183  -5.190  13.151  1.00 54.42  ? 602 HOH A O   1 
HETATM 1665 O O   . HOH D 3 .   ? -23.620 5.175   -10.366 1.00 47.06  ? 603 HOH A O   1 
HETATM 1666 O O   . HOH D 3 .   ? 10.932  -7.327  11.754  1.00 51.65  ? 604 HOH A O   1 
HETATM 1667 O O   . HOH D 3 .   ? -26.088 6.894   -6.398  1.00 34.38  ? 605 HOH A O   1 
HETATM 1668 O O   . HOH D 3 .   ? -18.034 -10.180 10.587  1.00 41.20  ? 606 HOH A O   1 
HETATM 1669 O O   . HOH D 3 .   ? -5.656  21.367  -6.266  1.00 38.36  ? 607 HOH A O   1 
HETATM 1670 O O   . HOH D 3 .   ? -1.932  19.516  -11.178 1.00 51.81  ? 608 HOH A O   1 
HETATM 1671 O O   . HOH D 3 .   ? -20.545 -6.431  13.606  1.00 35.25  ? 609 HOH A O   1 
HETATM 1672 O O   . HOH D 3 .   ? -10.847 15.792  11.091  1.00 64.58  ? 610 HOH A O   1 
HETATM 1673 O O   . HOH D 3 .   ? -6.392  20.823  -12.604 1.00 35.31  ? 611 HOH A O   1 
HETATM 1674 O O   . HOH D 3 .   ? -18.422 -3.068  18.737  1.00 44.65  ? 612 HOH A O   1 
HETATM 1675 O O   . HOH D 3 .   ? -22.456 -8.360  13.519  1.00 62.96  ? 613 HOH A O   1 
# 
